data_9JE4
# 
_entry.id   9JE4 
# 
_audit_conform.dict_name       mmcif_pdbx.dic 
_audit_conform.dict_version    5.404 
_audit_conform.dict_location   http://mmcif.pdb.org/dictionaries/ascii/mmcif_pdbx.dic 
# 
loop_
_database_2.database_id 
_database_2.database_code 
_database_2.pdbx_database_accession 
_database_2.pdbx_DOI 
PDB   9JE4         pdb_00009je4 10.2210/pdb9je4/pdb 
WWPDB D_1300051102 ?            ?                   
EMDB  EMD-61406    ?            ?                   
# 
loop_
_pdbx_audit_revision_history.ordinal 
_pdbx_audit_revision_history.data_content_type 
_pdbx_audit_revision_history.major_revision 
_pdbx_audit_revision_history.minor_revision 
_pdbx_audit_revision_history.revision_date 
_pdbx_audit_revision_history.part_number 
1 'Structure model' 1 0 2025-09-24 ? 
2 'EM metadata'     1 0 2025-09-24 ? 
3 FSC               1 0 2025-09-24 ? 
4 'Half map'        1 0 2025-09-24 1 
5 'Half map'        1 0 2025-09-24 2 
6 Image             1 0 2025-09-24 ? 
7 'Primary map'     1 0 2025-09-24 ? 
# 
loop_
_pdbx_audit_revision_details.ordinal 
_pdbx_audit_revision_details.revision_ordinal 
_pdbx_audit_revision_details.data_content_type 
_pdbx_audit_revision_details.provider 
_pdbx_audit_revision_details.type 
_pdbx_audit_revision_details.description 
_pdbx_audit_revision_details.details 
1 1 'Structure model' repository 'Initial release' ? ? 
2 2 'EM metadata'     repository 'Initial release' ? ? 
3 3 FSC               repository 'Initial release' ? ? 
4 4 'Half map'        repository 'Initial release' ? ? 
5 5 'Half map'        repository 'Initial release' ? ? 
6 6 Image             repository 'Initial release' ? ? 
7 7 'Primary map'     repository 'Initial release' ? ? 
# 
_pdbx_database_status.status_code                     REL 
_pdbx_database_status.status_code_sf                  ? 
_pdbx_database_status.status_code_mr                  ? 
_pdbx_database_status.entry_id                        9JE4 
_pdbx_database_status.recvd_initial_deposition_date   2024-09-02 
_pdbx_database_status.SG_entry                        N 
_pdbx_database_status.deposit_site                    PDBJ 
_pdbx_database_status.process_site                    PDBC 
_pdbx_database_status.status_code_cs                  ? 
_pdbx_database_status.status_code_nmr_data            ? 
_pdbx_database_status.methods_development_category    ? 
_pdbx_database_status.pdb_format_compatible           Y 
# 
_pdbx_database_related.db_name        EMDB 
_pdbx_database_related.details        'The cryo-EM structure of Ac-E57A_G51DA53T a-syn fibril.' 
_pdbx_database_related.db_id          EMD-61406 
_pdbx_database_related.content_type   'associated EM volume' 
# 
_pdbx_contact_author.id                 2 
_pdbx_contact_author.email              121080910079@sjtu.edu.cn 
_pdbx_contact_author.name_first         Dan 
_pdbx_contact_author.name_last          Li 
_pdbx_contact_author.name_mi            ? 
_pdbx_contact_author.role               'principal investigator/group leader' 
_pdbx_contact_author.identifier_ORCID   0000-0003-3425-6672 
# 
loop_
_audit_author.name 
_audit_author.pdbx_ordinal 
_audit_author.identifier_ORCID 
'Zhao, Q.Y.' 1 ? 
'Tao, Y.Q.'  2 ? 
'Li, D.'     3 ? 
'Liu, C.'    4 ? 
# 
_citation.abstract                  ? 
_citation.abstract_id_CAS           ? 
_citation.book_id_ISBN              ? 
_citation.book_publisher            ? 
_citation.book_publisher_city       ? 
_citation.book_title                ? 
_citation.coordinate_linkage        ? 
_citation.country                   ? 
_citation.database_id_Medline       ? 
_citation.details                   ? 
_citation.id                        primary 
_citation.journal_abbrev            'To Be Published' 
_citation.journal_id_ASTM           ? 
_citation.journal_id_CSD            0353 
_citation.journal_id_ISSN           ? 
_citation.journal_full              ? 
_citation.journal_issue             ? 
_citation.journal_volume            ? 
_citation.language                  ? 
_citation.page_first                ? 
_citation.page_last                 ? 
_citation.title                     'The cryo-EM structure of Ac-E57A_G51DA53T a-syn fibril.' 
_citation.year                      ? 
_citation.database_id_CSD           ? 
_citation.pdbx_database_id_DOI      ? 
_citation.pdbx_database_id_PubMed   ? 
_citation.pdbx_database_id_patent   ? 
_citation.unpublished_flag          ? 
# 
loop_
_citation_author.citation_id 
_citation_author.name 
_citation_author.ordinal 
_citation_author.identifier_ORCID 
primary 'Zhao, Q.Y.' 1 ? 
primary 'Tao, Y.Q.'  2 ? 
# 
loop_
_entity.id 
_entity.type 
_entity.src_method 
_entity.pdbx_description 
_entity.formula_weight 
_entity.pdbx_number_of_molecules 
_entity.pdbx_ec 
_entity.pdbx_mutation 
_entity.pdbx_fragment 
_entity.details 
1 polymer man Alpha-synuclein           14506.136 3 ? E57A,G51D,A53T ? ? 
2 polymer man 'Ac-G51DA53T a-synuclein' 1124.378  3 ? ?              ? ? 
# 
_entity_name_com.entity_id   1 
_entity_name_com.name        'Ac a-synuclein,Non-A beta component of AD amyloid,Non-A4 component of amyloid precursor,NACP' 
# 
loop_
_entity_poly.entity_id 
_entity_poly.type 
_entity_poly.nstd_linkage 
_entity_poly.nstd_monomer 
_entity_poly.pdbx_seq_one_letter_code 
_entity_poly.pdbx_seq_one_letter_code_can 
_entity_poly.pdbx_strand_id 
_entity_poly.pdbx_target_identifier 
1 'polypeptide(L)' no no 
;MDVFMKGLSKAKEGVVAAAEKTKQGVAEAAGKTKEGVLYVGSKTKEGVVHDVTTVAAKTKEQVTNVGGAVVTGVTAVAQK
TVEGAGSIAAATGFVKKDQLGKNEEGAPQEGILEDMPVDPDNEAYEMPSEEGYQDYEPEA
;
;MDVFMKGLSKAKEGVVAAAEKTKQGVAEAAGKTKEGVLYVGSKTKEGVVHDVTTVAAKTKEQVTNVGGAVVTGVTAVAQK
TVEGAGSIAAATGFVKKDQLGKNEEGAPQEGILEDMPVDPDNEAYEMPSEEGYQDYEPEA
;
A,B,C ? 
2 'polypeptide(L)' no no '(UNK)(UNK)(UNK)(UNK)(UNK)(UNK)(UNK)(UNK)(UNK)(UNK)(UNK)(UNK)(UNK)' XXXXXXXXXXXXX F,G,H ? 
# 
loop_
_entity_poly_seq.entity_id 
_entity_poly_seq.num 
_entity_poly_seq.mon_id 
_entity_poly_seq.hetero 
1 1   MET n 
1 2   ASP n 
1 3   VAL n 
1 4   PHE n 
1 5   MET n 
1 6   LYS n 
1 7   GLY n 
1 8   LEU n 
1 9   SER n 
1 10  LYS n 
1 11  ALA n 
1 12  LYS n 
1 13  GLU n 
1 14  GLY n 
1 15  VAL n 
1 16  VAL n 
1 17  ALA n 
1 18  ALA n 
1 19  ALA n 
1 20  GLU n 
1 21  LYS n 
1 22  THR n 
1 23  LYS n 
1 24  GLN n 
1 25  GLY n 
1 26  VAL n 
1 27  ALA n 
1 28  GLU n 
1 29  ALA n 
1 30  ALA n 
1 31  GLY n 
1 32  LYS n 
1 33  THR n 
1 34  LYS n 
1 35  GLU n 
1 36  GLY n 
1 37  VAL n 
1 38  LEU n 
1 39  TYR n 
1 40  VAL n 
1 41  GLY n 
1 42  SER n 
1 43  LYS n 
1 44  THR n 
1 45  LYS n 
1 46  GLU n 
1 47  GLY n 
1 48  VAL n 
1 49  VAL n 
1 50  HIS n 
1 51  ASP n 
1 52  VAL n 
1 53  THR n 
1 54  THR n 
1 55  VAL n 
1 56  ALA n 
1 57  ALA n 
1 58  LYS n 
1 59  THR n 
1 60  LYS n 
1 61  GLU n 
1 62  GLN n 
1 63  VAL n 
1 64  THR n 
1 65  ASN n 
1 66  VAL n 
1 67  GLY n 
1 68  GLY n 
1 69  ALA n 
1 70  VAL n 
1 71  VAL n 
1 72  THR n 
1 73  GLY n 
1 74  VAL n 
1 75  THR n 
1 76  ALA n 
1 77  VAL n 
1 78  ALA n 
1 79  GLN n 
1 80  LYS n 
1 81  THR n 
1 82  VAL n 
1 83  GLU n 
1 84  GLY n 
1 85  ALA n 
1 86  GLY n 
1 87  SER n 
1 88  ILE n 
1 89  ALA n 
1 90  ALA n 
1 91  ALA n 
1 92  THR n 
1 93  GLY n 
1 94  PHE n 
1 95  VAL n 
1 96  LYS n 
1 97  LYS n 
1 98  ASP n 
1 99  GLN n 
1 100 LEU n 
1 101 GLY n 
1 102 LYS n 
1 103 ASN n 
1 104 GLU n 
1 105 GLU n 
1 106 GLY n 
1 107 ALA n 
1 108 PRO n 
1 109 GLN n 
1 110 GLU n 
1 111 GLY n 
1 112 ILE n 
1 113 LEU n 
1 114 GLU n 
1 115 ASP n 
1 116 MET n 
1 117 PRO n 
1 118 VAL n 
1 119 ASP n 
1 120 PRO n 
1 121 ASP n 
1 122 ASN n 
1 123 GLU n 
1 124 ALA n 
1 125 TYR n 
1 126 GLU n 
1 127 MET n 
1 128 PRO n 
1 129 SER n 
1 130 GLU n 
1 131 GLU n 
1 132 GLY n 
1 133 TYR n 
1 134 GLN n 
1 135 ASP n 
1 136 TYR n 
1 137 GLU n 
1 138 PRO n 
1 139 GLU n 
1 140 ALA n 
2 1   UNK n 
2 2   UNK n 
2 3   UNK n 
2 4   UNK n 
2 5   UNK n 
2 6   UNK n 
2 7   UNK n 
2 8   UNK n 
2 9   UNK n 
2 10  UNK n 
2 11  UNK n 
2 12  UNK n 
2 13  UNK n 
# 
loop_
_entity_src_gen.entity_id 
_entity_src_gen.pdbx_src_id 
_entity_src_gen.pdbx_alt_source_flag 
_entity_src_gen.pdbx_seq_type 
_entity_src_gen.pdbx_beg_seq_num 
_entity_src_gen.pdbx_end_seq_num 
_entity_src_gen.gene_src_common_name 
_entity_src_gen.gene_src_genus 
_entity_src_gen.pdbx_gene_src_gene 
_entity_src_gen.gene_src_species 
_entity_src_gen.gene_src_strain 
_entity_src_gen.gene_src_tissue 
_entity_src_gen.gene_src_tissue_fraction 
_entity_src_gen.gene_src_details 
_entity_src_gen.pdbx_gene_src_fragment 
_entity_src_gen.pdbx_gene_src_scientific_name 
_entity_src_gen.pdbx_gene_src_ncbi_taxonomy_id 
_entity_src_gen.pdbx_gene_src_variant 
_entity_src_gen.pdbx_gene_src_cell_line 
_entity_src_gen.pdbx_gene_src_atcc 
_entity_src_gen.pdbx_gene_src_organ 
_entity_src_gen.pdbx_gene_src_organelle 
_entity_src_gen.pdbx_gene_src_cell 
_entity_src_gen.pdbx_gene_src_cellular_location 
_entity_src_gen.host_org_common_name 
_entity_src_gen.pdbx_host_org_scientific_name 
_entity_src_gen.pdbx_host_org_ncbi_taxonomy_id 
_entity_src_gen.host_org_genus 
_entity_src_gen.pdbx_host_org_gene 
_entity_src_gen.pdbx_host_org_organ 
_entity_src_gen.host_org_species 
_entity_src_gen.pdbx_host_org_tissue 
_entity_src_gen.pdbx_host_org_tissue_fraction 
_entity_src_gen.pdbx_host_org_strain 
_entity_src_gen.pdbx_host_org_variant 
_entity_src_gen.pdbx_host_org_cell_line 
_entity_src_gen.pdbx_host_org_atcc 
_entity_src_gen.pdbx_host_org_culture_collection 
_entity_src_gen.pdbx_host_org_cell 
_entity_src_gen.pdbx_host_org_organelle 
_entity_src_gen.pdbx_host_org_cellular_location 
_entity_src_gen.pdbx_host_org_vector_type 
_entity_src_gen.pdbx_host_org_vector 
_entity_src_gen.host_org_details 
_entity_src_gen.expression_system_id 
_entity_src_gen.plasmid_name 
_entity_src_gen.plasmid_details 
_entity_src_gen.pdbx_description 
1 1 sample 'Biological sequence' 1 140 human ? 'SNCA, NACP, PARK1' ? ? ? ? ? ? 'Homo sapiens' 9606 ? ? ? ? ? ? ? ? 
'Escherichia coli' 562 ? ? ? ? ? ? ? ? ? ? ? ? ? ? ? ? ? ? ? ? ? 
2 1 sample 'Biological sequence' 1 13  human ? ?                   ? ? ? ? ? ? 'Homo sapiens' 9606 ? ? ? ? ? ? ? ? 
'Escherichia coli' 562 ? ? ? ? ? ? ? ? ? ? ? ? ? ? ? ? ? ? ? ? ? 
# 
loop_
_chem_comp.id 
_chem_comp.type 
_chem_comp.mon_nstd_flag 
_chem_comp.name 
_chem_comp.pdbx_synonyms 
_chem_comp.formula 
_chem_comp.formula_weight 
ALA 'L-peptide linking' y ALANINE         ? 'C3 H7 N O2'     89.093  
ASN 'L-peptide linking' y ASPARAGINE      ? 'C4 H8 N2 O3'    132.118 
ASP 'L-peptide linking' y 'ASPARTIC ACID' ? 'C4 H7 N O4'     133.103 
GLN 'L-peptide linking' y GLUTAMINE       ? 'C5 H10 N2 O3'   146.144 
GLU 'L-peptide linking' y 'GLUTAMIC ACID' ? 'C5 H9 N O4'     147.129 
GLY 'peptide linking'   y GLYCINE         ? 'C2 H5 N O2'     75.067  
HIS 'L-peptide linking' y HISTIDINE       ? 'C6 H10 N3 O2 1' 156.162 
ILE 'L-peptide linking' y ISOLEUCINE      ? 'C6 H13 N O2'    131.173 
LEU 'L-peptide linking' y LEUCINE         ? 'C6 H13 N O2'    131.173 
LYS 'L-peptide linking' y LYSINE          ? 'C6 H15 N2 O2 1' 147.195 
MET 'L-peptide linking' y METHIONINE      ? 'C5 H11 N O2 S'  149.211 
PHE 'L-peptide linking' y PHENYLALANINE   ? 'C9 H11 N O2'    165.189 
PRO 'L-peptide linking' y PROLINE         ? 'C5 H9 N O2'     115.130 
SER 'L-peptide linking' y SERINE          ? 'C3 H7 N O3'     105.093 
THR 'L-peptide linking' y THREONINE       ? 'C4 H9 N O3'     119.119 
TYR 'L-peptide linking' y TYROSINE        ? 'C9 H11 N O3'    181.189 
UNK 'L-peptide linking' . UNKNOWN         ? 'C4 H9 N O2'     103.120 
VAL 'L-peptide linking' y VALINE          ? 'C5 H11 N O2'    117.146 
# 
loop_
_pdbx_poly_seq_scheme.asym_id 
_pdbx_poly_seq_scheme.entity_id 
_pdbx_poly_seq_scheme.seq_id 
_pdbx_poly_seq_scheme.mon_id 
_pdbx_poly_seq_scheme.ndb_seq_num 
_pdbx_poly_seq_scheme.pdb_seq_num 
_pdbx_poly_seq_scheme.auth_seq_num 
_pdbx_poly_seq_scheme.pdb_mon_id 
_pdbx_poly_seq_scheme.auth_mon_id 
_pdbx_poly_seq_scheme.pdb_strand_id 
_pdbx_poly_seq_scheme.pdb_ins_code 
_pdbx_poly_seq_scheme.hetero 
A 1 1   MET 1   1   ?   ?   ?   A . n 
A 1 2   ASP 2   2   ?   ?   ?   A . n 
A 1 3   VAL 3   3   ?   ?   ?   A . n 
A 1 4   PHE 4   4   ?   ?   ?   A . n 
A 1 5   MET 5   5   ?   ?   ?   A . n 
A 1 6   LYS 6   6   ?   ?   ?   A . n 
A 1 7   GLY 7   7   ?   ?   ?   A . n 
A 1 8   LEU 8   8   ?   ?   ?   A . n 
A 1 9   SER 9   9   ?   ?   ?   A . n 
A 1 10  LYS 10  10  ?   ?   ?   A . n 
A 1 11  ALA 11  11  ?   ?   ?   A . n 
A 1 12  LYS 12  12  ?   ?   ?   A . n 
A 1 13  GLU 13  13  ?   ?   ?   A . n 
A 1 14  GLY 14  14  ?   ?   ?   A . n 
A 1 15  VAL 15  15  ?   ?   ?   A . n 
A 1 16  VAL 16  16  ?   ?   ?   A . n 
A 1 17  ALA 17  17  ?   ?   ?   A . n 
A 1 18  ALA 18  18  ?   ?   ?   A . n 
A 1 19  ALA 19  19  ?   ?   ?   A . n 
A 1 20  GLU 20  20  ?   ?   ?   A . n 
A 1 21  LYS 21  21  ?   ?   ?   A . n 
A 1 22  THR 22  22  ?   ?   ?   A . n 
A 1 23  LYS 23  23  ?   ?   ?   A . n 
A 1 24  GLN 24  24  ?   ?   ?   A . n 
A 1 25  GLY 25  25  ?   ?   ?   A . n 
A 1 26  VAL 26  26  ?   ?   ?   A . n 
A 1 27  ALA 27  27  ?   ?   ?   A . n 
A 1 28  GLU 28  28  ?   ?   ?   A . n 
A 1 29  ALA 29  29  ?   ?   ?   A . n 
A 1 30  ALA 30  30  ?   ?   ?   A . n 
A 1 31  GLY 31  31  ?   ?   ?   A . n 
A 1 32  LYS 32  32  ?   ?   ?   A . n 
A 1 33  THR 33  33  ?   ?   ?   A . n 
A 1 34  LYS 34  34  ?   ?   ?   A . n 
A 1 35  GLU 35  35  ?   ?   ?   A . n 
A 1 36  GLY 36  36  ?   ?   ?   A . n 
A 1 37  VAL 37  37  37  VAL ALA A . n 
A 1 38  LEU 38  38  38  LEU LEU A . n 
A 1 39  TYR 39  39  39  TYR TYR A . n 
A 1 40  VAL 40  40  40  VAL VAL A . n 
A 1 41  GLY 41  41  41  GLY GLY A . n 
A 1 42  SER 42  42  42  SER SER A . n 
A 1 43  LYS 43  43  43  LYS LYS A . n 
A 1 44  THR 44  44  44  THR THR A . n 
A 1 45  LYS 45  45  45  LYS LYS A . n 
A 1 46  GLU 46  46  46  GLU GLU A . n 
A 1 47  GLY 47  47  47  GLY GLY A . n 
A 1 48  VAL 48  48  48  VAL VAL A . n 
A 1 49  VAL 49  49  49  VAL VAL A . n 
A 1 50  HIS 50  50  50  HIS HIS A . n 
A 1 51  ASP 51  51  51  ASP ASP A . n 
A 1 52  VAL 52  52  52  VAL VAL A . n 
A 1 53  THR 53  53  53  THR THR A . n 
A 1 54  THR 54  54  54  THR THR A . n 
A 1 55  VAL 55  55  55  VAL VAL A . n 
A 1 56  ALA 56  56  56  ALA ALA A . n 
A 1 57  ALA 57  57  57  ALA ALA A . n 
A 1 58  LYS 58  58  58  LYS LYS A . n 
A 1 59  THR 59  59  59  THR THR A . n 
A 1 60  LYS 60  60  60  LYS LYS A . n 
A 1 61  GLU 61  61  61  GLU GLU A . n 
A 1 62  GLN 62  62  62  GLN GLN A . n 
A 1 63  VAL 63  63  63  VAL VAL A . n 
A 1 64  THR 64  64  64  THR THR A . n 
A 1 65  ASN 65  65  65  ASN ASN A . n 
A 1 66  VAL 66  66  66  VAL VAL A . n 
A 1 67  GLY 67  67  67  GLY GLY A . n 
A 1 68  GLY 68  68  68  GLY GLY A . n 
A 1 69  ALA 69  69  69  ALA ALA A . n 
A 1 70  VAL 70  70  70  VAL VAL A . n 
A 1 71  VAL 71  71  71  VAL VAL A . n 
A 1 72  THR 72  72  72  THR THR A . n 
A 1 73  GLY 73  73  73  GLY GLY A . n 
A 1 74  VAL 74  74  74  VAL VAL A . n 
A 1 75  THR 75  75  75  THR THR A . n 
A 1 76  ALA 76  76  76  ALA ALA A . n 
A 1 77  VAL 77  77  77  VAL VAL A . n 
A 1 78  ALA 78  78  78  ALA ALA A . n 
A 1 79  GLN 79  79  79  GLN GLN A . n 
A 1 80  LYS 80  80  80  LYS LYS A . n 
A 1 81  THR 81  81  81  THR THR A . n 
A 1 82  VAL 82  82  82  VAL VAL A . n 
A 1 83  GLU 83  83  83  GLU GLU A . n 
A 1 84  GLY 84  84  84  GLY GLY A . n 
A 1 85  ALA 85  85  85  ALA ALA A . n 
A 1 86  GLY 86  86  86  GLY GLY A . n 
A 1 87  SER 87  87  87  SER SER A . n 
A 1 88  ILE 88  88  88  ILE ILE A . n 
A 1 89  ALA 89  89  89  ALA ALA A . n 
A 1 90  ALA 90  90  90  ALA ALA A . n 
A 1 91  ALA 91  91  91  ALA ALA A . n 
A 1 92  THR 92  92  92  THR THR A . n 
A 1 93  GLY 93  93  93  GLY GLY A . n 
A 1 94  PHE 94  94  94  PHE PHE A . n 
A 1 95  VAL 95  95  95  VAL VAL A . n 
A 1 96  LYS 96  96  96  LYS LYS A . n 
A 1 97  LYS 97  97  97  LYS LYS A . n 
A 1 98  ASP 98  98  98  ASP ASP A . n 
A 1 99  GLN 99  99  99  GLN GLN A . n 
A 1 100 LEU 100 100 100 LEU LEU A . n 
A 1 101 GLY 101 101 ?   ?   ?   A . n 
A 1 102 LYS 102 102 ?   ?   ?   A . n 
A 1 103 ASN 103 103 ?   ?   ?   A . n 
A 1 104 GLU 104 104 ?   ?   ?   A . n 
A 1 105 GLU 105 105 ?   ?   ?   A . n 
A 1 106 GLY 106 106 ?   ?   ?   A . n 
A 1 107 ALA 107 107 ?   ?   ?   A . n 
A 1 108 PRO 108 108 ?   ?   ?   A . n 
A 1 109 GLN 109 109 ?   ?   ?   A . n 
A 1 110 GLU 110 110 ?   ?   ?   A . n 
A 1 111 GLY 111 111 ?   ?   ?   A . n 
A 1 112 ILE 112 112 ?   ?   ?   A . n 
A 1 113 LEU 113 113 ?   ?   ?   A . n 
A 1 114 GLU 114 114 ?   ?   ?   A . n 
A 1 115 ASP 115 115 ?   ?   ?   A . n 
A 1 116 MET 116 116 ?   ?   ?   A . n 
A 1 117 PRO 117 117 ?   ?   ?   A . n 
A 1 118 VAL 118 118 ?   ?   ?   A . n 
A 1 119 ASP 119 119 ?   ?   ?   A . n 
A 1 120 PRO 120 120 ?   ?   ?   A . n 
A 1 121 ASP 121 121 ?   ?   ?   A . n 
A 1 122 ASN 122 122 ?   ?   ?   A . n 
A 1 123 GLU 123 123 ?   ?   ?   A . n 
A 1 124 ALA 124 124 ?   ?   ?   A . n 
A 1 125 TYR 125 125 ?   ?   ?   A . n 
A 1 126 GLU 126 126 ?   ?   ?   A . n 
A 1 127 MET 127 127 ?   ?   ?   A . n 
A 1 128 PRO 128 128 ?   ?   ?   A . n 
A 1 129 SER 129 129 ?   ?   ?   A . n 
A 1 130 GLU 130 130 ?   ?   ?   A . n 
A 1 131 GLU 131 131 ?   ?   ?   A . n 
A 1 132 GLY 132 132 ?   ?   ?   A . n 
A 1 133 TYR 133 133 ?   ?   ?   A . n 
A 1 134 GLN 134 134 ?   ?   ?   A . n 
A 1 135 ASP 135 135 ?   ?   ?   A . n 
A 1 136 TYR 136 136 ?   ?   ?   A . n 
A 1 137 GLU 137 137 ?   ?   ?   A . n 
A 1 138 PRO 138 138 ?   ?   ?   A . n 
A 1 139 GLU 139 139 ?   ?   ?   A . n 
A 1 140 ALA 140 140 ?   ?   ?   A . n 
B 2 1   UNK 1   11  11  UNK ALA F . n 
B 2 2   UNK 2   12  12  UNK ALA F . n 
B 2 3   UNK 3   13  13  UNK ALA F . n 
B 2 4   UNK 4   14  14  UNK ALA F . n 
B 2 5   UNK 5   15  15  UNK ALA F . n 
B 2 6   UNK 6   16  16  UNK ALA F . n 
B 2 7   UNK 7   17  17  UNK ALA F . n 
B 2 8   UNK 8   18  18  UNK ALA F . n 
B 2 9   UNK 9   19  19  UNK ALA F . n 
B 2 10  UNK 10  20  20  UNK ALA F . n 
B 2 11  UNK 11  21  21  UNK ALA F . n 
B 2 12  UNK 12  22  22  UNK ALA F . n 
B 2 13  UNK 13  23  23  UNK ALA F . n 
C 1 1   MET 1   1   ?   ?   ?   B . n 
C 1 2   ASP 2   2   ?   ?   ?   B . n 
C 1 3   VAL 3   3   ?   ?   ?   B . n 
C 1 4   PHE 4   4   ?   ?   ?   B . n 
C 1 5   MET 5   5   ?   ?   ?   B . n 
C 1 6   LYS 6   6   ?   ?   ?   B . n 
C 1 7   GLY 7   7   ?   ?   ?   B . n 
C 1 8   LEU 8   8   ?   ?   ?   B . n 
C 1 9   SER 9   9   ?   ?   ?   B . n 
C 1 10  LYS 10  10  ?   ?   ?   B . n 
C 1 11  ALA 11  11  ?   ?   ?   B . n 
C 1 12  LYS 12  12  ?   ?   ?   B . n 
C 1 13  GLU 13  13  ?   ?   ?   B . n 
C 1 14  GLY 14  14  ?   ?   ?   B . n 
C 1 15  VAL 15  15  ?   ?   ?   B . n 
C 1 16  VAL 16  16  ?   ?   ?   B . n 
C 1 17  ALA 17  17  ?   ?   ?   B . n 
C 1 18  ALA 18  18  ?   ?   ?   B . n 
C 1 19  ALA 19  19  ?   ?   ?   B . n 
C 1 20  GLU 20  20  ?   ?   ?   B . n 
C 1 21  LYS 21  21  ?   ?   ?   B . n 
C 1 22  THR 22  22  ?   ?   ?   B . n 
C 1 23  LYS 23  23  ?   ?   ?   B . n 
C 1 24  GLN 24  24  ?   ?   ?   B . n 
C 1 25  GLY 25  25  ?   ?   ?   B . n 
C 1 26  VAL 26  26  ?   ?   ?   B . n 
C 1 27  ALA 27  27  ?   ?   ?   B . n 
C 1 28  GLU 28  28  ?   ?   ?   B . n 
C 1 29  ALA 29  29  ?   ?   ?   B . n 
C 1 30  ALA 30  30  ?   ?   ?   B . n 
C 1 31  GLY 31  31  ?   ?   ?   B . n 
C 1 32  LYS 32  32  ?   ?   ?   B . n 
C 1 33  THR 33  33  ?   ?   ?   B . n 
C 1 34  LYS 34  34  ?   ?   ?   B . n 
C 1 35  GLU 35  35  ?   ?   ?   B . n 
C 1 36  GLY 36  36  ?   ?   ?   B . n 
C 1 37  VAL 37  37  37  VAL ALA B . n 
C 1 38  LEU 38  38  38  LEU LEU B . n 
C 1 39  TYR 39  39  39  TYR TYR B . n 
C 1 40  VAL 40  40  40  VAL VAL B . n 
C 1 41  GLY 41  41  41  GLY GLY B . n 
C 1 42  SER 42  42  42  SER SER B . n 
C 1 43  LYS 43  43  43  LYS LYS B . n 
C 1 44  THR 44  44  44  THR THR B . n 
C 1 45  LYS 45  45  45  LYS LYS B . n 
C 1 46  GLU 46  46  46  GLU GLU B . n 
C 1 47  GLY 47  47  47  GLY GLY B . n 
C 1 48  VAL 48  48  48  VAL VAL B . n 
C 1 49  VAL 49  49  49  VAL VAL B . n 
C 1 50  HIS 50  50  50  HIS HIS B . n 
C 1 51  ASP 51  51  51  ASP ASP B . n 
C 1 52  VAL 52  52  52  VAL VAL B . n 
C 1 53  THR 53  53  53  THR THR B . n 
C 1 54  THR 54  54  54  THR THR B . n 
C 1 55  VAL 55  55  55  VAL VAL B . n 
C 1 56  ALA 56  56  56  ALA ALA B . n 
C 1 57  ALA 57  57  57  ALA ALA B . n 
C 1 58  LYS 58  58  58  LYS LYS B . n 
C 1 59  THR 59  59  59  THR THR B . n 
C 1 60  LYS 60  60  60  LYS LYS B . n 
C 1 61  GLU 61  61  61  GLU GLU B . n 
C 1 62  GLN 62  62  62  GLN GLN B . n 
C 1 63  VAL 63  63  63  VAL VAL B . n 
C 1 64  THR 64  64  64  THR THR B . n 
C 1 65  ASN 65  65  65  ASN ASN B . n 
C 1 66  VAL 66  66  66  VAL VAL B . n 
C 1 67  GLY 67  67  67  GLY GLY B . n 
C 1 68  GLY 68  68  68  GLY GLY B . n 
C 1 69  ALA 69  69  69  ALA ALA B . n 
C 1 70  VAL 70  70  70  VAL VAL B . n 
C 1 71  VAL 71  71  71  VAL VAL B . n 
C 1 72  THR 72  72  72  THR THR B . n 
C 1 73  GLY 73  73  73  GLY GLY B . n 
C 1 74  VAL 74  74  74  VAL VAL B . n 
C 1 75  THR 75  75  75  THR THR B . n 
C 1 76  ALA 76  76  76  ALA ALA B . n 
C 1 77  VAL 77  77  77  VAL VAL B . n 
C 1 78  ALA 78  78  78  ALA ALA B . n 
C 1 79  GLN 79  79  79  GLN GLN B . n 
C 1 80  LYS 80  80  80  LYS LYS B . n 
C 1 81  THR 81  81  81  THR THR B . n 
C 1 82  VAL 82  82  82  VAL VAL B . n 
C 1 83  GLU 83  83  83  GLU GLU B . n 
C 1 84  GLY 84  84  84  GLY GLY B . n 
C 1 85  ALA 85  85  85  ALA ALA B . n 
C 1 86  GLY 86  86  86  GLY GLY B . n 
C 1 87  SER 87  87  87  SER SER B . n 
C 1 88  ILE 88  88  88  ILE ILE B . n 
C 1 89  ALA 89  89  89  ALA ALA B . n 
C 1 90  ALA 90  90  90  ALA ALA B . n 
C 1 91  ALA 91  91  91  ALA ALA B . n 
C 1 92  THR 92  92  92  THR THR B . n 
C 1 93  GLY 93  93  93  GLY GLY B . n 
C 1 94  PHE 94  94  94  PHE PHE B . n 
C 1 95  VAL 95  95  95  VAL VAL B . n 
C 1 96  LYS 96  96  96  LYS LYS B . n 
C 1 97  LYS 97  97  97  LYS LYS B . n 
C 1 98  ASP 98  98  98  ASP ASP B . n 
C 1 99  GLN 99  99  99  GLN GLN B . n 
C 1 100 LEU 100 100 100 LEU LEU B . n 
C 1 101 GLY 101 101 ?   ?   ?   B . n 
C 1 102 LYS 102 102 ?   ?   ?   B . n 
C 1 103 ASN 103 103 ?   ?   ?   B . n 
C 1 104 GLU 104 104 ?   ?   ?   B . n 
C 1 105 GLU 105 105 ?   ?   ?   B . n 
C 1 106 GLY 106 106 ?   ?   ?   B . n 
C 1 107 ALA 107 107 ?   ?   ?   B . n 
C 1 108 PRO 108 108 ?   ?   ?   B . n 
C 1 109 GLN 109 109 ?   ?   ?   B . n 
C 1 110 GLU 110 110 ?   ?   ?   B . n 
C 1 111 GLY 111 111 ?   ?   ?   B . n 
C 1 112 ILE 112 112 ?   ?   ?   B . n 
C 1 113 LEU 113 113 ?   ?   ?   B . n 
C 1 114 GLU 114 114 ?   ?   ?   B . n 
C 1 115 ASP 115 115 ?   ?   ?   B . n 
C 1 116 MET 116 116 ?   ?   ?   B . n 
C 1 117 PRO 117 117 ?   ?   ?   B . n 
C 1 118 VAL 118 118 ?   ?   ?   B . n 
C 1 119 ASP 119 119 ?   ?   ?   B . n 
C 1 120 PRO 120 120 ?   ?   ?   B . n 
C 1 121 ASP 121 121 ?   ?   ?   B . n 
C 1 122 ASN 122 122 ?   ?   ?   B . n 
C 1 123 GLU 123 123 ?   ?   ?   B . n 
C 1 124 ALA 124 124 ?   ?   ?   B . n 
C 1 125 TYR 125 125 ?   ?   ?   B . n 
C 1 126 GLU 126 126 ?   ?   ?   B . n 
C 1 127 MET 127 127 ?   ?   ?   B . n 
C 1 128 PRO 128 128 ?   ?   ?   B . n 
C 1 129 SER 129 129 ?   ?   ?   B . n 
C 1 130 GLU 130 130 ?   ?   ?   B . n 
C 1 131 GLU 131 131 ?   ?   ?   B . n 
C 1 132 GLY 132 132 ?   ?   ?   B . n 
C 1 133 TYR 133 133 ?   ?   ?   B . n 
C 1 134 GLN 134 134 ?   ?   ?   B . n 
C 1 135 ASP 135 135 ?   ?   ?   B . n 
C 1 136 TYR 136 136 ?   ?   ?   B . n 
C 1 137 GLU 137 137 ?   ?   ?   B . n 
C 1 138 PRO 138 138 ?   ?   ?   B . n 
C 1 139 GLU 139 139 ?   ?   ?   B . n 
C 1 140 ALA 140 140 ?   ?   ?   B . n 
D 2 1   UNK 1   11  11  UNK ALA G . n 
D 2 2   UNK 2   12  12  UNK ALA G . n 
D 2 3   UNK 3   13  13  UNK ALA G . n 
D 2 4   UNK 4   14  14  UNK ALA G . n 
D 2 5   UNK 5   15  15  UNK ALA G . n 
D 2 6   UNK 6   16  16  UNK ALA G . n 
D 2 7   UNK 7   17  17  UNK ALA G . n 
D 2 8   UNK 8   18  18  UNK ALA G . n 
D 2 9   UNK 9   19  19  UNK ALA G . n 
D 2 10  UNK 10  20  20  UNK ALA G . n 
D 2 11  UNK 11  21  21  UNK ALA G . n 
D 2 12  UNK 12  22  22  UNK ALA G . n 
D 2 13  UNK 13  23  23  UNK ALA G . n 
E 1 1   MET 1   1   ?   ?   ?   C . n 
E 1 2   ASP 2   2   ?   ?   ?   C . n 
E 1 3   VAL 3   3   ?   ?   ?   C . n 
E 1 4   PHE 4   4   ?   ?   ?   C . n 
E 1 5   MET 5   5   ?   ?   ?   C . n 
E 1 6   LYS 6   6   ?   ?   ?   C . n 
E 1 7   GLY 7   7   ?   ?   ?   C . n 
E 1 8   LEU 8   8   ?   ?   ?   C . n 
E 1 9   SER 9   9   ?   ?   ?   C . n 
E 1 10  LYS 10  10  ?   ?   ?   C . n 
E 1 11  ALA 11  11  ?   ?   ?   C . n 
E 1 12  LYS 12  12  ?   ?   ?   C . n 
E 1 13  GLU 13  13  ?   ?   ?   C . n 
E 1 14  GLY 14  14  ?   ?   ?   C . n 
E 1 15  VAL 15  15  ?   ?   ?   C . n 
E 1 16  VAL 16  16  ?   ?   ?   C . n 
E 1 17  ALA 17  17  ?   ?   ?   C . n 
E 1 18  ALA 18  18  ?   ?   ?   C . n 
E 1 19  ALA 19  19  ?   ?   ?   C . n 
E 1 20  GLU 20  20  ?   ?   ?   C . n 
E 1 21  LYS 21  21  ?   ?   ?   C . n 
E 1 22  THR 22  22  ?   ?   ?   C . n 
E 1 23  LYS 23  23  ?   ?   ?   C . n 
E 1 24  GLN 24  24  ?   ?   ?   C . n 
E 1 25  GLY 25  25  ?   ?   ?   C . n 
E 1 26  VAL 26  26  ?   ?   ?   C . n 
E 1 27  ALA 27  27  ?   ?   ?   C . n 
E 1 28  GLU 28  28  ?   ?   ?   C . n 
E 1 29  ALA 29  29  ?   ?   ?   C . n 
E 1 30  ALA 30  30  ?   ?   ?   C . n 
E 1 31  GLY 31  31  ?   ?   ?   C . n 
E 1 32  LYS 32  32  ?   ?   ?   C . n 
E 1 33  THR 33  33  ?   ?   ?   C . n 
E 1 34  LYS 34  34  ?   ?   ?   C . n 
E 1 35  GLU 35  35  ?   ?   ?   C . n 
E 1 36  GLY 36  36  ?   ?   ?   C . n 
E 1 37  VAL 37  37  37  VAL ALA C . n 
E 1 38  LEU 38  38  38  LEU LEU C . n 
E 1 39  TYR 39  39  39  TYR TYR C . n 
E 1 40  VAL 40  40  40  VAL VAL C . n 
E 1 41  GLY 41  41  41  GLY GLY C . n 
E 1 42  SER 42  42  42  SER SER C . n 
E 1 43  LYS 43  43  43  LYS LYS C . n 
E 1 44  THR 44  44  44  THR THR C . n 
E 1 45  LYS 45  45  45  LYS LYS C . n 
E 1 46  GLU 46  46  46  GLU GLU C . n 
E 1 47  GLY 47  47  47  GLY GLY C . n 
E 1 48  VAL 48  48  48  VAL VAL C . n 
E 1 49  VAL 49  49  49  VAL VAL C . n 
E 1 50  HIS 50  50  50  HIS HIS C . n 
E 1 51  ASP 51  51  51  ASP ASP C . n 
E 1 52  VAL 52  52  52  VAL VAL C . n 
E 1 53  THR 53  53  53  THR THR C . n 
E 1 54  THR 54  54  54  THR THR C . n 
E 1 55  VAL 55  55  55  VAL VAL C . n 
E 1 56  ALA 56  56  56  ALA ALA C . n 
E 1 57  ALA 57  57  57  ALA ALA C . n 
E 1 58  LYS 58  58  58  LYS LYS C . n 
E 1 59  THR 59  59  59  THR THR C . n 
E 1 60  LYS 60  60  60  LYS LYS C . n 
E 1 61  GLU 61  61  61  GLU GLU C . n 
E 1 62  GLN 62  62  62  GLN GLN C . n 
E 1 63  VAL 63  63  63  VAL VAL C . n 
E 1 64  THR 64  64  64  THR THR C . n 
E 1 65  ASN 65  65  65  ASN ASN C . n 
E 1 66  VAL 66  66  66  VAL VAL C . n 
E 1 67  GLY 67  67  67  GLY GLY C . n 
E 1 68  GLY 68  68  68  GLY GLY C . n 
E 1 69  ALA 69  69  69  ALA ALA C . n 
E 1 70  VAL 70  70  70  VAL VAL C . n 
E 1 71  VAL 71  71  71  VAL VAL C . n 
E 1 72  THR 72  72  72  THR THR C . n 
E 1 73  GLY 73  73  73  GLY GLY C . n 
E 1 74  VAL 74  74  74  VAL VAL C . n 
E 1 75  THR 75  75  75  THR THR C . n 
E 1 76  ALA 76  76  76  ALA ALA C . n 
E 1 77  VAL 77  77  77  VAL VAL C . n 
E 1 78  ALA 78  78  78  ALA ALA C . n 
E 1 79  GLN 79  79  79  GLN GLN C . n 
E 1 80  LYS 80  80  80  LYS LYS C . n 
E 1 81  THR 81  81  81  THR THR C . n 
E 1 82  VAL 82  82  82  VAL VAL C . n 
E 1 83  GLU 83  83  83  GLU GLU C . n 
E 1 84  GLY 84  84  84  GLY GLY C . n 
E 1 85  ALA 85  85  85  ALA ALA C . n 
E 1 86  GLY 86  86  86  GLY GLY C . n 
E 1 87  SER 87  87  87  SER SER C . n 
E 1 88  ILE 88  88  88  ILE ILE C . n 
E 1 89  ALA 89  89  89  ALA ALA C . n 
E 1 90  ALA 90  90  90  ALA ALA C . n 
E 1 91  ALA 91  91  91  ALA ALA C . n 
E 1 92  THR 92  92  92  THR THR C . n 
E 1 93  GLY 93  93  93  GLY GLY C . n 
E 1 94  PHE 94  94  94  PHE PHE C . n 
E 1 95  VAL 95  95  95  VAL VAL C . n 
E 1 96  LYS 96  96  96  LYS LYS C . n 
E 1 97  LYS 97  97  97  LYS LYS C . n 
E 1 98  ASP 98  98  98  ASP ASP C . n 
E 1 99  GLN 99  99  99  GLN GLN C . n 
E 1 100 LEU 100 100 100 LEU LEU C . n 
E 1 101 GLY 101 101 ?   ?   ?   C . n 
E 1 102 LYS 102 102 ?   ?   ?   C . n 
E 1 103 ASN 103 103 ?   ?   ?   C . n 
E 1 104 GLU 104 104 ?   ?   ?   C . n 
E 1 105 GLU 105 105 ?   ?   ?   C . n 
E 1 106 GLY 106 106 ?   ?   ?   C . n 
E 1 107 ALA 107 107 ?   ?   ?   C . n 
E 1 108 PRO 108 108 ?   ?   ?   C . n 
E 1 109 GLN 109 109 ?   ?   ?   C . n 
E 1 110 GLU 110 110 ?   ?   ?   C . n 
E 1 111 GLY 111 111 ?   ?   ?   C . n 
E 1 112 ILE 112 112 ?   ?   ?   C . n 
E 1 113 LEU 113 113 ?   ?   ?   C . n 
E 1 114 GLU 114 114 ?   ?   ?   C . n 
E 1 115 ASP 115 115 ?   ?   ?   C . n 
E 1 116 MET 116 116 ?   ?   ?   C . n 
E 1 117 PRO 117 117 ?   ?   ?   C . n 
E 1 118 VAL 118 118 ?   ?   ?   C . n 
E 1 119 ASP 119 119 ?   ?   ?   C . n 
E 1 120 PRO 120 120 ?   ?   ?   C . n 
E 1 121 ASP 121 121 ?   ?   ?   C . n 
E 1 122 ASN 122 122 ?   ?   ?   C . n 
E 1 123 GLU 123 123 ?   ?   ?   C . n 
E 1 124 ALA 124 124 ?   ?   ?   C . n 
E 1 125 TYR 125 125 ?   ?   ?   C . n 
E 1 126 GLU 126 126 ?   ?   ?   C . n 
E 1 127 MET 127 127 ?   ?   ?   C . n 
E 1 128 PRO 128 128 ?   ?   ?   C . n 
E 1 129 SER 129 129 ?   ?   ?   C . n 
E 1 130 GLU 130 130 ?   ?   ?   C . n 
E 1 131 GLU 131 131 ?   ?   ?   C . n 
E 1 132 GLY 132 132 ?   ?   ?   C . n 
E 1 133 TYR 133 133 ?   ?   ?   C . n 
E 1 134 GLN 134 134 ?   ?   ?   C . n 
E 1 135 ASP 135 135 ?   ?   ?   C . n 
E 1 136 TYR 136 136 ?   ?   ?   C . n 
E 1 137 GLU 137 137 ?   ?   ?   C . n 
E 1 138 PRO 138 138 ?   ?   ?   C . n 
E 1 139 GLU 139 139 ?   ?   ?   C . n 
E 1 140 ALA 140 140 ?   ?   ?   C . n 
F 2 1   UNK 1   11  11  UNK ALA H . n 
F 2 2   UNK 2   12  12  UNK ALA H . n 
F 2 3   UNK 3   13  13  UNK ALA H . n 
F 2 4   UNK 4   14  14  UNK ALA H . n 
F 2 5   UNK 5   15  15  UNK ALA H . n 
F 2 6   UNK 6   16  16  UNK ALA H . n 
F 2 7   UNK 7   17  17  UNK ALA H . n 
F 2 8   UNK 8   18  18  UNK ALA H . n 
F 2 9   UNK 9   19  19  UNK ALA H . n 
F 2 10  UNK 10  20  20  UNK ALA H . n 
F 2 11  UNK 11  21  21  UNK ALA H . n 
F 2 12  UNK 12  22  22  UNK ALA H . n 
F 2 13  UNK 13  23  23  UNK ALA H . n 
# 
loop_
_pdbx_unobs_or_zero_occ_atoms.id 
_pdbx_unobs_or_zero_occ_atoms.PDB_model_num 
_pdbx_unobs_or_zero_occ_atoms.polymer_flag 
_pdbx_unobs_or_zero_occ_atoms.occupancy_flag 
_pdbx_unobs_or_zero_occ_atoms.auth_asym_id 
_pdbx_unobs_or_zero_occ_atoms.auth_comp_id 
_pdbx_unobs_or_zero_occ_atoms.auth_seq_id 
_pdbx_unobs_or_zero_occ_atoms.PDB_ins_code 
_pdbx_unobs_or_zero_occ_atoms.auth_atom_id 
_pdbx_unobs_or_zero_occ_atoms.label_alt_id 
_pdbx_unobs_or_zero_occ_atoms.label_asym_id 
_pdbx_unobs_or_zero_occ_atoms.label_comp_id 
_pdbx_unobs_or_zero_occ_atoms.label_seq_id 
_pdbx_unobs_or_zero_occ_atoms.label_atom_id 
1 1 Y 1 A VAL 37 ? CG1 ? A VAL 37 CG1 
2 1 Y 1 A VAL 37 ? CG2 ? A VAL 37 CG2 
3 1 Y 1 B VAL 37 ? CG1 ? C VAL 37 CG1 
4 1 Y 1 B VAL 37 ? CG2 ? C VAL 37 CG2 
5 1 Y 1 C VAL 37 ? CG1 ? E VAL 37 CG1 
6 1 Y 1 C VAL 37 ? CG2 ? E VAL 37 CG2 
# 
_exptl.absorpt_coefficient_mu     ? 
_exptl.absorpt_correction_T_max   ? 
_exptl.absorpt_correction_T_min   ? 
_exptl.absorpt_correction_type    ? 
_exptl.absorpt_process_details    ? 
_exptl.entry_id                   9JE4 
_exptl.crystals_number            ? 
_exptl.details                    ? 
_exptl.method                     'ELECTRON MICROSCOPY' 
_exptl.method_details             ? 
# 
_struct.entry_id                     9JE4 
_struct.title                        'The cryo-EM structure of Ac-E57A_G51DA53T a-syn fibril.' 
_struct.pdbx_model_details           ? 
_struct.pdbx_formula_weight          ? 
_struct.pdbx_formula_weight_method   ? 
_struct.pdbx_model_type_details      ? 
_struct.pdbx_CASP_flag               N 
# 
_struct_keywords.entry_id        9JE4 
_struct_keywords.text            'PROTEIN FIBRIL, amyloid' 
_struct_keywords.pdbx_keywords   'PROTEIN FIBRIL' 
# 
loop_
_struct_asym.id 
_struct_asym.pdbx_blank_PDB_chainid_flag 
_struct_asym.pdbx_modified 
_struct_asym.entity_id 
_struct_asym.details 
A N N 1 ? 
B N N 2 ? 
C N N 1 ? 
D N N 2 ? 
E N N 1 ? 
F N N 2 ? 
# 
loop_
_struct_ref.id 
_struct_ref.db_name 
_struct_ref.db_code 
_struct_ref.pdbx_db_accession 
_struct_ref.pdbx_db_isoform 
_struct_ref.entity_id 
_struct_ref.pdbx_seq_one_letter_code 
_struct_ref.pdbx_align_begin 
1 UNP SYUA_HUMAN P37840 ? 1 
;MDVFMKGLSKAKEGVVAAAEKTKQGVAEAAGKTKEGVLYVGSKTKEGVVHGVATVAEKTKEQVTNVGGAVVTGVTAVAQK
TVEGAGSIAAATGFVKKDQLGKNEEGAPQEGILEDMPVDPDNEAYEMPSEEGYQDYEPEA
;
1 
2 PDB 9JE4       9JE4   ? 2 ? 1 
# 
loop_
_struct_ref_seq.align_id 
_struct_ref_seq.ref_id 
_struct_ref_seq.pdbx_PDB_id_code 
_struct_ref_seq.pdbx_strand_id 
_struct_ref_seq.seq_align_beg 
_struct_ref_seq.pdbx_seq_align_beg_ins_code 
_struct_ref_seq.seq_align_end 
_struct_ref_seq.pdbx_seq_align_end_ins_code 
_struct_ref_seq.pdbx_db_accession 
_struct_ref_seq.db_align_beg 
_struct_ref_seq.pdbx_db_align_beg_ins_code 
_struct_ref_seq.db_align_end 
_struct_ref_seq.pdbx_db_align_end_ins_code 
_struct_ref_seq.pdbx_auth_seq_align_beg 
_struct_ref_seq.pdbx_auth_seq_align_end 
1 1 9JE4 A 1 ? 140 ? P37840 1  ? 140 ? 1  140 
2 2 9JE4 F 1 ? 13  ? 9JE4   11 ? 23  ? 11 23  
3 1 9JE4 B 1 ? 140 ? P37840 1  ? 140 ? 1  140 
4 2 9JE4 G 1 ? 13  ? 9JE4   11 ? 23  ? 11 23  
5 1 9JE4 C 1 ? 140 ? P37840 1  ? 140 ? 1  140 
6 2 9JE4 H 1 ? 13  ? 9JE4   11 ? 23  ? 11 23  
# 
loop_
_struct_ref_seq_dif.align_id 
_struct_ref_seq_dif.pdbx_pdb_id_code 
_struct_ref_seq_dif.mon_id 
_struct_ref_seq_dif.pdbx_pdb_strand_id 
_struct_ref_seq_dif.seq_num 
_struct_ref_seq_dif.pdbx_pdb_ins_code 
_struct_ref_seq_dif.pdbx_seq_db_name 
_struct_ref_seq_dif.pdbx_seq_db_accession_code 
_struct_ref_seq_dif.db_mon_id 
_struct_ref_seq_dif.pdbx_seq_db_seq_num 
_struct_ref_seq_dif.details 
_struct_ref_seq_dif.pdbx_auth_seq_num 
_struct_ref_seq_dif.pdbx_ordinal 
1 9JE4 ASP A 51 ? UNP P37840 GLY 51 'engineered mutation' 51 1 
1 9JE4 THR A 53 ? UNP P37840 ALA 53 'engineered mutation' 53 2 
1 9JE4 ALA A 57 ? UNP P37840 GLU 57 'engineered mutation' 57 3 
3 9JE4 ASP B 51 ? UNP P37840 GLY 51 'engineered mutation' 51 4 
3 9JE4 THR B 53 ? UNP P37840 ALA 53 'engineered mutation' 53 5 
3 9JE4 ALA B 57 ? UNP P37840 GLU 57 'engineered mutation' 57 6 
5 9JE4 ASP C 51 ? UNP P37840 GLY 51 'engineered mutation' 51 7 
5 9JE4 THR C 53 ? UNP P37840 ALA 53 'engineered mutation' 53 8 
5 9JE4 ALA C 57 ? UNP P37840 GLU 57 'engineered mutation' 57 9 
# 
_pdbx_struct_assembly.id                   1 
_pdbx_struct_assembly.details              author_defined_assembly 
_pdbx_struct_assembly.method_details       ? 
_pdbx_struct_assembly.oligomeric_details   hexameric 
_pdbx_struct_assembly.oligomeric_count     6 
# 
_pdbx_struct_assembly_gen.assembly_id       1 
_pdbx_struct_assembly_gen.oper_expression   1 
_pdbx_struct_assembly_gen.asym_id_list      A,B,C,D,E,F 
# 
_pdbx_struct_assembly_auth_evidence.id                     1 
_pdbx_struct_assembly_auth_evidence.assembly_id            1 
_pdbx_struct_assembly_auth_evidence.experimental_support   'electron microscopy' 
_pdbx_struct_assembly_auth_evidence.details                'not applicable' 
# 
_pdbx_struct_oper_list.id                   1 
_pdbx_struct_oper_list.type                 'identity operation' 
_pdbx_struct_oper_list.name                 1_555 
_pdbx_struct_oper_list.symmetry_operation   ? 
_pdbx_struct_oper_list.matrix[1][1]         1.0000000000 
_pdbx_struct_oper_list.matrix[1][2]         0.0000000000 
_pdbx_struct_oper_list.matrix[1][3]         0.0000000000 
_pdbx_struct_oper_list.vector[1]            0.0000000000 
_pdbx_struct_oper_list.matrix[2][1]         0.0000000000 
_pdbx_struct_oper_list.matrix[2][2]         1.0000000000 
_pdbx_struct_oper_list.matrix[2][3]         0.0000000000 
_pdbx_struct_oper_list.vector[2]            0.0000000000 
_pdbx_struct_oper_list.matrix[3][1]         0.0000000000 
_pdbx_struct_oper_list.matrix[3][2]         0.0000000000 
_pdbx_struct_oper_list.matrix[3][3]         1.0000000000 
_pdbx_struct_oper_list.vector[3]            0.0000000000 
# 
loop_
_struct_sheet.id 
_struct_sheet.type 
_struct_sheet.number_strands 
_struct_sheet.details 
AA1 ? 3 ? 
AA2 ? 3 ? 
AA3 ? 3 ? 
AA4 ? 3 ? 
AA5 ? 3 ? 
AA6 ? 3 ? 
AA7 ? 3 ? 
# 
loop_
_struct_sheet_order.sheet_id 
_struct_sheet_order.range_id_1 
_struct_sheet_order.range_id_2 
_struct_sheet_order.offset 
_struct_sheet_order.sense 
AA1 1 2 ? parallel 
AA1 2 3 ? parallel 
AA2 1 2 ? parallel 
AA2 2 3 ? parallel 
AA3 1 2 ? parallel 
AA3 2 3 ? parallel 
AA4 1 2 ? parallel 
AA4 2 3 ? parallel 
AA5 1 2 ? parallel 
AA5 2 3 ? parallel 
AA6 1 2 ? parallel 
AA6 2 3 ? parallel 
AA7 1 2 ? parallel 
AA7 2 3 ? parallel 
# 
loop_
_struct_sheet_range.sheet_id 
_struct_sheet_range.id 
_struct_sheet_range.beg_label_comp_id 
_struct_sheet_range.beg_label_asym_id 
_struct_sheet_range.beg_label_seq_id 
_struct_sheet_range.pdbx_beg_PDB_ins_code 
_struct_sheet_range.end_label_comp_id 
_struct_sheet_range.end_label_asym_id 
_struct_sheet_range.end_label_seq_id 
_struct_sheet_range.pdbx_end_PDB_ins_code 
_struct_sheet_range.beg_auth_comp_id 
_struct_sheet_range.beg_auth_asym_id 
_struct_sheet_range.beg_auth_seq_id 
_struct_sheet_range.end_auth_comp_id 
_struct_sheet_range.end_auth_asym_id 
_struct_sheet_range.end_auth_seq_id 
AA1 1 LYS A 45 ? LYS A 58 ? LYS A 45 LYS A 58 
AA1 2 LYS E 45 ? LYS E 58 ? LYS C 45 LYS C 58 
AA1 3 LYS C 45 ? LYS C 58 ? LYS B 45 LYS B 58 
AA2 1 THR A 64 ? VAL A 66 ? THR A 64 VAL A 66 
AA2 2 THR E 64 ? VAL E 66 ? THR C 64 VAL C 66 
AA2 3 THR C 64 ? VAL C 66 ? THR B 64 VAL B 66 
AA3 1 ALA A 69 ? VAL A 71 ? ALA A 69 VAL A 71 
AA3 2 ALA E 69 ? VAL E 71 ? ALA C 69 VAL C 71 
AA3 3 ALA C 69 ? VAL C 71 ? ALA B 69 VAL B 71 
AA4 1 THR A 75 ? ALA A 78 ? THR A 75 ALA A 78 
AA4 2 THR E 75 ? ALA E 78 ? THR C 75 ALA C 78 
AA4 3 THR C 75 ? ALA C 78 ? THR B 75 ALA B 78 
AA5 1 THR A 81 ? VAL A 82 ? THR A 81 VAL A 82 
AA5 2 THR E 81 ? VAL E 82 ? THR C 81 VAL C 82 
AA5 3 THR C 81 ? VAL C 82 ? THR B 81 VAL B 82 
AA6 1 ILE A 88 ? ALA A 89 ? ILE A 88 ALA A 89 
AA6 2 ILE E 88 ? ALA E 89 ? ILE C 88 ALA C 89 
AA6 3 ILE C 88 ? ALA C 89 ? ILE B 88 ALA B 89 
AA7 1 THR A 92 ? LYS A 96 ? THR A 92 LYS A 96 
AA7 2 THR E 92 ? LYS E 96 ? THR C 92 LYS C 96 
AA7 3 THR C 92 ? LYS C 96 ? THR B 92 LYS B 96 
# 
loop_
_pdbx_struct_sheet_hbond.sheet_id 
_pdbx_struct_sheet_hbond.range_id_1 
_pdbx_struct_sheet_hbond.range_id_2 
_pdbx_struct_sheet_hbond.range_1_label_atom_id 
_pdbx_struct_sheet_hbond.range_1_label_comp_id 
_pdbx_struct_sheet_hbond.range_1_label_asym_id 
_pdbx_struct_sheet_hbond.range_1_label_seq_id 
_pdbx_struct_sheet_hbond.range_1_PDB_ins_code 
_pdbx_struct_sheet_hbond.range_1_auth_atom_id 
_pdbx_struct_sheet_hbond.range_1_auth_comp_id 
_pdbx_struct_sheet_hbond.range_1_auth_asym_id 
_pdbx_struct_sheet_hbond.range_1_auth_seq_id 
_pdbx_struct_sheet_hbond.range_2_label_atom_id 
_pdbx_struct_sheet_hbond.range_2_label_comp_id 
_pdbx_struct_sheet_hbond.range_2_label_asym_id 
_pdbx_struct_sheet_hbond.range_2_label_seq_id 
_pdbx_struct_sheet_hbond.range_2_PDB_ins_code 
_pdbx_struct_sheet_hbond.range_2_auth_atom_id 
_pdbx_struct_sheet_hbond.range_2_auth_comp_id 
_pdbx_struct_sheet_hbond.range_2_auth_asym_id 
_pdbx_struct_sheet_hbond.range_2_auth_seq_id 
AA1 1 2 N LYS A 58 ? N LYS A 58 O ALA E 57 ? O ALA C 57 
AA1 2 3 O LYS E 58 ? O LYS C 58 N ALA C 57 ? N ALA B 57 
AA2 1 2 N THR A 64 ? N THR A 64 O ASN E 65 ? O ASN C 65 
AA2 2 3 O THR E 64 ? O THR C 64 N ASN C 65 ? N ASN B 65 
AA3 1 2 N ALA A 69 ? N ALA A 69 O VAL E 70 ? O VAL C 70 
AA3 2 3 O ALA E 69 ? O ALA C 69 N VAL C 70 ? N VAL B 70 
AA4 1 2 N THR A 75 ? N THR A 75 O ALA E 76 ? O ALA C 76 
AA4 2 3 O VAL E 77 ? O VAL C 77 N ALA C 76 ? N ALA B 76 
AA5 1 2 N VAL A 82 ? N VAL A 82 O THR E 81 ? O THR C 81 
AA5 2 3 O VAL E 82 ? O VAL C 82 N THR C 81 ? N THR B 81 
AA6 1 2 N ALA A 89 ? N ALA A 89 O ILE E 88 ? O ILE C 88 
AA6 2 3 O ALA E 89 ? O ALA C 89 N ILE C 88 ? N ILE B 88 
AA7 1 2 N VAL A 95 ? N VAL A 95 O LYS E 96 ? O LYS C 96 
AA7 2 3 O VAL E 95 ? O VAL C 95 N LYS C 96 ? N LYS B 96 
# 
_pdbx_entry_details.entry_id                   9JE4 
_pdbx_entry_details.compound_details           ? 
_pdbx_entry_details.source_details             ? 
_pdbx_entry_details.nonpolymer_details         ? 
_pdbx_entry_details.sequence_details           ? 
_pdbx_entry_details.has_ligand_of_interest     ? 
_pdbx_entry_details.has_protein_modification   N 
# 
loop_
_pdbx_validate_torsion.id 
_pdbx_validate_torsion.PDB_model_num 
_pdbx_validate_torsion.auth_comp_id 
_pdbx_validate_torsion.auth_asym_id 
_pdbx_validate_torsion.auth_seq_id 
_pdbx_validate_torsion.PDB_ins_code 
_pdbx_validate_torsion.label_alt_id 
_pdbx_validate_torsion.phi 
_pdbx_validate_torsion.psi 
1  1 UNK F 13 ? ? -91.44  -158.66 
2  1 UNK F 16 ? ? -158.57 67.05   
3  1 UNK F 18 ? ? -158.58 54.59   
4  1 UNK F 19 ? ? -64.61  85.52   
5  1 UNK G 13 ? ? -91.45  -158.70 
6  1 UNK G 16 ? ? -158.57 67.09   
7  1 UNK G 18 ? ? -158.60 54.61   
8  1 UNK G 19 ? ? -64.63  85.47   
9  1 UNK H 13 ? ? -91.48  -158.68 
10 1 UNK H 16 ? ? -158.56 67.10   
11 1 UNK H 18 ? ? -158.60 54.59   
12 1 UNK H 19 ? ? -64.62  85.51   
# 
_em_3d_fitting.id                1 
_em_3d_fitting.entry_id          9JE4 
_em_3d_fitting.method            ? 
_em_3d_fitting.target_criteria   ? 
_em_3d_fitting.details           ? 
_em_3d_fitting.overall_b_value   ? 
_em_3d_fitting.ref_space         ? 
_em_3d_fitting.ref_protocol      ? 
# 
_em_3d_reconstruction.entry_id                    9JE4 
_em_3d_reconstruction.id                          1 
_em_3d_reconstruction.method                      ? 
_em_3d_reconstruction.algorithm                   ? 
_em_3d_reconstruction.citation_id                 ? 
_em_3d_reconstruction.details                     ? 
_em_3d_reconstruction.resolution                  3.37 
_em_3d_reconstruction.resolution_method           'FSC 0.143 CUT-OFF' 
_em_3d_reconstruction.magnification_calibration   ? 
_em_3d_reconstruction.nominal_pixel_size          ? 
_em_3d_reconstruction.actual_pixel_size           ? 
_em_3d_reconstruction.num_particles               48360 
_em_3d_reconstruction.euler_angles_details        ? 
_em_3d_reconstruction.num_class_averages          ? 
_em_3d_reconstruction.refinement_type             ? 
_em_3d_reconstruction.image_processing_id         1 
_em_3d_reconstruction.symmetry_type               HELICAL 
# 
_em_buffer.id            1 
_em_buffer.specimen_id   1 
_em_buffer.name          ? 
_em_buffer.details       ? 
_em_buffer.pH            7.5 
# 
_em_entity_assembly.id                   1 
_em_entity_assembly.parent_id            0 
_em_entity_assembly.source               RECOMBINANT 
_em_entity_assembly.type                 'ORGANELLE OR CELLULAR COMPONENT' 
_em_entity_assembly.name                 'The cryo-EM structure of Ac-E57A_G51DA53T a-syn fibril.' 
_em_entity_assembly.details              ? 
_em_entity_assembly.synonym              ? 
_em_entity_assembly.oligomeric_details   ? 
_em_entity_assembly.entity_id_list       '1, 2' 
# 
_em_imaging.entry_id                        9JE4 
_em_imaging.id                              1 
_em_imaging.astigmatism                     ? 
_em_imaging.electron_beam_tilt_params       ? 
_em_imaging.residual_tilt                   ? 
_em_imaging.microscope_model                'FEI TITAN KRIOS' 
_em_imaging.specimen_holder_type            ? 
_em_imaging.specimen_holder_model           ? 
_em_imaging.details                         ? 
_em_imaging.date                            ? 
_em_imaging.accelerating_voltage            300 
_em_imaging.illumination_mode               'FLOOD BEAM' 
_em_imaging.mode                            'BRIGHT FIELD' 
_em_imaging.nominal_cs                      ? 
_em_imaging.nominal_defocus_min             1000 
_em_imaging.nominal_defocus_max             2000 
_em_imaging.calibrated_defocus_min          ? 
_em_imaging.calibrated_defocus_max          ? 
_em_imaging.tilt_angle_min                  ? 
_em_imaging.tilt_angle_max                  ? 
_em_imaging.nominal_magnification           ? 
_em_imaging.calibrated_magnification        ? 
_em_imaging.electron_source                 'FIELD EMISSION GUN' 
_em_imaging.citation_id                     ? 
_em_imaging.temperature                     ? 
_em_imaging.detector_distance               ? 
_em_imaging.recording_temperature_minimum   ? 
_em_imaging.recording_temperature_maximum   ? 
_em_imaging.alignment_procedure             ? 
_em_imaging.c2_aperture_diameter            ? 
_em_imaging.specimen_id                     1 
_em_imaging.cryogen                         ? 
# 
_em_vitrification.entry_id              9JE4 
_em_vitrification.id                    1 
_em_vitrification.specimen_id           1 
_em_vitrification.cryogen_name          ETHANE 
_em_vitrification.humidity              ? 
_em_vitrification.temp                  ? 
_em_vitrification.chamber_temperature   ? 
_em_vitrification.instrument            ? 
_em_vitrification.method                ? 
_em_vitrification.time_resolved_state   ? 
_em_vitrification.citation_id           ? 
_em_vitrification.details               ? 
# 
_em_experiment.entry_id                9JE4 
_em_experiment.id                      1 
_em_experiment.reconstruction_method   HELICAL 
_em_experiment.aggregation_state       FILAMENT 
_em_experiment.entity_assembly_id      1 
# 
loop_
_pdbx_unobs_or_zero_occ_residues.id 
_pdbx_unobs_or_zero_occ_residues.PDB_model_num 
_pdbx_unobs_or_zero_occ_residues.polymer_flag 
_pdbx_unobs_or_zero_occ_residues.occupancy_flag 
_pdbx_unobs_or_zero_occ_residues.auth_asym_id 
_pdbx_unobs_or_zero_occ_residues.auth_comp_id 
_pdbx_unobs_or_zero_occ_residues.auth_seq_id 
_pdbx_unobs_or_zero_occ_residues.PDB_ins_code 
_pdbx_unobs_or_zero_occ_residues.label_asym_id 
_pdbx_unobs_or_zero_occ_residues.label_comp_id 
_pdbx_unobs_or_zero_occ_residues.label_seq_id 
1   1 Y 1 A MET 1   ? A MET 1   
2   1 Y 1 A ASP 2   ? A ASP 2   
3   1 Y 1 A VAL 3   ? A VAL 3   
4   1 Y 1 A PHE 4   ? A PHE 4   
5   1 Y 1 A MET 5   ? A MET 5   
6   1 Y 1 A LYS 6   ? A LYS 6   
7   1 Y 1 A GLY 7   ? A GLY 7   
8   1 Y 1 A LEU 8   ? A LEU 8   
9   1 Y 1 A SER 9   ? A SER 9   
10  1 Y 1 A LYS 10  ? A LYS 10  
11  1 Y 1 A ALA 11  ? A ALA 11  
12  1 Y 1 A LYS 12  ? A LYS 12  
13  1 Y 1 A GLU 13  ? A GLU 13  
14  1 Y 1 A GLY 14  ? A GLY 14  
15  1 Y 1 A VAL 15  ? A VAL 15  
16  1 Y 1 A VAL 16  ? A VAL 16  
17  1 Y 1 A ALA 17  ? A ALA 17  
18  1 Y 1 A ALA 18  ? A ALA 18  
19  1 Y 1 A ALA 19  ? A ALA 19  
20  1 Y 1 A GLU 20  ? A GLU 20  
21  1 Y 1 A LYS 21  ? A LYS 21  
22  1 Y 1 A THR 22  ? A THR 22  
23  1 Y 1 A LYS 23  ? A LYS 23  
24  1 Y 1 A GLN 24  ? A GLN 24  
25  1 Y 1 A GLY 25  ? A GLY 25  
26  1 Y 1 A VAL 26  ? A VAL 26  
27  1 Y 1 A ALA 27  ? A ALA 27  
28  1 Y 1 A GLU 28  ? A GLU 28  
29  1 Y 1 A ALA 29  ? A ALA 29  
30  1 Y 1 A ALA 30  ? A ALA 30  
31  1 Y 1 A GLY 31  ? A GLY 31  
32  1 Y 1 A LYS 32  ? A LYS 32  
33  1 Y 1 A THR 33  ? A THR 33  
34  1 Y 1 A LYS 34  ? A LYS 34  
35  1 Y 1 A GLU 35  ? A GLU 35  
36  1 Y 1 A GLY 36  ? A GLY 36  
37  1 Y 1 A GLY 101 ? A GLY 101 
38  1 Y 1 A LYS 102 ? A LYS 102 
39  1 Y 1 A ASN 103 ? A ASN 103 
40  1 Y 1 A GLU 104 ? A GLU 104 
41  1 Y 1 A GLU 105 ? A GLU 105 
42  1 Y 1 A GLY 106 ? A GLY 106 
43  1 Y 1 A ALA 107 ? A ALA 107 
44  1 Y 1 A PRO 108 ? A PRO 108 
45  1 Y 1 A GLN 109 ? A GLN 109 
46  1 Y 1 A GLU 110 ? A GLU 110 
47  1 Y 1 A GLY 111 ? A GLY 111 
48  1 Y 1 A ILE 112 ? A ILE 112 
49  1 Y 1 A LEU 113 ? A LEU 113 
50  1 Y 1 A GLU 114 ? A GLU 114 
51  1 Y 1 A ASP 115 ? A ASP 115 
52  1 Y 1 A MET 116 ? A MET 116 
53  1 Y 1 A PRO 117 ? A PRO 117 
54  1 Y 1 A VAL 118 ? A VAL 118 
55  1 Y 1 A ASP 119 ? A ASP 119 
56  1 Y 1 A PRO 120 ? A PRO 120 
57  1 Y 1 A ASP 121 ? A ASP 121 
58  1 Y 1 A ASN 122 ? A ASN 122 
59  1 Y 1 A GLU 123 ? A GLU 123 
60  1 Y 1 A ALA 124 ? A ALA 124 
61  1 Y 1 A TYR 125 ? A TYR 125 
62  1 Y 1 A GLU 126 ? A GLU 126 
63  1 Y 1 A MET 127 ? A MET 127 
64  1 Y 1 A PRO 128 ? A PRO 128 
65  1 Y 1 A SER 129 ? A SER 129 
66  1 Y 1 A GLU 130 ? A GLU 130 
67  1 Y 1 A GLU 131 ? A GLU 131 
68  1 Y 1 A GLY 132 ? A GLY 132 
69  1 Y 1 A TYR 133 ? A TYR 133 
70  1 Y 1 A GLN 134 ? A GLN 134 
71  1 Y 1 A ASP 135 ? A ASP 135 
72  1 Y 1 A TYR 136 ? A TYR 136 
73  1 Y 1 A GLU 137 ? A GLU 137 
74  1 Y 1 A PRO 138 ? A PRO 138 
75  1 Y 1 A GLU 139 ? A GLU 139 
76  1 Y 1 A ALA 140 ? A ALA 140 
77  1 Y 1 B MET 1   ? C MET 1   
78  1 Y 1 B ASP 2   ? C ASP 2   
79  1 Y 1 B VAL 3   ? C VAL 3   
80  1 Y 1 B PHE 4   ? C PHE 4   
81  1 Y 1 B MET 5   ? C MET 5   
82  1 Y 1 B LYS 6   ? C LYS 6   
83  1 Y 1 B GLY 7   ? C GLY 7   
84  1 Y 1 B LEU 8   ? C LEU 8   
85  1 Y 1 B SER 9   ? C SER 9   
86  1 Y 1 B LYS 10  ? C LYS 10  
87  1 Y 1 B ALA 11  ? C ALA 11  
88  1 Y 1 B LYS 12  ? C LYS 12  
89  1 Y 1 B GLU 13  ? C GLU 13  
90  1 Y 1 B GLY 14  ? C GLY 14  
91  1 Y 1 B VAL 15  ? C VAL 15  
92  1 Y 1 B VAL 16  ? C VAL 16  
93  1 Y 1 B ALA 17  ? C ALA 17  
94  1 Y 1 B ALA 18  ? C ALA 18  
95  1 Y 1 B ALA 19  ? C ALA 19  
96  1 Y 1 B GLU 20  ? C GLU 20  
97  1 Y 1 B LYS 21  ? C LYS 21  
98  1 Y 1 B THR 22  ? C THR 22  
99  1 Y 1 B LYS 23  ? C LYS 23  
100 1 Y 1 B GLN 24  ? C GLN 24  
101 1 Y 1 B GLY 25  ? C GLY 25  
102 1 Y 1 B VAL 26  ? C VAL 26  
103 1 Y 1 B ALA 27  ? C ALA 27  
104 1 Y 1 B GLU 28  ? C GLU 28  
105 1 Y 1 B ALA 29  ? C ALA 29  
106 1 Y 1 B ALA 30  ? C ALA 30  
107 1 Y 1 B GLY 31  ? C GLY 31  
108 1 Y 1 B LYS 32  ? C LYS 32  
109 1 Y 1 B THR 33  ? C THR 33  
110 1 Y 1 B LYS 34  ? C LYS 34  
111 1 Y 1 B GLU 35  ? C GLU 35  
112 1 Y 1 B GLY 36  ? C GLY 36  
113 1 Y 1 B GLY 101 ? C GLY 101 
114 1 Y 1 B LYS 102 ? C LYS 102 
115 1 Y 1 B ASN 103 ? C ASN 103 
116 1 Y 1 B GLU 104 ? C GLU 104 
117 1 Y 1 B GLU 105 ? C GLU 105 
118 1 Y 1 B GLY 106 ? C GLY 106 
119 1 Y 1 B ALA 107 ? C ALA 107 
120 1 Y 1 B PRO 108 ? C PRO 108 
121 1 Y 1 B GLN 109 ? C GLN 109 
122 1 Y 1 B GLU 110 ? C GLU 110 
123 1 Y 1 B GLY 111 ? C GLY 111 
124 1 Y 1 B ILE 112 ? C ILE 112 
125 1 Y 1 B LEU 113 ? C LEU 113 
126 1 Y 1 B GLU 114 ? C GLU 114 
127 1 Y 1 B ASP 115 ? C ASP 115 
128 1 Y 1 B MET 116 ? C MET 116 
129 1 Y 1 B PRO 117 ? C PRO 117 
130 1 Y 1 B VAL 118 ? C VAL 118 
131 1 Y 1 B ASP 119 ? C ASP 119 
132 1 Y 1 B PRO 120 ? C PRO 120 
133 1 Y 1 B ASP 121 ? C ASP 121 
134 1 Y 1 B ASN 122 ? C ASN 122 
135 1 Y 1 B GLU 123 ? C GLU 123 
136 1 Y 1 B ALA 124 ? C ALA 124 
137 1 Y 1 B TYR 125 ? C TYR 125 
138 1 Y 1 B GLU 126 ? C GLU 126 
139 1 Y 1 B MET 127 ? C MET 127 
140 1 Y 1 B PRO 128 ? C PRO 128 
141 1 Y 1 B SER 129 ? C SER 129 
142 1 Y 1 B GLU 130 ? C GLU 130 
143 1 Y 1 B GLU 131 ? C GLU 131 
144 1 Y 1 B GLY 132 ? C GLY 132 
145 1 Y 1 B TYR 133 ? C TYR 133 
146 1 Y 1 B GLN 134 ? C GLN 134 
147 1 Y 1 B ASP 135 ? C ASP 135 
148 1 Y 1 B TYR 136 ? C TYR 136 
149 1 Y 1 B GLU 137 ? C GLU 137 
150 1 Y 1 B PRO 138 ? C PRO 138 
151 1 Y 1 B GLU 139 ? C GLU 139 
152 1 Y 1 B ALA 140 ? C ALA 140 
153 1 Y 1 C MET 1   ? E MET 1   
154 1 Y 1 C ASP 2   ? E ASP 2   
155 1 Y 1 C VAL 3   ? E VAL 3   
156 1 Y 1 C PHE 4   ? E PHE 4   
157 1 Y 1 C MET 5   ? E MET 5   
158 1 Y 1 C LYS 6   ? E LYS 6   
159 1 Y 1 C GLY 7   ? E GLY 7   
160 1 Y 1 C LEU 8   ? E LEU 8   
161 1 Y 1 C SER 9   ? E SER 9   
162 1 Y 1 C LYS 10  ? E LYS 10  
163 1 Y 1 C ALA 11  ? E ALA 11  
164 1 Y 1 C LYS 12  ? E LYS 12  
165 1 Y 1 C GLU 13  ? E GLU 13  
166 1 Y 1 C GLY 14  ? E GLY 14  
167 1 Y 1 C VAL 15  ? E VAL 15  
168 1 Y 1 C VAL 16  ? E VAL 16  
169 1 Y 1 C ALA 17  ? E ALA 17  
170 1 Y 1 C ALA 18  ? E ALA 18  
171 1 Y 1 C ALA 19  ? E ALA 19  
172 1 Y 1 C GLU 20  ? E GLU 20  
173 1 Y 1 C LYS 21  ? E LYS 21  
174 1 Y 1 C THR 22  ? E THR 22  
175 1 Y 1 C LYS 23  ? E LYS 23  
176 1 Y 1 C GLN 24  ? E GLN 24  
177 1 Y 1 C GLY 25  ? E GLY 25  
178 1 Y 1 C VAL 26  ? E VAL 26  
179 1 Y 1 C ALA 27  ? E ALA 27  
180 1 Y 1 C GLU 28  ? E GLU 28  
181 1 Y 1 C ALA 29  ? E ALA 29  
182 1 Y 1 C ALA 30  ? E ALA 30  
183 1 Y 1 C GLY 31  ? E GLY 31  
184 1 Y 1 C LYS 32  ? E LYS 32  
185 1 Y 1 C THR 33  ? E THR 33  
186 1 Y 1 C LYS 34  ? E LYS 34  
187 1 Y 1 C GLU 35  ? E GLU 35  
188 1 Y 1 C GLY 36  ? E GLY 36  
189 1 Y 1 C GLY 101 ? E GLY 101 
190 1 Y 1 C LYS 102 ? E LYS 102 
191 1 Y 1 C ASN 103 ? E ASN 103 
192 1 Y 1 C GLU 104 ? E GLU 104 
193 1 Y 1 C GLU 105 ? E GLU 105 
194 1 Y 1 C GLY 106 ? E GLY 106 
195 1 Y 1 C ALA 107 ? E ALA 107 
196 1 Y 1 C PRO 108 ? E PRO 108 
197 1 Y 1 C GLN 109 ? E GLN 109 
198 1 Y 1 C GLU 110 ? E GLU 110 
199 1 Y 1 C GLY 111 ? E GLY 111 
200 1 Y 1 C ILE 112 ? E ILE 112 
201 1 Y 1 C LEU 113 ? E LEU 113 
202 1 Y 1 C GLU 114 ? E GLU 114 
203 1 Y 1 C ASP 115 ? E ASP 115 
204 1 Y 1 C MET 116 ? E MET 116 
205 1 Y 1 C PRO 117 ? E PRO 117 
206 1 Y 1 C VAL 118 ? E VAL 118 
207 1 Y 1 C ASP 119 ? E ASP 119 
208 1 Y 1 C PRO 120 ? E PRO 120 
209 1 Y 1 C ASP 121 ? E ASP 121 
210 1 Y 1 C ASN 122 ? E ASN 122 
211 1 Y 1 C GLU 123 ? E GLU 123 
212 1 Y 1 C ALA 124 ? E ALA 124 
213 1 Y 1 C TYR 125 ? E TYR 125 
214 1 Y 1 C GLU 126 ? E GLU 126 
215 1 Y 1 C MET 127 ? E MET 127 
216 1 Y 1 C PRO 128 ? E PRO 128 
217 1 Y 1 C SER 129 ? E SER 129 
218 1 Y 1 C GLU 130 ? E GLU 130 
219 1 Y 1 C GLU 131 ? E GLU 131 
220 1 Y 1 C GLY 132 ? E GLY 132 
221 1 Y 1 C TYR 133 ? E TYR 133 
222 1 Y 1 C GLN 134 ? E GLN 134 
223 1 Y 1 C ASP 135 ? E ASP 135 
224 1 Y 1 C TYR 136 ? E TYR 136 
225 1 Y 1 C GLU 137 ? E GLU 137 
226 1 Y 1 C PRO 138 ? E PRO 138 
227 1 Y 1 C GLU 139 ? E GLU 139 
228 1 Y 1 C ALA 140 ? E ALA 140 
# 
loop_
_chem_comp_atom.comp_id 
_chem_comp_atom.atom_id 
_chem_comp_atom.type_symbol 
_chem_comp_atom.pdbx_aromatic_flag 
_chem_comp_atom.pdbx_stereo_config 
_chem_comp_atom.pdbx_ordinal 
ALA N    N N N 1   
ALA CA   C N S 2   
ALA C    C N N 3   
ALA O    O N N 4   
ALA CB   C N N 5   
ALA OXT  O N N 6   
ALA H    H N N 7   
ALA H2   H N N 8   
ALA HA   H N N 9   
ALA HB1  H N N 10  
ALA HB2  H N N 11  
ALA HB3  H N N 12  
ALA HXT  H N N 13  
ASN N    N N N 14  
ASN CA   C N S 15  
ASN C    C N N 16  
ASN O    O N N 17  
ASN CB   C N N 18  
ASN CG   C N N 19  
ASN OD1  O N N 20  
ASN ND2  N N N 21  
ASN OXT  O N N 22  
ASN H    H N N 23  
ASN H2   H N N 24  
ASN HA   H N N 25  
ASN HB2  H N N 26  
ASN HB3  H N N 27  
ASN HD21 H N N 28  
ASN HD22 H N N 29  
ASN HXT  H N N 30  
ASP N    N N N 31  
ASP CA   C N S 32  
ASP C    C N N 33  
ASP O    O N N 34  
ASP CB   C N N 35  
ASP CG   C N N 36  
ASP OD1  O N N 37  
ASP OD2  O N N 38  
ASP OXT  O N N 39  
ASP H    H N N 40  
ASP H2   H N N 41  
ASP HA   H N N 42  
ASP HB2  H N N 43  
ASP HB3  H N N 44  
ASP HD2  H N N 45  
ASP HXT  H N N 46  
GLN N    N N N 47  
GLN CA   C N S 48  
GLN C    C N N 49  
GLN O    O N N 50  
GLN CB   C N N 51  
GLN CG   C N N 52  
GLN CD   C N N 53  
GLN OE1  O N N 54  
GLN NE2  N N N 55  
GLN OXT  O N N 56  
GLN H    H N N 57  
GLN H2   H N N 58  
GLN HA   H N N 59  
GLN HB2  H N N 60  
GLN HB3  H N N 61  
GLN HG2  H N N 62  
GLN HG3  H N N 63  
GLN HE21 H N N 64  
GLN HE22 H N N 65  
GLN HXT  H N N 66  
GLU N    N N N 67  
GLU CA   C N S 68  
GLU C    C N N 69  
GLU O    O N N 70  
GLU CB   C N N 71  
GLU CG   C N N 72  
GLU CD   C N N 73  
GLU OE1  O N N 74  
GLU OE2  O N N 75  
GLU OXT  O N N 76  
GLU H    H N N 77  
GLU H2   H N N 78  
GLU HA   H N N 79  
GLU HB2  H N N 80  
GLU HB3  H N N 81  
GLU HG2  H N N 82  
GLU HG3  H N N 83  
GLU HE2  H N N 84  
GLU HXT  H N N 85  
GLY N    N N N 86  
GLY CA   C N N 87  
GLY C    C N N 88  
GLY O    O N N 89  
GLY OXT  O N N 90  
GLY H    H N N 91  
GLY H2   H N N 92  
GLY HA2  H N N 93  
GLY HA3  H N N 94  
GLY HXT  H N N 95  
HIS N    N N N 96  
HIS CA   C N S 97  
HIS C    C N N 98  
HIS O    O N N 99  
HIS CB   C N N 100 
HIS CG   C Y N 101 
HIS ND1  N Y N 102 
HIS CD2  C Y N 103 
HIS CE1  C Y N 104 
HIS NE2  N Y N 105 
HIS OXT  O N N 106 
HIS H    H N N 107 
HIS H2   H N N 108 
HIS HA   H N N 109 
HIS HB2  H N N 110 
HIS HB3  H N N 111 
HIS HD1  H N N 112 
HIS HD2  H N N 113 
HIS HE1  H N N 114 
HIS HE2  H N N 115 
HIS HXT  H N N 116 
ILE N    N N N 117 
ILE CA   C N S 118 
ILE C    C N N 119 
ILE O    O N N 120 
ILE CB   C N S 121 
ILE CG1  C N N 122 
ILE CG2  C N N 123 
ILE CD1  C N N 124 
ILE OXT  O N N 125 
ILE H    H N N 126 
ILE H2   H N N 127 
ILE HA   H N N 128 
ILE HB   H N N 129 
ILE HG12 H N N 130 
ILE HG13 H N N 131 
ILE HG21 H N N 132 
ILE HG22 H N N 133 
ILE HG23 H N N 134 
ILE HD11 H N N 135 
ILE HD12 H N N 136 
ILE HD13 H N N 137 
ILE HXT  H N N 138 
LEU N    N N N 139 
LEU CA   C N S 140 
LEU C    C N N 141 
LEU O    O N N 142 
LEU CB   C N N 143 
LEU CG   C N N 144 
LEU CD1  C N N 145 
LEU CD2  C N N 146 
LEU OXT  O N N 147 
LEU H    H N N 148 
LEU H2   H N N 149 
LEU HA   H N N 150 
LEU HB2  H N N 151 
LEU HB3  H N N 152 
LEU HG   H N N 153 
LEU HD11 H N N 154 
LEU HD12 H N N 155 
LEU HD13 H N N 156 
LEU HD21 H N N 157 
LEU HD22 H N N 158 
LEU HD23 H N N 159 
LEU HXT  H N N 160 
LYS N    N N N 161 
LYS CA   C N S 162 
LYS C    C N N 163 
LYS O    O N N 164 
LYS CB   C N N 165 
LYS CG   C N N 166 
LYS CD   C N N 167 
LYS CE   C N N 168 
LYS NZ   N N N 169 
LYS OXT  O N N 170 
LYS H    H N N 171 
LYS H2   H N N 172 
LYS HA   H N N 173 
LYS HB2  H N N 174 
LYS HB3  H N N 175 
LYS HG2  H N N 176 
LYS HG3  H N N 177 
LYS HD2  H N N 178 
LYS HD3  H N N 179 
LYS HE2  H N N 180 
LYS HE3  H N N 181 
LYS HZ1  H N N 182 
LYS HZ2  H N N 183 
LYS HZ3  H N N 184 
LYS HXT  H N N 185 
MET N    N N N 186 
MET CA   C N S 187 
MET C    C N N 188 
MET O    O N N 189 
MET CB   C N N 190 
MET CG   C N N 191 
MET SD   S N N 192 
MET CE   C N N 193 
MET OXT  O N N 194 
MET H    H N N 195 
MET H2   H N N 196 
MET HA   H N N 197 
MET HB2  H N N 198 
MET HB3  H N N 199 
MET HG2  H N N 200 
MET HG3  H N N 201 
MET HE1  H N N 202 
MET HE2  H N N 203 
MET HE3  H N N 204 
MET HXT  H N N 205 
PHE N    N N N 206 
PHE CA   C N S 207 
PHE C    C N N 208 
PHE O    O N N 209 
PHE CB   C N N 210 
PHE CG   C Y N 211 
PHE CD1  C Y N 212 
PHE CD2  C Y N 213 
PHE CE1  C Y N 214 
PHE CE2  C Y N 215 
PHE CZ   C Y N 216 
PHE OXT  O N N 217 
PHE H    H N N 218 
PHE H2   H N N 219 
PHE HA   H N N 220 
PHE HB2  H N N 221 
PHE HB3  H N N 222 
PHE HD1  H N N 223 
PHE HD2  H N N 224 
PHE HE1  H N N 225 
PHE HE2  H N N 226 
PHE HZ   H N N 227 
PHE HXT  H N N 228 
PRO N    N N N 229 
PRO CA   C N S 230 
PRO C    C N N 231 
PRO O    O N N 232 
PRO CB   C N N 233 
PRO CG   C N N 234 
PRO CD   C N N 235 
PRO OXT  O N N 236 
PRO H    H N N 237 
PRO HA   H N N 238 
PRO HB2  H N N 239 
PRO HB3  H N N 240 
PRO HG2  H N N 241 
PRO HG3  H N N 242 
PRO HD2  H N N 243 
PRO HD3  H N N 244 
PRO HXT  H N N 245 
SER N    N N N 246 
SER CA   C N S 247 
SER C    C N N 248 
SER O    O N N 249 
SER CB   C N N 250 
SER OG   O N N 251 
SER OXT  O N N 252 
SER H    H N N 253 
SER H2   H N N 254 
SER HA   H N N 255 
SER HB2  H N N 256 
SER HB3  H N N 257 
SER HG   H N N 258 
SER HXT  H N N 259 
THR N    N N N 260 
THR CA   C N S 261 
THR C    C N N 262 
THR O    O N N 263 
THR CB   C N R 264 
THR OG1  O N N 265 
THR CG2  C N N 266 
THR OXT  O N N 267 
THR H    H N N 268 
THR H2   H N N 269 
THR HA   H N N 270 
THR HB   H N N 271 
THR HG1  H N N 272 
THR HG21 H N N 273 
THR HG22 H N N 274 
THR HG23 H N N 275 
THR HXT  H N N 276 
TYR N    N N N 277 
TYR CA   C N S 278 
TYR C    C N N 279 
TYR O    O N N 280 
TYR CB   C N N 281 
TYR CG   C Y N 282 
TYR CD1  C Y N 283 
TYR CD2  C Y N 284 
TYR CE1  C Y N 285 
TYR CE2  C Y N 286 
TYR CZ   C Y N 287 
TYR OH   O N N 288 
TYR OXT  O N N 289 
TYR H    H N N 290 
TYR H2   H N N 291 
TYR HA   H N N 292 
TYR HB2  H N N 293 
TYR HB3  H N N 294 
TYR HD1  H N N 295 
TYR HD2  H N N 296 
TYR HE1  H N N 297 
TYR HE2  H N N 298 
TYR HH   H N N 299 
TYR HXT  H N N 300 
VAL N    N N N 301 
VAL CA   C N S 302 
VAL C    C N N 303 
VAL O    O N N 304 
VAL CB   C N N 305 
VAL CG1  C N N 306 
VAL CG2  C N N 307 
VAL OXT  O N N 308 
VAL H    H N N 309 
VAL H2   H N N 310 
VAL HA   H N N 311 
VAL HB   H N N 312 
VAL HG11 H N N 313 
VAL HG12 H N N 314 
VAL HG13 H N N 315 
VAL HG21 H N N 316 
VAL HG22 H N N 317 
VAL HG23 H N N 318 
VAL HXT  H N N 319 
# 
loop_
_chem_comp_bond.comp_id 
_chem_comp_bond.atom_id_1 
_chem_comp_bond.atom_id_2 
_chem_comp_bond.value_order 
_chem_comp_bond.pdbx_aromatic_flag 
_chem_comp_bond.pdbx_stereo_config 
_chem_comp_bond.pdbx_ordinal 
ALA N   CA   sing N N 1   
ALA N   H    sing N N 2   
ALA N   H2   sing N N 3   
ALA CA  C    sing N N 4   
ALA CA  CB   sing N N 5   
ALA CA  HA   sing N N 6   
ALA C   O    doub N N 7   
ALA C   OXT  sing N N 8   
ALA CB  HB1  sing N N 9   
ALA CB  HB2  sing N N 10  
ALA CB  HB3  sing N N 11  
ALA OXT HXT  sing N N 12  
ASN N   CA   sing N N 13  
ASN N   H    sing N N 14  
ASN N   H2   sing N N 15  
ASN CA  C    sing N N 16  
ASN CA  CB   sing N N 17  
ASN CA  HA   sing N N 18  
ASN C   O    doub N N 19  
ASN C   OXT  sing N N 20  
ASN CB  CG   sing N N 21  
ASN CB  HB2  sing N N 22  
ASN CB  HB3  sing N N 23  
ASN CG  OD1  doub N N 24  
ASN CG  ND2  sing N N 25  
ASN ND2 HD21 sing N N 26  
ASN ND2 HD22 sing N N 27  
ASN OXT HXT  sing N N 28  
ASP N   CA   sing N N 29  
ASP N   H    sing N N 30  
ASP N   H2   sing N N 31  
ASP CA  C    sing N N 32  
ASP CA  CB   sing N N 33  
ASP CA  HA   sing N N 34  
ASP C   O    doub N N 35  
ASP C   OXT  sing N N 36  
ASP CB  CG   sing N N 37  
ASP CB  HB2  sing N N 38  
ASP CB  HB3  sing N N 39  
ASP CG  OD1  doub N N 40  
ASP CG  OD2  sing N N 41  
ASP OD2 HD2  sing N N 42  
ASP OXT HXT  sing N N 43  
GLN N   CA   sing N N 44  
GLN N   H    sing N N 45  
GLN N   H2   sing N N 46  
GLN CA  C    sing N N 47  
GLN CA  CB   sing N N 48  
GLN CA  HA   sing N N 49  
GLN C   O    doub N N 50  
GLN C   OXT  sing N N 51  
GLN CB  CG   sing N N 52  
GLN CB  HB2  sing N N 53  
GLN CB  HB3  sing N N 54  
GLN CG  CD   sing N N 55  
GLN CG  HG2  sing N N 56  
GLN CG  HG3  sing N N 57  
GLN CD  OE1  doub N N 58  
GLN CD  NE2  sing N N 59  
GLN NE2 HE21 sing N N 60  
GLN NE2 HE22 sing N N 61  
GLN OXT HXT  sing N N 62  
GLU N   CA   sing N N 63  
GLU N   H    sing N N 64  
GLU N   H2   sing N N 65  
GLU CA  C    sing N N 66  
GLU CA  CB   sing N N 67  
GLU CA  HA   sing N N 68  
GLU C   O    doub N N 69  
GLU C   OXT  sing N N 70  
GLU CB  CG   sing N N 71  
GLU CB  HB2  sing N N 72  
GLU CB  HB3  sing N N 73  
GLU CG  CD   sing N N 74  
GLU CG  HG2  sing N N 75  
GLU CG  HG3  sing N N 76  
GLU CD  OE1  doub N N 77  
GLU CD  OE2  sing N N 78  
GLU OE2 HE2  sing N N 79  
GLU OXT HXT  sing N N 80  
GLY N   CA   sing N N 81  
GLY N   H    sing N N 82  
GLY N   H2   sing N N 83  
GLY CA  C    sing N N 84  
GLY CA  HA2  sing N N 85  
GLY CA  HA3  sing N N 86  
GLY C   O    doub N N 87  
GLY C   OXT  sing N N 88  
GLY OXT HXT  sing N N 89  
HIS N   CA   sing N N 90  
HIS N   H    sing N N 91  
HIS N   H2   sing N N 92  
HIS CA  C    sing N N 93  
HIS CA  CB   sing N N 94  
HIS CA  HA   sing N N 95  
HIS C   O    doub N N 96  
HIS C   OXT  sing N N 97  
HIS CB  CG   sing N N 98  
HIS CB  HB2  sing N N 99  
HIS CB  HB3  sing N N 100 
HIS CG  ND1  sing Y N 101 
HIS CG  CD2  doub Y N 102 
HIS ND1 CE1  doub Y N 103 
HIS ND1 HD1  sing N N 104 
HIS CD2 NE2  sing Y N 105 
HIS CD2 HD2  sing N N 106 
HIS CE1 NE2  sing Y N 107 
HIS CE1 HE1  sing N N 108 
HIS NE2 HE2  sing N N 109 
HIS OXT HXT  sing N N 110 
ILE N   CA   sing N N 111 
ILE N   H    sing N N 112 
ILE N   H2   sing N N 113 
ILE CA  C    sing N N 114 
ILE CA  CB   sing N N 115 
ILE CA  HA   sing N N 116 
ILE C   O    doub N N 117 
ILE C   OXT  sing N N 118 
ILE CB  CG1  sing N N 119 
ILE CB  CG2  sing N N 120 
ILE CB  HB   sing N N 121 
ILE CG1 CD1  sing N N 122 
ILE CG1 HG12 sing N N 123 
ILE CG1 HG13 sing N N 124 
ILE CG2 HG21 sing N N 125 
ILE CG2 HG22 sing N N 126 
ILE CG2 HG23 sing N N 127 
ILE CD1 HD11 sing N N 128 
ILE CD1 HD12 sing N N 129 
ILE CD1 HD13 sing N N 130 
ILE OXT HXT  sing N N 131 
LEU N   CA   sing N N 132 
LEU N   H    sing N N 133 
LEU N   H2   sing N N 134 
LEU CA  C    sing N N 135 
LEU CA  CB   sing N N 136 
LEU CA  HA   sing N N 137 
LEU C   O    doub N N 138 
LEU C   OXT  sing N N 139 
LEU CB  CG   sing N N 140 
LEU CB  HB2  sing N N 141 
LEU CB  HB3  sing N N 142 
LEU CG  CD1  sing N N 143 
LEU CG  CD2  sing N N 144 
LEU CG  HG   sing N N 145 
LEU CD1 HD11 sing N N 146 
LEU CD1 HD12 sing N N 147 
LEU CD1 HD13 sing N N 148 
LEU CD2 HD21 sing N N 149 
LEU CD2 HD22 sing N N 150 
LEU CD2 HD23 sing N N 151 
LEU OXT HXT  sing N N 152 
LYS N   CA   sing N N 153 
LYS N   H    sing N N 154 
LYS N   H2   sing N N 155 
LYS CA  C    sing N N 156 
LYS CA  CB   sing N N 157 
LYS CA  HA   sing N N 158 
LYS C   O    doub N N 159 
LYS C   OXT  sing N N 160 
LYS CB  CG   sing N N 161 
LYS CB  HB2  sing N N 162 
LYS CB  HB3  sing N N 163 
LYS CG  CD   sing N N 164 
LYS CG  HG2  sing N N 165 
LYS CG  HG3  sing N N 166 
LYS CD  CE   sing N N 167 
LYS CD  HD2  sing N N 168 
LYS CD  HD3  sing N N 169 
LYS CE  NZ   sing N N 170 
LYS CE  HE2  sing N N 171 
LYS CE  HE3  sing N N 172 
LYS NZ  HZ1  sing N N 173 
LYS NZ  HZ2  sing N N 174 
LYS NZ  HZ3  sing N N 175 
LYS OXT HXT  sing N N 176 
MET N   CA   sing N N 177 
MET N   H    sing N N 178 
MET N   H2   sing N N 179 
MET CA  C    sing N N 180 
MET CA  CB   sing N N 181 
MET CA  HA   sing N N 182 
MET C   O    doub N N 183 
MET C   OXT  sing N N 184 
MET CB  CG   sing N N 185 
MET CB  HB2  sing N N 186 
MET CB  HB3  sing N N 187 
MET CG  SD   sing N N 188 
MET CG  HG2  sing N N 189 
MET CG  HG3  sing N N 190 
MET SD  CE   sing N N 191 
MET CE  HE1  sing N N 192 
MET CE  HE2  sing N N 193 
MET CE  HE3  sing N N 194 
MET OXT HXT  sing N N 195 
PHE N   CA   sing N N 196 
PHE N   H    sing N N 197 
PHE N   H2   sing N N 198 
PHE CA  C    sing N N 199 
PHE CA  CB   sing N N 200 
PHE CA  HA   sing N N 201 
PHE C   O    doub N N 202 
PHE C   OXT  sing N N 203 
PHE CB  CG   sing N N 204 
PHE CB  HB2  sing N N 205 
PHE CB  HB3  sing N N 206 
PHE CG  CD1  doub Y N 207 
PHE CG  CD2  sing Y N 208 
PHE CD1 CE1  sing Y N 209 
PHE CD1 HD1  sing N N 210 
PHE CD2 CE2  doub Y N 211 
PHE CD2 HD2  sing N N 212 
PHE CE1 CZ   doub Y N 213 
PHE CE1 HE1  sing N N 214 
PHE CE2 CZ   sing Y N 215 
PHE CE2 HE2  sing N N 216 
PHE CZ  HZ   sing N N 217 
PHE OXT HXT  sing N N 218 
PRO N   CA   sing N N 219 
PRO N   CD   sing N N 220 
PRO N   H    sing N N 221 
PRO CA  C    sing N N 222 
PRO CA  CB   sing N N 223 
PRO CA  HA   sing N N 224 
PRO C   O    doub N N 225 
PRO C   OXT  sing N N 226 
PRO CB  CG   sing N N 227 
PRO CB  HB2  sing N N 228 
PRO CB  HB3  sing N N 229 
PRO CG  CD   sing N N 230 
PRO CG  HG2  sing N N 231 
PRO CG  HG3  sing N N 232 
PRO CD  HD2  sing N N 233 
PRO CD  HD3  sing N N 234 
PRO OXT HXT  sing N N 235 
SER N   CA   sing N N 236 
SER N   H    sing N N 237 
SER N   H2   sing N N 238 
SER CA  C    sing N N 239 
SER CA  CB   sing N N 240 
SER CA  HA   sing N N 241 
SER C   O    doub N N 242 
SER C   OXT  sing N N 243 
SER CB  OG   sing N N 244 
SER CB  HB2  sing N N 245 
SER CB  HB3  sing N N 246 
SER OG  HG   sing N N 247 
SER OXT HXT  sing N N 248 
THR N   CA   sing N N 249 
THR N   H    sing N N 250 
THR N   H2   sing N N 251 
THR CA  C    sing N N 252 
THR CA  CB   sing N N 253 
THR CA  HA   sing N N 254 
THR C   O    doub N N 255 
THR C   OXT  sing N N 256 
THR CB  OG1  sing N N 257 
THR CB  CG2  sing N N 258 
THR CB  HB   sing N N 259 
THR OG1 HG1  sing N N 260 
THR CG2 HG21 sing N N 261 
THR CG2 HG22 sing N N 262 
THR CG2 HG23 sing N N 263 
THR OXT HXT  sing N N 264 
TYR N   CA   sing N N 265 
TYR N   H    sing N N 266 
TYR N   H2   sing N N 267 
TYR CA  C    sing N N 268 
TYR CA  CB   sing N N 269 
TYR CA  HA   sing N N 270 
TYR C   O    doub N N 271 
TYR C   OXT  sing N N 272 
TYR CB  CG   sing N N 273 
TYR CB  HB2  sing N N 274 
TYR CB  HB3  sing N N 275 
TYR CG  CD1  doub Y N 276 
TYR CG  CD2  sing Y N 277 
TYR CD1 CE1  sing Y N 278 
TYR CD1 HD1  sing N N 279 
TYR CD2 CE2  doub Y N 280 
TYR CD2 HD2  sing N N 281 
TYR CE1 CZ   doub Y N 282 
TYR CE1 HE1  sing N N 283 
TYR CE2 CZ   sing Y N 284 
TYR CE2 HE2  sing N N 285 
TYR CZ  OH   sing N N 286 
TYR OH  HH   sing N N 287 
TYR OXT HXT  sing N N 288 
VAL N   CA   sing N N 289 
VAL N   H    sing N N 290 
VAL N   H2   sing N N 291 
VAL CA  C    sing N N 292 
VAL CA  CB   sing N N 293 
VAL CA  HA   sing N N 294 
VAL C   O    doub N N 295 
VAL C   OXT  sing N N 296 
VAL CB  CG1  sing N N 297 
VAL CB  CG2  sing N N 298 
VAL CB  HB   sing N N 299 
VAL CG1 HG11 sing N N 300 
VAL CG1 HG12 sing N N 301 
VAL CG1 HG13 sing N N 302 
VAL CG2 HG21 sing N N 303 
VAL CG2 HG22 sing N N 304 
VAL CG2 HG23 sing N N 305 
VAL OXT HXT  sing N N 306 
# 
_em_admin.current_status     REL 
_em_admin.deposition_date    2024-09-02 
_em_admin.deposition_site    PDBJ 
_em_admin.entry_id           9JE4 
_em_admin.last_update        2025-09-24 
_em_admin.map_release_date   2025-09-24 
_em_admin.title              'The cryo-EM structure of Ac-E57A_G51DA53T a-syn fibril.' 
# 
_em_ctf_correction.details                  ? 
_em_ctf_correction.em_image_processing_id   1 
_em_ctf_correction.id                       1 
_em_ctf_correction.type                     NONE 
# 
_em_entity_assembly_naturalsource.cell                 ? 
_em_entity_assembly_naturalsource.cellular_location    ? 
_em_entity_assembly_naturalsource.entity_assembly_id   1 
_em_entity_assembly_naturalsource.id                   2 
_em_entity_assembly_naturalsource.ncbi_tax_id          9606 
_em_entity_assembly_naturalsource.organism             'Homo sapiens' 
_em_entity_assembly_naturalsource.organelle            ? 
_em_entity_assembly_naturalsource.organ                ? 
_em_entity_assembly_naturalsource.strain               ? 
_em_entity_assembly_naturalsource.tissue               ? 
_em_entity_assembly_naturalsource.details              ? 
# 
_em_entity_assembly_recombinant.cell                 ? 
_em_entity_assembly_recombinant.entity_assembly_id   1 
_em_entity_assembly_recombinant.id                   2 
_em_entity_assembly_recombinant.ncbi_tax_id          562 
_em_entity_assembly_recombinant.organism             'Escherichia coli' 
_em_entity_assembly_recombinant.plasmid              ? 
_em_entity_assembly_recombinant.strain               ? 
# 
_em_helical_entity.id                             1 
_em_helical_entity.image_processing_id            1 
_em_helical_entity.details                        ? 
_em_helical_entity.axial_symmetry                 C1 
_em_helical_entity.angular_rotation_per_subunit   -1.0823 
_em_helical_entity.axial_rise_per_subunit         4.80066 
# 
_em_image_processing.details              ? 
_em_image_processing.id                   1 
_em_image_processing.image_recording_id   1 
# 
_em_image_recording.average_exposure_time               ? 
_em_image_recording.avg_electron_dose_per_subtomogram   ? 
_em_image_recording.avg_electron_dose_per_image         55 
_em_image_recording.details                             ? 
_em_image_recording.detector_mode                       ? 
_em_image_recording.film_or_detector_model              'GATAN K3 BIOCONTINUUM (6k x 4k)' 
_em_image_recording.id                                  1 
_em_image_recording.imaging_id                          1 
_em_image_recording.num_diffraction_images              ? 
_em_image_recording.num_grids_imaged                    ? 
_em_image_recording.num_real_images                     ? 
# 
loop_
_em_software.category 
_em_software.details 
_em_software.id 
_em_software.image_processing_id 
_em_software.fitting_id 
_em_software.imaging_id 
_em_software.name 
_em_software.version 
'PARTICLE SELECTION'       ? 1  1 ? ? ? ? 
'IMAGE ACQUISITION'        ? 2  ? ? 1 ? ? 
MASKING                    ? 3  ? ? ? ? ? 
'CTF CORRECTION'           ? 4  1 ? ? ? ? 
'LAYERLINE INDEXING'       ? 5  ? ? ? ? ? 
'DIFFRACTION INDEXING'     ? 6  ? ? ? ? ? 
'MODEL FITTING'            ? 7  ? ? ? ? ? 
'MODEL REFINEMENT'         ? 8  ? ? ? ? ? 
OTHER                      ? 9  ? ? ? ? ? 
'INITIAL EULER ASSIGNMENT' ? 10 1 ? ? ? ? 
'FINAL EULER ASSIGNMENT'   ? 11 1 ? ? ? ? 
CLASSIFICATION             ? 12 1 ? ? ? ? 
RECONSTRUCTION             ? 13 1 ? ? ? ? 
# 
_em_specimen.concentration           ? 
_em_specimen.details                 ? 
_em_specimen.embedding_applied       NO 
_em_specimen.experiment_id           1 
_em_specimen.id                      1 
_em_specimen.shadowing_applied       NO 
_em_specimen.staining_applied        NO 
_em_specimen.vitrification_applied   YES 
# 
_pdbx_audit_support.funding_organization   'Not funded' 
_pdbx_audit_support.country                ? 
_pdbx_audit_support.grant_number           ? 
_pdbx_audit_support.ordinal                1 
# 
_atom_sites.entry_id                    9JE4 
_atom_sites.Cartn_transf_matrix[1][1]   ? 
_atom_sites.Cartn_transf_matrix[1][2]   ? 
_atom_sites.Cartn_transf_matrix[1][3]   ? 
_atom_sites.Cartn_transf_matrix[2][1]   ? 
_atom_sites.Cartn_transf_matrix[2][2]   ? 
_atom_sites.Cartn_transf_matrix[2][3]   ? 
_atom_sites.Cartn_transf_matrix[3][1]   ? 
_atom_sites.Cartn_transf_matrix[3][2]   ? 
_atom_sites.Cartn_transf_matrix[3][3]   ? 
_atom_sites.Cartn_transf_vector[1]      ? 
_atom_sites.Cartn_transf_vector[2]      ? 
_atom_sites.Cartn_transf_vector[3]      ? 
_atom_sites.Cartn_transform_axes        ? 
_atom_sites.fract_transf_matrix[1][1]   1.000000 
_atom_sites.fract_transf_matrix[1][2]   0.000000 
_atom_sites.fract_transf_matrix[1][3]   0.000000 
_atom_sites.fract_transf_matrix[2][1]   0.000000 
_atom_sites.fract_transf_matrix[2][2]   1.000000 
_atom_sites.fract_transf_matrix[2][3]   0.000000 
_atom_sites.fract_transf_matrix[3][1]   0.000000 
_atom_sites.fract_transf_matrix[3][2]   0.000000 
_atom_sites.fract_transf_matrix[3][3]   1.000000 
_atom_sites.fract_transf_vector[1]      0.00000 
_atom_sites.fract_transf_vector[2]      0.00000 
_atom_sites.fract_transf_vector[3]      0.00000 
_atom_sites.solution_primary            ? 
_atom_sites.solution_secondary          ? 
_atom_sites.solution_hydrogens          ? 
_atom_sites.special_details             ? 
# 
loop_
_atom_type.symbol 
C 
N 
O 
# 
loop_
_atom_site.group_PDB 
_atom_site.id 
_atom_site.type_symbol 
_atom_site.label_atom_id 
_atom_site.label_alt_id 
_atom_site.label_comp_id 
_atom_site.label_asym_id 
_atom_site.label_entity_id 
_atom_site.label_seq_id 
_atom_site.pdbx_PDB_ins_code 
_atom_site.Cartn_x 
_atom_site.Cartn_y 
_atom_site.Cartn_z 
_atom_site.occupancy 
_atom_site.B_iso_or_equiv 
_atom_site.pdbx_formal_charge 
_atom_site.auth_seq_id 
_atom_site.auth_comp_id 
_atom_site.auth_asym_id 
_atom_site.auth_atom_id 
_atom_site.pdbx_PDB_model_num 
ATOM 1    N N   . VAL A 1 37  ? 2.018   -22.662 32.353  1.00 105.07 ? 37  VAL A N   1 
ATOM 2    C CA  . VAL A 1 37  ? 0.829   -22.030 31.792  1.00 105.07 ? 37  VAL A CA  1 
ATOM 3    C C   . VAL A 1 37  ? 1.149   -20.639 31.257  1.00 105.07 ? 37  VAL A C   1 
ATOM 4    O O   . VAL A 1 37  ? 0.404   -19.690 31.486  1.00 105.07 ? 37  VAL A O   1 
ATOM 5    C CB  . VAL A 1 37  ? -0.273  -21.956 32.835  1.00 105.07 ? 37  VAL A CB  1 
ATOM 6    N N   . LEU A 1 38  ? 2.277   -20.518 30.562  1.00 104.22 ? 38  LEU A N   1 
ATOM 7    C CA  . LEU A 1 38  ? 2.641   -19.253 29.941  1.00 104.22 ? 38  LEU A CA  1 
ATOM 8    C C   . LEU A 1 38  ? 1.855   -19.044 28.651  1.00 104.22 ? 38  LEU A C   1 
ATOM 9    O O   . LEU A 1 38  ? 1.532   -20.011 27.955  1.00 104.22 ? 38  LEU A O   1 
ATOM 10   C CB  . LEU A 1 38  ? 4.146   -19.198 29.668  1.00 104.22 ? 38  LEU A CB  1 
ATOM 11   C CG  . LEU A 1 38  ? 5.077   -18.999 30.867  1.00 104.22 ? 38  LEU A CG  1 
ATOM 12   C CD1 . LEU A 1 38  ? 5.322   -20.303 31.616  1.00 104.22 ? 38  LEU A CD1 1 
ATOM 13   C CD2 . LEU A 1 38  ? 6.393   -18.380 30.421  1.00 104.22 ? 38  LEU A CD2 1 
ATOM 14   N N   . TYR A 1 39  ? 1.548   -17.787 28.336  1.00 99.10  ? 39  TYR A N   1 
ATOM 15   C CA  . TYR A 1 39  ? 0.927   -17.401 27.069  1.00 99.10  ? 39  TYR A CA  1 
ATOM 16   C C   . TYR A 1 39  ? -0.353  -18.187 26.797  1.00 99.10  ? 39  TYR A C   1 
ATOM 17   O O   . TYR A 1 39  ? -0.683  -18.517 25.656  1.00 99.10  ? 39  TYR A O   1 
ATOM 18   C CB  . TYR A 1 39  ? 1.911   -17.556 25.912  1.00 99.10  ? 39  TYR A CB  1 
ATOM 19   C CG  . TYR A 1 39  ? 3.077   -16.598 25.956  1.00 99.10  ? 39  TYR A CG  1 
ATOM 20   C CD1 . TYR A 1 39  ? 3.091   -15.459 25.164  1.00 99.10  ? 39  TYR A CD1 1 
ATOM 21   C CD2 . TYR A 1 39  ? 4.167   -16.836 26.780  1.00 99.10  ? 39  TYR A CD2 1 
ATOM 22   C CE1 . TYR A 1 39  ? 4.154   -14.581 25.196  1.00 99.10  ? 39  TYR A CE1 1 
ATOM 23   C CE2 . TYR A 1 39  ? 5.235   -15.963 26.819  1.00 99.10  ? 39  TYR A CE2 1 
ATOM 24   C CZ  . TYR A 1 39  ? 5.224   -14.836 26.026  1.00 99.10  ? 39  TYR A CZ  1 
ATOM 25   O OH  . TYR A 1 39  ? 6.286   -13.962 26.059  1.00 99.10  ? 39  TYR A OH  1 
ATOM 26   N N   . VAL A 1 40  ? -1.086  -18.494 27.872  1.00 98.90  ? 40  VAL A N   1 
ATOM 27   C CA  . VAL A 1 40  ? -2.381  -19.153 27.718  1.00 98.90  ? 40  VAL A CA  1 
ATOM 28   C C   . VAL A 1 40  ? -3.331  -18.278 26.911  1.00 98.90  ? 40  VAL A C   1 
ATOM 29   O O   . VAL A 1 40  ? -4.272  -18.776 26.281  1.00 98.90  ? 40  VAL A O   1 
ATOM 30   C CB  . VAL A 1 40  ? -2.959  -19.516 29.103  1.00 98.90  ? 40  VAL A CB  1 
ATOM 31   C CG1 . VAL A 1 40  ? -4.373  -20.069 28.989  1.00 98.90  ? 40  VAL A CG1 1 
ATOM 32   C CG2 . VAL A 1 40  ? -2.067  -20.531 29.788  1.00 98.90  ? 40  VAL A CG2 1 
ATOM 33   N N   . GLY A 1 41  ? -3.079  -16.970 26.876  1.00 94.12  ? 41  GLY A N   1 
ATOM 34   C CA  . GLY A 1 41  ? -3.907  -16.068 26.110  1.00 94.12  ? 41  GLY A CA  1 
ATOM 35   C C   . GLY A 1 41  ? -3.196  -15.635 24.843  1.00 94.12  ? 41  GLY A C   1 
ATOM 36   O O   . GLY A 1 41  ? -2.118  -16.128 24.507  1.00 94.12  ? 41  GLY A O   1 
ATOM 37   N N   . SER A 1 42  ? -3.827  -14.694 24.149  1.00 87.02  ? 42  SER A N   1 
ATOM 38   C CA  . SER A 1 42  ? -3.337  -14.257 22.851  1.00 87.02  ? 42  SER A CA  1 
ATOM 39   C C   . SER A 1 42  ? -2.080  -13.408 22.984  1.00 87.02  ? 42  SER A C   1 
ATOM 40   O O   . SER A 1 42  ? -1.884  -12.710 23.983  1.00 87.02  ? 42  SER A O   1 
ATOM 41   C CB  . SER A 1 42  ? -4.432  -13.466 22.133  1.00 87.02  ? 42  SER A CB  1 
ATOM 42   O OG  . SER A 1 42  ? -5.563  -14.276 21.877  1.00 87.02  ? 42  SER A OG  1 
ATOM 43   N N   . LYS A 1 43  ? -1.221  -13.494 21.975  1.00 77.64  ? 43  LYS A N   1 
ATOM 44   C CA  . LYS A 1 43  ? -0.199  -12.493 21.698  1.00 77.64  ? 43  LYS A CA  1 
ATOM 45   C C   . LYS A 1 43  ? -0.181  -12.296 20.190  1.00 77.64  ? 43  LYS A C   1 
ATOM 46   O O   . LYS A 1 43  ? 0.585   -12.956 19.481  1.00 77.64  ? 43  LYS A O   1 
ATOM 47   C CB  . LYS A 1 43  ? 1.172   -12.930 22.215  1.00 77.64  ? 43  LYS A CB  1 
ATOM 48   C CG  . LYS A 1 43  ? 2.309   -11.992 21.841  1.00 77.64  ? 43  LYS A CG  1 
ATOM 49   C CD  . LYS A 1 43  ? 3.652   -12.531 22.303  1.00 77.64  ? 43  LYS A CD  1 
ATOM 50   C CE  . LYS A 1 43  ? 4.799   -11.752 21.681  1.00 77.64  ? 43  LYS A CE  1 
ATOM 51   N NZ  . LYS A 1 43  ? 6.118   -12.162 22.238  1.00 77.64  ? 43  LYS A NZ  1 
ATOM 52   N N   . THR A 1 44  ? -1.031  -11.395 19.702  1.00 68.93  ? 44  THR A N   1 
ATOM 53   C CA  . THR A 1 44  ? -1.330  -11.343 18.280  1.00 68.93  ? 44  THR A CA  1 
ATOM 54   C C   . THR A 1 44  ? -1.124  -9.936  17.748  1.00 68.93  ? 44  THR A C   1 
ATOM 55   O O   . THR A 1 44  ? -0.836  -9.003  18.501  1.00 68.93  ? 44  THR A O   1 
ATOM 56   C CB  . THR A 1 44  ? -2.769  -11.784 17.985  1.00 68.93  ? 44  THR A CB  1 
ATOM 57   O OG1 . THR A 1 44  ? -3.667  -10.704 18.265  1.00 68.93  ? 44  THR A OG1 1 
ATOM 58   C CG2 . THR A 1 44  ? -3.154  -12.984 18.826  1.00 68.93  ? 44  THR A CG2 1 
ATOM 59   N N   . LYS A 1 45  ? -1.269  -9.805  16.432  1.00 60.42  ? 45  LYS A N   1 
ATOM 60   C CA  . LYS A 1 45  ? -1.255  -8.524  15.739  1.00 60.42  ? 45  LYS A CA  1 
ATOM 61   C C   . LYS A 1 45  ? -2.313  -8.585  14.651  1.00 60.42  ? 45  LYS A C   1 
ATOM 62   O O   . LYS A 1 45  ? -2.130  -9.279  13.646  1.00 60.42  ? 45  LYS A O   1 
ATOM 63   C CB  . LYS A 1 45  ? 0.122   -8.221  15.136  1.00 60.42  ? 45  LYS A CB  1 
ATOM 64   C CG  . LYS A 1 45  ? 1.300   -8.575  16.029  1.00 60.42  ? 45  LYS A CG  1 
ATOM 65   C CD  . LYS A 1 45  ? 2.623   -8.207  15.384  1.00 60.42  ? 45  LYS A CD  1 
ATOM 66   C CE  . LYS A 1 45  ? 2.826   -6.706  15.362  1.00 60.42  ? 45  LYS A CE  1 
ATOM 67   N NZ  . LYS A 1 45  ? 4.254   -6.357  15.137  1.00 60.42  ? 45  LYS A NZ  1 
ATOM 68   N N   . GLU A 1 46  ? -3.417  -7.871  14.849  1.00 62.02  ? 46  GLU A N   1 
ATOM 69   C CA  . GLU A 1 46  ? -4.540  -7.893  13.925  1.00 62.02  ? 46  GLU A CA  1 
ATOM 70   C C   . GLU A 1 46  ? -4.707  -6.522  13.289  1.00 62.02  ? 46  GLU A C   1 
ATOM 71   O O   . GLU A 1 46  ? -4.871  -5.519  13.988  1.00 62.02  ? 46  GLU A O   1 
ATOM 72   C CB  . GLU A 1 46  ? -5.828  -8.304  14.640  1.00 62.02  ? 46  GLU A CB  1 
ATOM 73   C CG  . GLU A 1 46  ? -5.676  -9.550  15.497  1.00 62.02  ? 46  GLU A CG  1 
ATOM 74   C CD  . GLU A 1 46  ? -6.619  -9.568  16.685  1.00 62.02  ? 46  GLU A CD  1 
ATOM 75   O OE1 . GLU A 1 46  ? -7.293  -8.545  16.927  1.00 62.02  ? 46  GLU A OE1 1 
ATOM 76   O OE2 . GLU A 1 46  ? -6.684  -10.603 17.381  1.00 62.02  ? 46  GLU A OE2 1 
ATOM 77   N N   . GLY A 1 47  ? -4.674  -6.487  11.960  1.00 56.54  ? 47  GLY A N   1 
ATOM 78   C CA  . GLY A 1 47  ? -4.743  -5.234  11.235  1.00 56.54  ? 47  GLY A CA  1 
ATOM 79   C C   . GLY A 1 47  ? -3.583  -4.319  11.558  1.00 56.54  ? 47  GLY A C   1 
ATOM 80   O O   . GLY A 1 47  ? -3.783  -3.217  12.074  1.00 56.54  ? 47  GLY A O   1 
ATOM 81   N N   . VAL A 1 48  ? -2.364  -4.760  11.265  1.00 54.65  ? 48  VAL A N   1 
ATOM 82   C CA  . VAL A 1 48  ? -1.151  -4.057  11.659  1.00 54.65  ? 48  VAL A CA  1 
ATOM 83   C C   . VAL A 1 48  ? -0.316  -3.773  10.419  1.00 54.65  ? 48  VAL A C   1 
ATOM 84   O O   . VAL A 1 48  ? -0.207  -4.616  9.523   1.00 54.65  ? 48  VAL A O   1 
ATOM 85   C CB  . VAL A 1 48  ? -0.345  -4.875  12.688  1.00 54.65  ? 48  VAL A CB  1 
ATOM 86   C CG1 . VAL A 1 48  ? 0.979   -4.208  12.992  1.00 54.65  ? 48  VAL A CG1 1 
ATOM 87   C CG2 . VAL A 1 48  ? -1.151  -5.055  13.954  1.00 54.65  ? 48  VAL A CG2 1 
ATOM 88   N N   . VAL A 1 49  ? 0.267   -2.577  10.369  1.00 52.87  ? 49  VAL A N   1 
ATOM 89   C CA  . VAL A 1 49  ? 1.208   -2.181  9.330   1.00 52.87  ? 49  VAL A CA  1 
ATOM 90   C C   . VAL A 1 49  ? 2.465   -1.672  10.015  1.00 52.87  ? 49  VAL A C   1 
ATOM 91   O O   . VAL A 1 49  ? 2.451   -0.593  10.616  1.00 52.87  ? 49  VAL A O   1 
ATOM 92   C CB  . VAL A 1 49  ? 0.619   -1.094  8.414   1.00 52.87  ? 49  VAL A CB  1 
ATOM 93   C CG1 . VAL A 1 49  ? 1.666   -0.607  7.431   1.00 52.87  ? 49  VAL A CG1 1 
ATOM 94   C CG2 . VAL A 1 49  ? -0.597  -1.609  7.686   1.00 52.87  ? 49  VAL A CG2 1 
ATOM 95   N N   . HIS A 1 50  ? 3.554   -2.435  9.929   1.00 57.72  ? 50  HIS A N   1 
ATOM 96   C CA  . HIS A 1 50  ? 4.774   -2.009  10.595  1.00 57.72  ? 50  HIS A CA  1 
ATOM 97   C C   . HIS A 1 50  ? 5.988   -2.279  9.722   1.00 57.72  ? 50  HIS A C   1 
ATOM 98   O O   . HIS A 1 50  ? 5.931   -3.028  8.749   1.00 57.72  ? 50  HIS A O   1 
ATOM 99   C CB  . HIS A 1 50  ? 4.926   -2.662  11.972  1.00 57.72  ? 50  HIS A CB  1 
ATOM 100  C CG  . HIS A 1 50  ? 5.035   -4.154  11.945  1.00 57.72  ? 50  HIS A CG  1 
ATOM 101  N ND1 . HIS A 1 50  ? 6.229   -4.814  12.136  1.00 57.72  ? 50  HIS A ND1 1 
ATOM 102  C CD2 . HIS A 1 50  ? 4.094   -5.115  11.805  1.00 57.72  ? 50  HIS A CD2 1 
ATOM 103  C CE1 . HIS A 1 50  ? 6.022   -6.118  12.092  1.00 57.72  ? 50  HIS A CE1 1 
ATOM 104  N NE2 . HIS A 1 50  ? 4.734   -6.328  11.891  1.00 57.72  ? 50  HIS A NE2 1 
ATOM 105  N N   . ASP A 1 51  ? 7.089   -1.620  10.078  1.00 63.27  ? 51  ASP A N   1 
ATOM 106  C CA  . ASP A 1 51  ? 8.374   -1.765  9.397   1.00 63.27  ? 51  ASP A CA  1 
ATOM 107  C C   . ASP A 1 51  ? 8.257   -1.449  7.907   1.00 63.27  ? 51  ASP A C   1 
ATOM 108  O O   . ASP A 1 51  ? 8.810   -2.141  7.052   1.00 63.27  ? 51  ASP A O   1 
ATOM 109  C CB  . ASP A 1 51  ? 8.953   -3.160  9.624   1.00 63.27  ? 51  ASP A CB  1 
ATOM 110  C CG  . ASP A 1 51  ? 9.203   -3.452  11.089  1.00 63.27  ? 51  ASP A CG  1 
ATOM 111  O OD1 . ASP A 1 51  ? 10.308  -3.137  11.576  1.00 63.27  ? 51  ASP A OD1 1 
ATOM 112  O OD2 . ASP A 1 51  ? 8.297   -3.989  11.755  1.00 63.27  ? 51  ASP A OD2 1 
ATOM 113  N N   . VAL A 1 52  ? 7.531   -0.383  7.598   1.00 65.41  ? 52  VAL A N   1 
ATOM 114  C CA  . VAL A 1 52  ? 7.453   0.150   6.244   1.00 65.41  ? 52  VAL A CA  1 
ATOM 115  C C   . VAL A 1 52  ? 8.551   1.193   6.093   1.00 65.41  ? 52  VAL A C   1 
ATOM 116  O O   . VAL A 1 52  ? 8.566   2.197   6.814   1.00 65.41  ? 52  VAL A O   1 
ATOM 117  C CB  . VAL A 1 52  ? 6.072   0.755   5.954   1.00 65.41  ? 52  VAL A CB  1 
ATOM 118  C CG1 . VAL A 1 52  ? 6.106   1.552   4.662   1.00 65.41  ? 52  VAL A CG1 1 
ATOM 119  C CG2 . VAL A 1 52  ? 5.024   -0.336  5.879   1.00 65.41  ? 52  VAL A CG2 1 
ATOM 120  N N   . THR A 1 53  ? 9.470   0.958   5.161   1.00 69.53  ? 53  THR A N   1 
ATOM 121  C CA  . THR A 1 53  ? 10.595  1.855   4.923   1.00 69.53  ? 53  THR A CA  1 
ATOM 122  C C   . THR A 1 53  ? 10.555  2.307   3.474   1.00 69.53  ? 53  THR A C   1 
ATOM 123  O O   . THR A 1 53  ? 10.324  1.493   2.577   1.00 69.53  ? 53  THR A O   1 
ATOM 124  C CB  . THR A 1 53  ? 11.926  1.168   5.239   1.00 69.53  ? 53  THR A CB  1 
ATOM 125  O OG1 . THR A 1 53  ? 11.841  0.523   6.514   1.00 69.53  ? 53  THR A OG1 1 
ATOM 126  C CG2 . THR A 1 53  ? 13.057  2.182   5.270   1.00 69.53  ? 53  THR A CG2 1 
ATOM 127  N N   . THR A 1 54  ? 10.775  3.598   3.248   1.00 68.22  ? 54  THR A N   1 
ATOM 128  C CA  . THR A 1 54  ? 10.730  4.177   1.915   1.00 68.22  ? 54  THR A CA  1 
ATOM 129  C C   . THR A 1 54  ? 11.828  5.216   1.776   1.00 68.22  ? 54  THR A C   1 
ATOM 130  O O   . THR A 1 54  ? 12.027  6.043   2.671   1.00 68.22  ? 54  THR A O   1 
ATOM 131  C CB  . THR A 1 54  ? 9.367   4.820   1.636   1.00 68.22  ? 54  THR A CB  1 
ATOM 132  O OG1 . THR A 1 54  ? 8.327   3.874   1.915   1.00 68.22  ? 54  THR A OG1 1 
ATOM 133  C CG2 . THR A 1 54  ? 9.268   5.258   0.186   1.00 68.22  ? 54  THR A CG2 1 
ATOM 134  N N   . VAL A 1 55  ? 12.541  5.171   0.655   1.00 66.87  ? 55  VAL A N   1 
ATOM 135  C CA  . VAL A 1 55  ? 13.604  6.120   0.347   1.00 66.87  ? 55  VAL A CA  1 
ATOM 136  C C   . VAL A 1 55  ? 13.414  6.553   -1.100  1.00 66.87  ? 55  VAL A C   1 
ATOM 137  O O   . VAL A 1 55  ? 13.810  5.834   -2.024  1.00 66.87  ? 55  VAL A O   1 
ATOM 138  C CB  . VAL A 1 55  ? 15.001  5.521   0.557   1.00 66.87  ? 55  VAL A CB  1 
ATOM 139  C CG1 . VAL A 1 55  ? 16.066  6.535   0.197   1.00 66.87  ? 55  VAL A CG1 1 
ATOM 140  C CG2 . VAL A 1 55  ? 15.174  5.051   1.993   1.00 66.87  ? 55  VAL A CG2 1 
ATOM 141  N N   . ALA A 1 56  ? 12.816  7.724   -1.300  1.00 67.35  ? 56  ALA A N   1 
ATOM 142  C CA  . ALA A 1 56  ? 12.537  8.249   -2.628  1.00 67.35  ? 56  ALA A CA  1 
ATOM 143  C C   . ALA A 1 56  ? 13.369  9.501   -2.854  1.00 67.35  ? 56  ALA A C   1 
ATOM 144  O O   . ALA A 1 56  ? 13.079  10.553  -2.278  1.00 67.35  ? 56  ALA A O   1 
ATOM 145  C CB  . ALA A 1 56  ? 11.049  8.564   -2.796  1.00 67.35  ? 56  ALA A CB  1 
ATOM 146  N N   . ALA A 1 57  ? 14.399  9.386   -3.690  1.00 71.17  ? 57  ALA A N   1 
ATOM 147  C CA  . ALA A 1 57  ? 15.355  10.472  -3.866  1.00 71.17  ? 57  ALA A CA  1 
ATOM 148  C C   . ALA A 1 57  ? 14.714  11.725  -4.447  1.00 71.17  ? 57  ALA A C   1 
ATOM 149  O O   . ALA A 1 57  ? 14.645  12.754  -3.769  1.00 71.17  ? 57  ALA A O   1 
ATOM 150  C CB  . ALA A 1 57  ? 16.522  10.022  -4.746  1.00 71.17  ? 57  ALA A CB  1 
ATOM 151  N N   . LYS A 1 58  ? 14.223  11.666  -5.681  1.00 69.32  ? 58  LYS A N   1 
ATOM 152  C CA  . LYS A 1 58  ? 13.696  12.857  -6.329  1.00 69.32  ? 58  LYS A CA  1 
ATOM 153  C C   . LYS A 1 58  ? 12.458  12.520  -7.136  1.00 69.32  ? 58  LYS A C   1 
ATOM 154  O O   . LYS A 1 58  ? 12.403  11.474  -7.788  1.00 69.32  ? 58  LYS A O   1 
ATOM 155  C CB  . LYS A 1 58  ? 14.742  13.507  -7.241  1.00 69.32  ? 58  LYS A CB  1 
ATOM 156  C CG  . LYS A 1 58  ? 14.233  14.740  -7.974  1.00 69.32  ? 58  LYS A CG  1 
ATOM 157  C CD  . LYS A 1 58  ? 15.173  15.167  -9.082  1.00 69.32  ? 58  LYS A CD  1 
ATOM 158  C CE  . LYS A 1 58  ? 14.895  16.593  -9.515  1.00 69.32  ? 58  LYS A CE  1 
ATOM 159  N NZ  . LYS A 1 58  ? 15.115  16.783  -10.973 1.00 69.32  ? 58  LYS A NZ  1 
ATOM 160  N N   . THR A 1 59  ? 11.462  13.402  -7.081  1.00 72.84  ? 59  THR A N   1 
ATOM 161  C CA  . THR A 1 59  ? 10.331  13.373  -7.997  1.00 72.84  ? 59  THR A CA  1 
ATOM 162  C C   . THR A 1 59  ? 10.092  14.789  -8.501  1.00 72.84  ? 59  THR A C   1 
ATOM 163  O O   . THR A 1 59  ? 9.299   15.531  -7.912  1.00 72.84  ? 59  THR A O   1 
ATOM 164  C CB  . THR A 1 59  ? 9.057   12.831  -7.329  1.00 72.84  ? 59  THR A CB  1 
ATOM 165  O OG1 . THR A 1 59  ? 8.447   13.860  -6.544  1.00 72.84  ? 59  THR A OG1 1 
ATOM 166  C CG2 . THR A 1 59  ? 9.368   11.635  -6.437  1.00 72.84  ? 59  THR A CG2 1 
ATOM 167  N N   . LYS A 1 60  ? 10.762  15.158  -9.592  1.00 73.89  ? 60  LYS A N   1 
ATOM 168  C CA  . LYS A 1 60  ? 10.630  16.485  -10.183 1.00 73.89  ? 60  LYS A CA  1 
ATOM 169  C C   . LYS A 1 60  ? 9.298   16.537  -10.913 1.00 73.89  ? 60  LYS A C   1 
ATOM 170  O O   . LYS A 1 60  ? 9.254   16.456  -12.144 1.00 73.89  ? 60  LYS A O   1 
ATOM 171  C CB  . LYS A 1 60  ? 11.784  16.796  -11.137 1.00 73.89  ? 60  LYS A CB  1 
ATOM 172  C CG  . LYS A 1 60  ? 11.739  18.201  -11.713 1.00 73.89  ? 60  LYS A CG  1 
ATOM 173  C CD  . LYS A 1 60  ? 12.819  18.412  -12.757 1.00 73.89  ? 60  LYS A CD  1 
ATOM 174  C CE  . LYS A 1 60  ? 12.512  19.627  -13.620 1.00 73.89  ? 60  LYS A CE  1 
ATOM 175  N NZ  . LYS A 1 60  ? 13.644  19.972  -14.524 1.00 73.89  ? 60  LYS A NZ  1 
ATOM 176  N N   . GLU A 1 61  ? 8.221   16.679  -10.149 1.00 67.66  ? 61  GLU A N   1 
ATOM 177  C CA  . GLU A 1 61  ? 6.869   16.505  -10.657 1.00 67.66  ? 61  GLU A CA  1 
ATOM 178  C C   . GLU A 1 61  ? 6.330   17.836  -11.141 1.00 67.66  ? 61  GLU A C   1 
ATOM 179  O O   . GLU A 1 61  ? 6.391   18.834  -10.416 1.00 67.66  ? 61  GLU A O   1 
ATOM 180  C CB  . GLU A 1 61  ? 5.954   15.934  -9.573  1.00 67.66  ? 61  GLU A CB  1 
ATOM 181  C CG  . GLU A 1 61  ? 6.400   14.601  -9.025  1.00 67.66  ? 61  GLU A CG  1 
ATOM 182  C CD  . GLU A 1 61  ? 5.454   14.071  -7.968  1.00 67.66  ? 61  GLU A CD  1 
ATOM 183  O OE1 . GLU A 1 61  ? 5.655   14.391  -6.780  1.00 67.66  ? 61  GLU A OE1 1 
ATOM 184  O OE2 . GLU A 1 61  ? 4.508   13.343  -8.328  1.00 67.66  ? 61  GLU A OE2 1 
ATOM 185  N N   . GLN A 1 62  ? 5.816   17.855  -12.363 1.00 64.64  ? 62  GLN A N   1 
ATOM 186  C CA  . GLN A 1 62  ? 4.924   18.908  -12.821 1.00 64.64  ? 62  GLN A CA  1 
ATOM 187  C C   . GLN A 1 62  ? 3.521   18.322  -12.847 1.00 64.64  ? 62  GLN A C   1 
ATOM 188  O O   . GLN A 1 62  ? 3.050   17.874  -13.895 1.00 64.64  ? 62  GLN A O   1 
ATOM 189  C CB  . GLN A 1 62  ? 5.335   19.421  -14.201 1.00 64.64  ? 62  GLN A CB  1 
ATOM 190  C CG  . GLN A 1 62  ? 4.525   20.601  -14.699 1.00 64.64  ? 62  GLN A CG  1 
ATOM 191  C CD  . GLN A 1 62  ? 5.288   21.440  -15.702 1.00 64.64  ? 62  GLN A CD  1 
ATOM 192  O OE1 . GLN A 1 62  ? 6.508   21.335  -15.819 1.00 64.64  ? 62  GLN A OE1 1 
ATOM 193  N NE2 . GLN A 1 62  ? 4.568   22.282  -16.436 1.00 64.64  ? 62  GLN A NE2 1 
ATOM 194  N N   . VAL A 1 63  ? 2.860   18.320  -11.692 1.00 60.55  ? 63  VAL A N   1 
ATOM 195  C CA  . VAL A 1 63  ? 1.556   17.689  -11.536 1.00 60.55  ? 63  VAL A CA  1 
ATOM 196  C C   . VAL A 1 63  ? 0.487   18.714  -11.872 1.00 60.55  ? 63  VAL A C   1 
ATOM 197  O O   . VAL A 1 63  ? 0.345   19.719  -11.167 1.00 60.55  ? 63  VAL A O   1 
ATOM 198  C CB  . VAL A 1 63  ? 1.347   17.135  -10.119 1.00 60.55  ? 63  VAL A CB  1 
ATOM 199  C CG1 . VAL A 1 63  ? -0.050  16.562  -9.981  1.00 60.55  ? 63  VAL A CG1 1 
ATOM 200  C CG2 . VAL A 1 63  ? 2.386   16.077  -9.811  1.00 60.55  ? 63  VAL A CG2 1 
ATOM 201  N N   . THR A 1 64  ? -0.256  18.466  -12.945 1.00 62.83  ? 64  THR A N   1 
ATOM 202  C CA  . THR A 1 64  ? -1.384  19.300  -13.331 1.00 62.83  ? 64  THR A CA  1 
ATOM 203  C C   . THR A 1 64  ? -2.653  18.482  -13.155 1.00 62.83  ? 64  THR A C   1 
ATOM 204  O O   . THR A 1 64  ? -2.790  17.409  -13.750 1.00 62.83  ? 64  THR A O   1 
ATOM 205  C CB  . THR A 1 64  ? -1.251  19.789  -14.774 1.00 62.83  ? 64  THR A CB  1 
ATOM 206  O OG1 . THR A 1 64  ? -0.083  20.608  -14.896 1.00 62.83  ? 64  THR A OG1 1 
ATOM 207  C CG2 . THR A 1 64  ? -2.474  20.600  -15.172 1.00 62.83  ? 64  THR A CG2 1 
ATOM 208  N N   . ASN A 1 65  ? -3.570  18.982  -12.335 1.00 64.46  ? 65  ASN A N   1 
ATOM 209  C CA  . ASN A 1 65  ? -4.792  18.267  -12.001 1.00 64.46  ? 65  ASN A CA  1 
ATOM 210  C C   . ASN A 1 65  ? -5.970  19.198  -12.223 1.00 64.46  ? 65  ASN A C   1 
ATOM 211  O O   . ASN A 1 65  ? -5.986  20.316  -11.700 1.00 64.46  ? 65  ASN A O   1 
ATOM 212  C CB  . ASN A 1 65  ? -4.756  17.771  -10.552 1.00 64.46  ? 65  ASN A CB  1 
ATOM 213  C CG  . ASN A 1 65  ? -5.877  16.805  -10.237 1.00 64.46  ? 65  ASN A CG  1 
ATOM 214  O OD1 . ASN A 1 65  ? -6.927  16.820  -10.875 1.00 64.46  ? 65  ASN A OD1 1 
ATOM 215  N ND2 . ASN A 1 65  ? -5.657  15.958  -9.242  1.00 64.46  ? 65  ASN A ND2 1 
ATOM 216  N N   . VAL A 1 66  ? -6.947  18.742  -12.999 1.00 62.61  ? 66  VAL A N   1 
ATOM 217  C CA  . VAL A 1 66  ? -8.180  19.480  -13.231 1.00 62.61  ? 66  VAL A CA  1 
ATOM 218  C C   . VAL A 1 66  ? -9.354  18.579  -12.875 1.00 62.61  ? 66  VAL A C   1 
ATOM 219  O O   . VAL A 1 66  ? -9.734  17.704  -13.661 1.00 62.61  ? 66  VAL A O   1 
ATOM 220  C CB  . VAL A 1 66  ? -8.280  19.960  -14.688 1.00 62.61  ? 66  VAL A CB  1 
ATOM 221  C CG1 . VAL A 1 66  ? -9.562  20.745  -14.896 1.00 62.61  ? 66  VAL A CG1 1 
ATOM 222  C CG2 . VAL A 1 66  ? -7.071  20.803  -15.050 1.00 62.61  ? 66  VAL A CG2 1 
ATOM 223  N N   . GLY A 1 67  ? -9.928  18.797  -11.696 1.00 64.93  ? 67  GLY A N   1 
ATOM 224  C CA  . GLY A 1 67  ? -11.071 18.028  -11.245 1.00 64.93  ? 67  GLY A CA  1 
ATOM 225  C C   . GLY A 1 67  ? -10.813 16.545  -11.094 1.00 64.93  ? 67  GLY A C   1 
ATOM 226  O O   . GLY A 1 67  ? -11.665 15.725  -11.448 1.00 64.93  ? 67  GLY A O   1 
ATOM 227  N N   . GLY A 1 68  ? -9.656  16.183  -10.554 1.00 62.75  ? 68  GLY A N   1 
ATOM 228  C CA  . GLY A 1 68  ? -9.324  14.783  -10.377 1.00 62.75  ? 68  GLY A CA  1 
ATOM 229  C C   . GLY A 1 68  ? -8.454  14.589  -9.157  1.00 62.75  ? 68  GLY A C   1 
ATOM 230  O O   . GLY A 1 68  ? -8.074  15.549  -8.481  1.00 62.75  ? 68  GLY A O   1 
ATOM 231  N N   . ALA A 1 69  ? -8.141  13.327  -8.889  1.00 60.26  ? 69  ALA A N   1 
ATOM 232  C CA  . ALA A 1 69  ? -7.368  12.940  -7.718  1.00 60.26  ? 69  ALA A CA  1 
ATOM 233  C C   . ALA A 1 69  ? -5.975  12.479  -8.124  1.00 60.26  ? 69  ALA A C   1 
ATOM 234  O O   . ALA A 1 69  ? -5.815  11.727  -9.089  1.00 60.26  ? 69  ALA A O   1 
ATOM 235  C CB  . ALA A 1 69  ? -8.073  11.827  -6.945  1.00 60.26  ? 69  ALA A CB  1 
ATOM 236  N N   . VAL A 1 70  ? -4.971  12.934  -7.379  1.00 59.17  ? 70  VAL A N   1 
ATOM 237  C CA  . VAL A 1 70  ? -3.587  12.512  -7.551  1.00 59.17  ? 70  VAL A CA  1 
ATOM 238  C C   . VAL A 1 70  ? -3.020  12.219  -6.170  1.00 59.17  ? 70  VAL A C   1 
ATOM 239  O O   . VAL A 1 70  ? -3.256  12.980  -5.228  1.00 59.17  ? 70  VAL A O   1 
ATOM 240  C CB  . VAL A 1 70  ? -2.741  13.584  -8.266  1.00 59.17  ? 70  VAL A CB  1 
ATOM 241  C CG1 . VAL A 1 70  ? -1.269  13.217  -8.230  1.00 59.17  ? 70  VAL A CG1 1 
ATOM 242  C CG2 . VAL A 1 70  ? -3.208  13.759  -9.697  1.00 59.17  ? 70  VAL A CG2 1 
ATOM 243  N N   . VAL A 1 71  ? -2.281  11.120  -6.047  1.00 64.31  ? 71  VAL A N   1 
ATOM 244  C CA  . VAL A 1 71  ? -1.707  10.696  -4.774  1.00 64.31  ? 71  VAL A CA  1 
ATOM 245  C C   . VAL A 1 71  ? -0.250  10.330  -5.010  1.00 64.31  ? 71  VAL A C   1 
ATOM 246  O O   . VAL A 1 71  ? 0.044   9.378   -5.742  1.00 64.31  ? 71  VAL A O   1 
ATOM 247  C CB  . VAL A 1 71  ? -2.465  9.518   -4.156  1.00 64.31  ? 71  VAL A CB  1 
ATOM 248  C CG1 . VAL A 1 71  ? -1.680  8.946   -2.994  1.00 64.31  ? 71  VAL A CG1 1 
ATOM 249  C CG2 . VAL A 1 71  ? -3.841  9.957   -3.703  1.00 64.31  ? 71  VAL A CG2 1 
ATOM 250  N N   . THR A 1 72  ? 0.664   11.081  -4.391  1.00 69.49  ? 72  THR A N   1 
ATOM 251  C CA  . THR A 1 72  ? 2.099   10.829  -4.488  1.00 69.49  ? 72  THR A CA  1 
ATOM 252  C C   . THR A 1 72  ? 2.699   10.855  -3.080  1.00 69.49  ? 72  THR A C   1 
ATOM 253  O O   . THR A 1 72  ? 3.201   11.882  -2.622  1.00 69.49  ? 72  THR A O   1 
ATOM 254  C CB  . THR A 1 72  ? 2.778   11.853  -5.397  1.00 69.49  ? 72  THR A CB  1 
ATOM 255  O OG1 . THR A 1 72  ? 2.018   12.006  -6.603  1.00 69.49  ? 72  THR A OG1 1 
ATOM 256  C CG2 . THR A 1 72  ? 4.189   11.405  -5.741  1.00 69.49  ? 72  THR A CG2 1 
ATOM 257  N N   . GLY A 1 73  ? 2.665   9.716   -2.399  1.00 75.27  ? 73  GLY A N   1 
ATOM 258  C CA  . GLY A 1 73  ? 3.221   9.662   -1.059  1.00 75.27  ? 73  GLY A CA  1 
ATOM 259  C C   . GLY A 1 73  ? 2.933   8.337   -0.392  1.00 75.27  ? 73  GLY A C   1 
ATOM 260  O O   . GLY A 1 73  ? 2.159   7.516   -0.892  1.00 75.27  ? 73  GLY A O   1 
ATOM 261  N N   . VAL A 1 74  ? 3.575   8.146   0.757   1.00 76.83  ? 74  VAL A N   1 
ATOM 262  C CA  . VAL A 1 74  ? 3.419   6.926   1.539   1.00 76.83  ? 74  VAL A CA  1 
ATOM 263  C C   . VAL A 1 74  ? 2.081   6.979   2.267   1.00 76.83  ? 74  VAL A C   1 
ATOM 264  O O   . VAL A 1 74  ? 1.785   7.950   2.970   1.00 76.83  ? 74  VAL A O   1 
ATOM 265  C CB  . VAL A 1 74  ? 4.579   6.749   2.529   1.00 76.83  ? 74  VAL A CB  1 
ATOM 266  C CG1 . VAL A 1 74  ? 4.382   5.493   3.360   1.00 76.83  ? 74  VAL A CG1 1 
ATOM 267  C CG2 . VAL A 1 74  ? 5.905   6.700   1.786   1.00 76.83  ? 74  VAL A CG2 1 
ATOM 268  N N   . THR A 1 75  ? 1.272   5.937   2.097   1.00 73.09  ? 75  THR A N   1 
ATOM 269  C CA  . THR A 1 75  ? -0.040  5.841   2.727   1.00 73.09  ? 75  THR A CA  1 
ATOM 270  C C   . THR A 1 75  ? -0.157  4.474   3.388   1.00 73.09  ? 75  THR A C   1 
ATOM 271  O O   . THR A 1 75  ? -0.206  3.450   2.701   1.00 73.09  ? 75  THR A O   1 
ATOM 272  C CB  . THR A 1 75  ? -1.156  6.052   1.705   1.00 73.09  ? 75  THR A CB  1 
ATOM 273  O OG1 . THR A 1 75  ? -1.076  7.380   1.175   1.00 73.09  ? 75  THR A OG1 1 
ATOM 274  C CG2 . THR A 1 75  ? -2.517  5.853   2.353   1.00 73.09  ? 75  THR A CG2 1 
ATOM 275  N N   . ALA A 1 76  ? -0.200  4.461   4.718   1.00 60.58  ? 76  ALA A N   1 
ATOM 276  C CA  . ALA A 1 76  ? -0.364  3.239   5.494   1.00 60.58  ? 76  ALA A CA  1 
ATOM 277  C C   . ALA A 1 76  ? -1.683  3.318   6.244   1.00 60.58  ? 76  ALA A C   1 
ATOM 278  O O   . ALA A 1 76  ? -1.886  4.230   7.049   1.00 60.58  ? 76  ALA A O   1 
ATOM 279  C CB  . ALA A 1 76  ? 0.801   3.042   6.464   1.00 60.58  ? 76  ALA A CB  1 
ATOM 280  N N   . VAL A 1 77  ? -2.574  2.368   5.979   1.00 55.70  ? 77  VAL A N   1 
ATOM 281  C CA  . VAL A 1 77  ? -3.889  2.318   6.604   1.00 55.70  ? 77  VAL A CA  1 
ATOM 282  C C   . VAL A 1 77  ? -4.056  0.947   7.240   1.00 55.70  ? 77  VAL A C   1 
ATOM 283  O O   . VAL A 1 77  ? -4.047  -0.072  6.539   1.00 55.70  ? 77  VAL A O   1 
ATOM 284  C CB  . VAL A 1 77  ? -5.014  2.589   5.596   1.00 55.70  ? 77  VAL A CB  1 
ATOM 285  C CG1 . VAL A 1 77  ? -6.355  2.212   6.193   1.00 55.70  ? 77  VAL A CG1 1 
ATOM 286  C CG2 . VAL A 1 77  ? -5.007  4.044   5.171   1.00 55.70  ? 77  VAL A CG2 1 
ATOM 287  N N   . ALA A 1 78  ? -4.203  0.919   8.560   1.00 56.30  ? 78  ALA A N   1 
ATOM 288  C CA  . ALA A 1 78  ? -4.431  -0.312  9.299   1.00 56.30  ? 78  ALA A CA  1 
ATOM 289  C C   . ALA A 1 78  ? -5.764  -0.215  10.022  1.00 56.30  ? 78  ALA A C   1 
ATOM 290  O O   . ALA A 1 78  ? -5.968  0.692   10.833  1.00 56.30  ? 78  ALA A O   1 
ATOM 291  C CB  . ALA A 1 78  ? -3.306  -0.581  10.295  1.00 56.30  ? 78  ALA A CB  1 
ATOM 292  N N   . GLN A 1 79  ? -6.663  -1.146  9.727   1.00 57.25  ? 79  GLN A N   1 
ATOM 293  C CA  . GLN A 1 79  ? -7.991  -1.147  10.318  1.00 57.25  ? 79  GLN A CA  1 
ATOM 294  C C   . GLN A 1 79  ? -8.307  -2.546  10.816  1.00 57.25  ? 79  GLN A C   1 
ATOM 295  O O   . GLN A 1 79  ? -7.736  -3.533  10.343  1.00 57.25  ? 79  GLN A O   1 
ATOM 296  C CB  . GLN A 1 79  ? -9.052  -0.689  9.313   1.00 57.25  ? 79  GLN A CB  1 
ATOM 297  C CG  . GLN A 1 79  ? -8.813  0.699   8.760   1.00 57.25  ? 79  GLN A CG  1 
ATOM 298  C CD  . GLN A 1 79  ? -9.650  0.988   7.538   1.00 57.25  ? 79  GLN A CD  1 
ATOM 299  O OE1 . GLN A 1 79  ? -10.345 0.112   7.030   1.00 57.25  ? 79  GLN A OE1 1 
ATOM 300  N NE2 . GLN A 1 79  ? -9.592  2.222   7.059   1.00 57.25  ? 79  GLN A NE2 1 
ATOM 301  N N   . LYS A 1 80  ? -9.213  -2.627  11.786  1.00 58.83  ? 80  LYS A N   1 
ATOM 302  C CA  . LYS A 1 80  ? -9.657  -3.928  12.267  1.00 58.83  ? 80  LYS A CA  1 
ATOM 303  C C   . LYS A 1 80  ? -11.038 -4.289  11.731  1.00 58.83  ? 80  LYS A C   1 
ATOM 304  O O   . LYS A 1 80  ? -11.288 -5.448  11.392  1.00 58.83  ? 80  LYS A O   1 
ATOM 305  C CB  . LYS A 1 80  ? -9.655  -3.960  13.797  1.00 58.83  ? 80  LYS A CB  1 
ATOM 306  C CG  . LYS A 1 80  ? -10.197 -5.256  14.371  1.00 58.83  ? 80  LYS A CG  1 
ATOM 307  C CD  . LYS A 1 80  ? -9.846  -5.421  15.835  1.00 58.83  ? 80  LYS A CD  1 
ATOM 308  C CE  . LYS A 1 80  ? -10.464 -6.691  16.395  1.00 58.83  ? 80  LYS A CE  1 
ATOM 309  N NZ  . LYS A 1 80  ? -10.132 -6.893  17.830  1.00 58.83  ? 80  LYS A NZ  1 
ATOM 310  N N   . THR A 1 81  ? -11.941 -3.315  11.640  1.00 65.84  ? 81  THR A N   1 
ATOM 311  C CA  . THR A 1 81  ? -13.297 -3.581  11.189  1.00 65.84  ? 81  THR A CA  1 
ATOM 312  C C   . THR A 1 81  ? -13.883 -2.350  10.515  1.00 65.84  ? 81  THR A C   1 
ATOM 313  O O   . THR A 1 81  ? -13.734 -1.230  11.009  1.00 65.84  ? 81  THR A O   1 
ATOM 314  C CB  . THR A 1 81  ? -14.206 -3.998  12.353  1.00 65.84  ? 81  THR A CB  1 
ATOM 315  O OG1 . THR A 1 81  ? -13.558 -5.004  13.141  1.00 65.84  ? 81  THR A OG1 1 
ATOM 316  C CG2 . THR A 1 81  ? -15.524 -4.547  11.828  1.00 65.84  ? 81  THR A CG2 1 
ATOM 317  N N   . VAL A 1 82  ? -14.541 -2.572  9.382   1.00 67.79  ? 82  VAL A N   1 
ATOM 318  C CA  . VAL A 1 82  ? -15.361 -1.570  8.714   1.00 67.79  ? 82  VAL A CA  1 
ATOM 319  C C   . VAL A 1 82  ? -16.675 -2.236  8.336   1.00 67.79  ? 82  VAL A C   1 
ATOM 320  O O   . VAL A 1 82  ? -16.698 -3.377  7.867   1.00 67.79  ? 82  VAL A O   1 
ATOM 321  C CB  . VAL A 1 82  ? -14.669 -0.975  7.469   1.00 67.79  ? 82  VAL A CB  1 
ATOM 322  C CG1 . VAL A 1 82  ? -15.554 0.068   6.814   1.00 67.79  ? 82  VAL A CG1 1 
ATOM 323  C CG2 . VAL A 1 82  ? -13.336 -0.367  7.845   1.00 67.79  ? 82  VAL A CG2 1 
ATOM 324  N N   . GLU A 1 83  ? -17.776 -1.519  8.543   1.00 74.72  ? 83  GLU A N   1 
ATOM 325  C CA  . GLU A 1 83  ? -19.093 -2.097  8.329   1.00 74.72  ? 83  GLU A CA  1 
ATOM 326  C C   . GLU A 1 83  ? -19.997 -1.075  7.661   1.00 74.72  ? 83  GLU A C   1 
ATOM 327  O O   . GLU A 1 83  ? -19.647 0.103   7.545   1.00 74.72  ? 83  GLU A O   1 
ATOM 328  C CB  . GLU A 1 83  ? -19.718 -2.574  9.647   1.00 74.72  ? 83  GLU A CB  1 
ATOM 329  C CG  . GLU A 1 83  ? -18.930 -3.669  10.347  1.00 74.72  ? 83  GLU A CG  1 
ATOM 330  C CD  . GLU A 1 83  ? -19.765 -4.447  11.340  1.00 74.72  ? 83  GLU A CD  1 
ATOM 331  O OE1 . GLU A 1 83  ? -19.438 -4.418  12.544  1.00 74.72  ? 83  GLU A OE1 1 
ATOM 332  O OE2 . GLU A 1 83  ? -20.750 -5.088  10.918  1.00 74.72  ? 83  GLU A OE2 1 
ATOM 333  N N   . GLY A 1 84  ? -21.156 -1.540  7.217   1.00 74.20  ? 84  GLY A N   1 
ATOM 334  C CA  . GLY A 1 84  ? -22.148 -0.692  6.588   1.00 74.20  ? 84  GLY A CA  1 
ATOM 335  C C   . GLY A 1 84  ? -22.240 -0.942  5.095   1.00 74.20  ? 84  GLY A C   1 
ATOM 336  O O   . GLY A 1 84  ? -21.340 -1.491  4.466   1.00 74.20  ? 84  GLY A O   1 
ATOM 337  N N   . ALA A 1 85  ? -23.367 -0.512  4.539   1.00 76.04  ? 85  ALA A N   1 
ATOM 338  C CA  . ALA A 1 85  ? -23.654 -0.658  3.119   1.00 76.04  ? 85  ALA A CA  1 
ATOM 339  C C   . ALA A 1 85  ? -23.225 0.598   2.375   1.00 76.04  ? 85  ALA A C   1 
ATOM 340  O O   . ALA A 1 85  ? -23.409 1.715   2.867   1.00 76.04  ? 85  ALA A O   1 
ATOM 341  C CB  . ALA A 1 85  ? -25.141 -0.923  2.884   1.00 76.04  ? 85  ALA A CB  1 
ATOM 342  N N   . GLY A 1 86  ? -22.658 0.410   1.187   1.00 73.75  ? 86  GLY A N   1 
ATOM 343  C CA  . GLY A 1 86  ? -22.142 1.530   0.428   1.00 73.75  ? 86  GLY A CA  1 
ATOM 344  C C   . GLY A 1 86  ? -20.928 2.190   1.033   1.00 73.75  ? 86  GLY A C   1 
ATOM 345  O O   . GLY A 1 86  ? -20.546 3.281   0.600   1.00 73.75  ? 86  GLY A O   1 
ATOM 346  N N   . SER A 1 87  ? -20.304 1.557   2.022   1.00 72.86  ? 87  SER A N   1 
ATOM 347  C CA  . SER A 1 87  ? -19.180 2.140   2.742   1.00 72.86  ? 87  SER A CA  1 
ATOM 348  C C   . SER A 1 87  ? -17.900 1.950   1.939   1.00 72.86  ? 87  SER A C   1 
ATOM 349  O O   . SER A 1 87  ? -17.705 0.908   1.307   1.00 72.86  ? 87  SER A O   1 
ATOM 350  C CB  . SER A 1 87  ? -19.043 1.501   4.123   1.00 72.86  ? 87  SER A CB  1 
ATOM 351  O OG  . SER A 1 87  ? -18.397 0.246   4.041   1.00 72.86  ? 87  SER A OG  1 
ATOM 352  N N   . ILE A 1 88  ? -17.036 2.958   1.959   1.00 66.91  ? 88  ILE A N   1 
ATOM 353  C CA  . ILE A 1 88  ? -15.722 2.874   1.337   1.00 66.91  ? 88  ILE A CA  1 
ATOM 354  C C   . ILE A 1 88  ? -14.674 2.900   2.441   1.00 66.91  ? 88  ILE A C   1 
ATOM 355  O O   . ILE A 1 88  ? -14.693 3.782   3.305   1.00 66.91  ? 88  ILE A O   1 
ATOM 356  C CB  . ILE A 1 88  ? -15.504 4.021   0.342   1.00 66.91  ? 88  ILE A CB  1 
ATOM 357  C CG1 . ILE A 1 88  ? -16.734 4.197   -0.546  1.00 66.91  ? 88  ILE A CG1 1 
ATOM 358  C CG2 . ILE A 1 88  ? -14.276 3.759   -0.507  1.00 66.91  ? 88  ILE A CG2 1 
ATOM 359  C CD1 . ILE A 1 88  ? -16.547 5.213   -1.640  1.00 66.91  ? 88  ILE A CD1 1 
ATOM 360  N N   . ALA A 1 89  ? -13.762 1.936   2.415   1.00 67.46  ? 89  ALA A N   1 
ATOM 361  C CA  . ALA A 1 89  ? -12.703 1.833   3.407   1.00 67.46  ? 89  ALA A CA  1 
ATOM 362  C C   . ALA A 1 89  ? -11.347 1.899   2.722   1.00 67.46  ? 89  ALA A C   1 
ATOM 363  O O   . ALA A 1 89  ? -11.099 1.182   1.748   1.00 67.46  ? 89  ALA A O   1 
ATOM 364  C CB  . ALA A 1 89  ? -12.820 0.537   4.212   1.00 67.46  ? 89  ALA A CB  1 
ATOM 365  N N   . ALA A 1 90  ? -10.475 2.765   3.240   1.00 65.46  ? 90  ALA A N   1 
ATOM 366  C CA  . ALA A 1 90  ? -9.108  2.907   2.742   1.00 65.46  ? 90  ALA A CA  1 
ATOM 367  C C   . ALA A 1 90  ? -9.078  3.219   1.247   1.00 65.46  ? 90  ALA A C   1 
ATOM 368  O O   . ALA A 1 90  ? -8.420  2.534   0.464   1.00 65.46  ? 90  ALA A O   1 
ATOM 369  C CB  . ALA A 1 90  ? -8.277  1.661   3.049   1.00 65.46  ? 90  ALA A CB  1 
ATOM 370  N N   . ALA A 1 91  ? -9.798  4.261   0.848   1.00 67.29  ? 91  ALA A N   1 
ATOM 371  C CA  . ALA A 1 91  ? -9.749  4.728   -0.529  1.00 67.29  ? 91  ALA A CA  1 
ATOM 372  C C   . ALA A 1 91  ? -8.570  5.672   -0.721  1.00 67.29  ? 91  ALA A C   1 
ATOM 373  O O   . ALA A 1 91  ? -8.302  6.532   0.121   1.00 67.29  ? 91  ALA A O   1 
ATOM 374  C CB  . ALA A 1 91  ? -11.051 5.433   -0.907  1.00 67.29  ? 91  ALA A CB  1 
ATOM 375  N N   . THR A 1 92  ? -7.867  5.505   -1.835  1.00 66.04  ? 92  THR A N   1 
ATOM 376  C CA  . THR A 1 92  ? -6.725  6.339   -2.172  1.00 66.04  ? 92  THR A CA  1 
ATOM 377  C C   . THR A 1 92  ? -6.788  6.700   -3.648  1.00 66.04  ? 92  THR A C   1 
ATOM 378  O O   . THR A 1 92  ? -6.943  5.830   -4.507  1.00 66.04  ? 92  THR A O   1 
ATOM 379  C CB  . THR A 1 92  ? -5.402  5.634   -1.865  1.00 66.04  ? 92  THR A CB  1 
ATOM 380  O OG1 . THR A 1 92  ? -5.426  5.135   -0.522  1.00 66.04  ? 92  THR A OG1 1 
ATOM 381  C CG2 . THR A 1 92  ? -4.243  6.596   -2.016  1.00 66.04  ? 92  THR A CG2 1 
ATOM 382  N N   . GLY A 1 93  ? -6.649  7.989   -3.935  1.00 61.89  ? 93  GLY A N   1 
ATOM 383  C CA  . GLY A 1 93  ? -6.837  8.455   -5.302  1.00 61.89  ? 93  GLY A CA  1 
ATOM 384  C C   . GLY A 1 93  ? -8.176  8.058   -5.876  1.00 61.89  ? 93  GLY A C   1 
ATOM 385  O O   . GLY A 1 93  ? -8.238  7.284   -6.839  1.00 61.89  ? 93  GLY A O   1 
ATOM 386  N N   . PHE A 1 94  ? -9.258  8.564   -5.296  1.00 64.79  ? 94  PHE A N   1 
ATOM 387  C CA  . PHE A 1 94  ? -10.610 8.138   -5.623  1.00 64.79  ? 94  PHE A CA  1 
ATOM 388  C C   . PHE A 1 94  ? -11.360 9.282   -6.290  1.00 64.79  ? 94  PHE A C   1 
ATOM 389  O O   . PHE A 1 94  ? -11.174 10.447  -5.927  1.00 64.79  ? 94  PHE A O   1 
ATOM 390  C CB  . PHE A 1 94  ? -11.344 7.685   -4.360  1.00 64.79  ? 94  PHE A CB  1 
ATOM 391  C CG  . PHE A 1 94  ? -12.483 6.741   -4.617  1.00 64.79  ? 94  PHE A CG  1 
ATOM 392  C CD1 . PHE A 1 94  ? -13.683 7.202   -5.126  1.00 64.79  ? 94  PHE A CD1 1 
ATOM 393  C CD2 . PHE A 1 94  ? -12.356 5.395   -4.332  1.00 64.79  ? 94  PHE A CD2 1 
ATOM 394  C CE1 . PHE A 1 94  ? -14.730 6.335   -5.355  1.00 64.79  ? 94  PHE A CE1 1 
ATOM 395  C CE2 . PHE A 1 94  ? -13.402 4.524   -4.559  1.00 64.79  ? 94  PHE A CE2 1 
ATOM 396  C CZ  . PHE A 1 94  ? -14.590 4.996   -5.072  1.00 64.79  ? 94  PHE A CZ  1 
ATOM 397  N N   . VAL A 1 95  ? -12.195 8.949   -7.269  1.00 67.80  ? 95  VAL A N   1 
ATOM 398  C CA  . VAL A 1 95  ? -13.076 9.903   -7.930  1.00 67.80  ? 95  VAL A CA  1 
ATOM 399  C C   . VAL A 1 95  ? -14.450 9.264   -8.037  1.00 67.80  ? 95  VAL A C   1 
ATOM 400  O O   . VAL A 1 95  ? -14.625 8.267   -8.746  1.00 67.80  ? 95  VAL A O   1 
ATOM 401  C CB  . VAL A 1 95  ? -12.551 10.304  -9.317  1.00 67.80  ? 95  VAL A CB  1 
ATOM 402  C CG1 . VAL A 1 95  ? -13.574 11.165  -10.034 1.00 67.80  ? 95  VAL A CG1 1 
ATOM 403  C CG2 . VAL A 1 95  ? -11.234 11.040  -9.193  1.00 67.80  ? 95  VAL A CG2 1 
ATOM 404  N N   . LYS A 1 96  ? -15.426 9.836   -7.337  1.00 73.32  ? 96  LYS A N   1 
ATOM 405  C CA  . LYS A 1 96  ? -16.781 9.297   -7.290  1.00 73.32  ? 96  LYS A CA  1 
ATOM 406  C C   . LYS A 1 96  ? -17.747 10.344  -7.825  1.00 73.32  ? 96  LYS A C   1 
ATOM 407  O O   . LYS A 1 96  ? -17.921 11.403  -7.212  1.00 73.32  ? 96  LYS A O   1 
ATOM 408  C CB  . LYS A 1 96  ? -17.153 8.887   -5.864  1.00 73.32  ? 96  LYS A CB  1 
ATOM 409  C CG  . LYS A 1 96  ? -18.640 8.743   -5.628  1.00 73.32  ? 96  LYS A CG  1 
ATOM 410  C CD  . LYS A 1 96  ? -18.938 8.238   -4.230  1.00 73.32  ? 96  LYS A CD  1 
ATOM 411  C CE  . LYS A 1 96  ? -18.847 6.725   -4.159  1.00 73.32  ? 96  LYS A CE  1 
ATOM 412  N NZ  . LYS A 1 96  ? -19.446 6.194   -2.905  1.00 73.32  ? 96  LYS A NZ  1 
ATOM 413  N N   . LYS A 1 97  ? -18.361 10.054  -8.971  1.00 82.09  ? 97  LYS A N   1 
ATOM 414  C CA  . LYS A 1 97  ? -19.326 10.949  -9.600  1.00 82.09  ? 97  LYS A CA  1 
ATOM 415  C C   . LYS A 1 97  ? -20.539 10.139  -10.023 1.00 82.09  ? 97  LYS A C   1 
ATOM 416  O O   . LYS A 1 97  ? -20.510 9.479   -11.065 1.00 82.09  ? 97  LYS A O   1 
ATOM 417  C CB  . LYS A 1 97  ? -18.717 11.665  -10.808 1.00 82.09  ? 97  LYS A CB  1 
ATOM 418  C CG  . LYS A 1 97  ? -17.294 12.147  -10.599 1.00 82.09  ? 97  LYS A CG  1 
ATOM 419  C CD  . LYS A 1 97  ? -17.009 13.390  -11.419 1.00 82.09  ? 97  LYS A CD  1 
ATOM 420  C CE  . LYS A 1 97  ? -15.716 14.055  -10.979 1.00 82.09  ? 97  LYS A CE  1 
ATOM 421  N NZ  . LYS A 1 97  ? -15.557 15.408  -11.581 1.00 82.09  ? 97  LYS A NZ  1 
ATOM 422  N N   . ASP A 1 98  ? -21.607 10.207  -9.235  1.00 92.67  ? 98  ASP A N   1 
ATOM 423  C CA  . ASP A 1 98  ? -22.790 9.392   -9.462  1.00 92.67  ? 98  ASP A CA  1 
ATOM 424  C C   . ASP A 1 98  ? -23.907 10.237  -10.054 1.00 92.67  ? 98  ASP A C   1 
ATOM 425  O O   . ASP A 1 98  ? -24.193 11.335  -9.569  1.00 92.67  ? 98  ASP A O   1 
ATOM 426  C CB  . ASP A 1 98  ? -23.275 8.736   -8.165  1.00 92.67  ? 98  ASP A CB  1 
ATOM 427  C CG  . ASP A 1 98  ? -22.351 7.636   -7.689  1.00 92.67  ? 98  ASP A CG  1 
ATOM 428  O OD1 . ASP A 1 98  ? -21.260 7.952   -7.178  1.00 92.67  ? 98  ASP A OD1 1 
ATOM 429  O OD2 . ASP A 1 98  ? -22.716 6.450   -7.827  1.00 92.67  ? 98  ASP A OD2 1 
ATOM 430  N N   . GLN A 1 99  ? -24.537 9.713   -11.106 1.00 102.60 ? 99  GLN A N   1 
ATOM 431  C CA  . GLN A 1 99  ? -25.706 10.342  -11.703 1.00 102.60 ? 99  GLN A CA  1 
ATOM 432  C C   . GLN A 1 99  ? -26.997 9.944   -11.004 1.00 102.60 ? 99  GLN A C   1 
ATOM 433  O O   . GLN A 1 99  ? -28.083 10.304  -11.471 1.00 102.60 ? 99  GLN A O   1 
ATOM 434  C CB  . GLN A 1 99  ? -25.788 9.988   -13.192 1.00 102.60 ? 99  GLN A CB  1 
ATOM 435  C CG  . GLN A 1 99  ? -26.411 11.063  -14.073 1.00 102.60 ? 99  GLN A CG  1 
ATOM 436  C CD  . GLN A 1 99  ? -27.849 10.746  -14.441 1.00 102.60 ? 99  GLN A CD  1 
ATOM 437  O OE1 . GLN A 1 99  ? -28.211 9.583   -14.624 1.00 102.60 ? 99  GLN A OE1 1 
ATOM 438  N NE2 . GLN A 1 99  ? -28.675 11.779  -14.556 1.00 102.60 ? 99  GLN A NE2 1 
ATOM 439  N N   . LEU A 1 100 ? -26.898 9.205   -9.903  1.00 105.10 ? 100 LEU A N   1 
ATOM 440  C CA  . LEU A 1 100 ? -28.056 8.833   -9.098  1.00 105.10 ? 100 LEU A CA  1 
ATOM 441  C C   . LEU A 1 100 ? -28.906 10.041  -8.716  1.00 105.10 ? 100 LEU A C   1 
ATOM 442  O O   . LEU A 1 100 ? -30.018 10.215  -9.219  1.00 105.10 ? 100 LEU A O   1 
ATOM 443  C CB  . LEU A 1 100 ? -27.601 8.094   -7.835  1.00 105.10 ? 100 LEU A CB  1 
ATOM 444  C CG  . LEU A 1 100 ? -27.527 6.571   -7.862  1.00 105.10 ? 100 LEU A CG  1 
ATOM 445  C CD1 . LEU A 1 100 ? -26.899 6.053   -6.582  1.00 105.10 ? 100 LEU A CD1 1 
ATOM 446  C CD2 . LEU A 1 100 ? -28.928 6.014   -8.008  1.00 105.10 ? 100 LEU A CD2 1 
ATOM 447  N N   . UNK B 2 1   ? 22.516  17.644  -9.785  1.00 30.00  ? 11  UNK F N   1 
ATOM 448  C CA  . UNK B 2 1   ? 21.844  18.615  -8.931  1.00 30.00  ? 11  UNK F CA  1 
ATOM 449  C C   . UNK B 2 1   ? 21.389  17.978  -7.623  1.00 30.00  ? 11  UNK F C   1 
ATOM 450  O O   . UNK B 2 1   ? 22.203  17.461  -6.857  1.00 30.00  ? 11  UNK F O   1 
ATOM 451  C CB  . UNK B 2 1   ? 20.662  19.234  -9.661  1.00 30.00  ? 11  UNK F CB  1 
ATOM 452  N N   . UNK B 2 2   ? 20.084  18.016  -7.376  1.00 30.00  ? 12  UNK F N   1 
ATOM 453  C CA  . UNK B 2 2   ? 19.513  17.446  -6.160  1.00 30.00  ? 12  UNK F CA  1 
ATOM 454  C C   . UNK B 2 2   ? 19.937  15.994  -5.978  1.00 30.00  ? 12  UNK F C   1 
ATOM 455  O O   . UNK B 2 2   ? 19.871  15.196  -6.913  1.00 30.00  ? 12  UNK F O   1 
ATOM 456  C CB  . UNK B 2 2   ? 17.997  17.557  -6.187  1.00 30.00  ? 12  UNK F CB  1 
ATOM 457  N N   . UNK B 2 3   ? 20.371  15.656  -4.768  1.00 30.00  ? 13  UNK F N   1 
ATOM 458  C CA  . UNK B 2 3   ? 20.808  14.298  -4.463  1.00 30.00  ? 13  UNK F CA  1 
ATOM 459  C C   . UNK B 2 3   ? 19.656  13.455  -3.934  1.00 30.00  ? 13  UNK F C   1 
ATOM 460  O O   . UNK B 2 3   ? 18.489  13.769  -4.158  1.00 30.00  ? 13  UNK F O   1 
ATOM 461  C CB  . UNK B 2 3   ? 21.955  14.319  -3.466  1.00 30.00  ? 13  UNK F CB  1 
ATOM 462  N N   . UNK B 2 4   ? 19.990  12.382  -3.225  1.00 42.03  ? 14  UNK F N   1 
ATOM 463  C CA  . UNK B 2 4   ? 18.976  11.491  -2.675  1.00 42.03  ? 14  UNK F CA  1 
ATOM 464  C C   . UNK B 2 4   ? 19.224  11.179  -1.205  1.00 42.03  ? 14  UNK F C   1 
ATOM 465  O O   . UNK B 2 4   ? 20.147  11.713  -0.594  1.00 42.03  ? 14  UNK F O   1 
ATOM 466  C CB  . UNK B 2 4   ? 18.906  10.206  -3.486  1.00 30.00  ? 14  UNK F CB  1 
ATOM 467  N N   . UNK B 2 5   ? 18.395  10.301  -0.649  1.00 39.21  ? 15  UNK F N   1 
ATOM 468  C CA  . UNK B 2 5   ? 18.509  9.908   0.750   1.00 39.21  ? 15  UNK F CA  1 
ATOM 469  C C   . UNK B 2 5   ? 19.538  8.802   0.941   1.00 39.21  ? 15  UNK F C   1 
ATOM 470  O O   . UNK B 2 5   ? 20.145  8.336   -0.018  1.00 39.21  ? 15  UNK F O   1 
ATOM 471  C CB  . UNK B 2 5   ? 17.155  9.468   1.283   1.00 30.00  ? 15  UNK F CB  1 
ATOM 472  N N   . UNK B 2 6   ? 19.726  8.380   2.188   1.00 43.53  ? 16  UNK F N   1 
ATOM 473  C CA  . UNK B 2 6   ? 20.689  7.330   2.496   1.00 43.53  ? 16  UNK F CA  1 
ATOM 474  C C   . UNK B 2 6   ? 20.389  6.649   3.827   1.00 43.53  ? 16  UNK F C   1 
ATOM 475  O O   . UNK B 2 6   ? 21.147  6.786   4.784   1.00 43.53  ? 16  UNK F O   1 
ATOM 476  C CB  . UNK B 2 6   ? 22.102  7.891   2.498   1.00 30.00  ? 16  UNK F CB  1 
ATOM 477  N N   . UNK B 2 7   ? 19.272  5.931   3.886   1.00 39.44  ? 17  UNK F N   1 
ATOM 478  C CA  . UNK B 2 7   ? 18.874  5.235   5.103   1.00 39.44  ? 17  UNK F CA  1 
ATOM 479  C C   . UNK B 2 7   ? 19.782  4.044   5.378   1.00 39.44  ? 17  UNK F C   1 
ATOM 480  O O   . UNK B 2 7   ? 20.393  3.494   4.464   1.00 39.44  ? 17  UNK F O   1 
ATOM 481  C CB  . UNK B 2 7   ? 17.426  4.785   5.005   1.00 30.00  ? 17  UNK F CB  1 
ATOM 482  N N   . UNK B 2 8   ? 19.869  3.646   6.644   1.00 36.77  ? 18  UNK F N   1 
ATOM 483  C CA  . UNK B 2 8   ? 20.710  2.521   7.028   1.00 36.77  ? 18  UNK F CA  1 
ATOM 484  C C   . UNK B 2 8   ? 20.271  1.926   8.361   1.00 36.77  ? 18  UNK F C   1 
ATOM 485  O O   . UNK B 2 8   ? 21.072  1.797   9.285   1.00 36.77  ? 18  UNK F O   1 
ATOM 486  C CB  . UNK B 2 8   ? 22.168  2.947   7.094   1.00 30.00  ? 18  UNK F CB  1 
ATOM 487  N N   . UNK B 2 9   ? 18.998  1.556   8.453   1.00 38.91  ? 19  UNK F N   1 
ATOM 488  C CA  . UNK B 2 9   ? 18.452  0.977   9.677   1.00 38.91  ? 19  UNK F CA  1 
ATOM 489  C C   . UNK B 2 9   ? 19.091  -0.369  10.007  1.00 38.91  ? 19  UNK F C   1 
ATOM 490  O O   . UNK B 2 9   ? 18.559  -1.420  9.655   1.00 38.91  ? 19  UNK F O   1 
ATOM 491  C CB  . UNK B 2 9   ? 16.942  0.832   9.564   1.00 30.00  ? 19  UNK F CB  1 
ATOM 492  N N   . UNK B 2 10  ? 20.228  -0.332  10.693  1.00 46.51  ? 20  UNK F N   1 
ATOM 493  C CA  . UNK B 2 10  ? 20.937  -1.548  11.066  1.00 46.51  ? 20  UNK F CA  1 
ATOM 494  C C   . UNK B 2 10  ? 20.521  -2.026  12.451  1.00 46.51  ? 20  UNK F C   1 
ATOM 495  O O   . UNK B 2 10  ? 21.271  -1.884  13.416  1.00 46.51  ? 20  UNK F O   1 
ATOM 496  C CB  . UNK B 2 10  ? 22.440  -1.318  11.014  1.00 30.00  ? 20  UNK F CB  1 
ATOM 497  N N   . UNK B 2 11  ? 19.328  -2.603  12.544  1.00 30.00  ? 21  UNK F N   1 
ATOM 498  C CA  . UNK B 2 11  ? 18.808  -3.101  13.816  1.00 30.00  ? 21  UNK F CA  1 
ATOM 499  C C   . UNK B 2 11  ? 19.489  -4.397  14.251  1.00 30.00  ? 21  UNK F C   1 
ATOM 500  O O   . UNK B 2 11  ? 18.921  -5.478  14.117  1.00 30.00  ? 21  UNK F O   1 
ATOM 501  C CB  . UNK B 2 11  ? 17.302  -3.296  13.731  1.00 30.00  ? 21  UNK F CB  1 
ATOM 502  N N   . UNK B 2 12  ? 20.700  -4.277  14.783  1.00 30.00  ? 22  UNK F N   1 
ATOM 503  C CA  . UNK B 2 12  ? 21.460  -5.436  15.236  1.00 30.00  ? 22  UNK F CA  1 
ATOM 504  C C   . UNK B 2 12  ? 20.935  -5.955  16.568  1.00 30.00  ? 22  UNK F C   1 
ATOM 505  O O   . UNK B 2 12  ? 21.572  -5.783  17.605  1.00 30.00  ? 22  UNK F O   1 
ATOM 506  C CB  . UNK B 2 12  ? 22.937  -5.089  15.345  1.00 30.00  ? 22  UNK F CB  1 
ATOM 507  N N   . UNK B 2 13  ? 19.770  -6.593  16.531  1.00 30.00  ? 23  UNK F N   1 
ATOM 508  C CA  . UNK B 2 13  ? 19.158  -7.139  17.736  1.00 30.00  ? 23  UNK F CA  1 
ATOM 509  C C   . UNK B 2 13  ? 20.123  -8.067  18.466  1.00 30.00  ? 23  UNK F C   1 
ATOM 510  O O   . UNK B 2 13  ? 19.705  -9.010  19.139  1.00 30.00  ? 23  UNK F O   1 
ATOM 511  C CB  . UNK B 2 13  ? 17.871  -7.872  17.393  1.00 30.00  ? 23  UNK F CB  1 
ATOM 512  N N   . VAL C 1 37  ? 4.196   -29.883 26.124  1.00 105.07 ? 37  VAL B N   1 
ATOM 513  C CA  . VAL C 1 37  ? 2.976   -29.285 25.596  1.00 105.07 ? 37  VAL B CA  1 
ATOM 514  C C   . VAL C 1 37  ? 3.242   -27.887 25.052  1.00 105.07 ? 37  VAL B C   1 
ATOM 515  O O   . VAL C 1 37  ? 2.478   -26.957 25.301  1.00 105.07 ? 37  VAL B O   1 
ATOM 516  C CB  . VAL C 1 37  ? 1.902   -29.239 26.671  1.00 105.07 ? 37  VAL B CB  1 
ATOM 517  N N   . LEU C 1 38  ? 4.345   -27.738 24.323  1.00 104.22 ? 38  LEU B N   1 
ATOM 518  C CA  . LEU C 1 38  ? 4.656   -26.464 23.691  1.00 104.22 ? 38  LEU B CA  1 
ATOM 519  C C   . LEU C 1 38  ? 3.829   -26.278 22.425  1.00 104.22 ? 38  LEU B C   1 
ATOM 520  O O   . LEU C 1 38  ? 3.512   -27.253 21.739  1.00 104.22 ? 38  LEU B O   1 
ATOM 521  C CB  . LEU C 1 38  ? 6.151   -26.369 23.376  1.00 104.22 ? 38  LEU B CB  1 
ATOM 522  C CG  . LEU C 1 38  ? 7.111   -26.142 24.547  1.00 104.22 ? 38  LEU B CG  1 
ATOM 523  C CD1 . LEU C 1 38  ? 7.413   -27.438 25.290  1.00 104.22 ? 38  LEU B CD1 1 
ATOM 524  C CD2 . LEU C 1 38  ? 8.396   -25.489 24.063  1.00 104.22 ? 38  LEU B CD2 1 
ATOM 525  N N   . TYR C 1 39  ? 3.479   -25.031 22.118  1.00 99.10  ? 39  TYR B N   1 
ATOM 526  C CA  . TYR C 1 39  ? 2.812   -24.663 20.869  1.00 99.10  ? 39  TYR B CA  1 
ATOM 527  C C   . TYR C 1 39  ? 1.546   -25.485 20.634  1.00 99.10  ? 39  TYR B C   1 
ATOM 528  O O   . TYR C 1 39  ? 1.191   -25.825 19.504  1.00 99.10  ? 39  TYR B O   1 
ATOM 529  C CB  . TYR C 1 39  ? 3.766   -24.794 19.684  1.00 99.10  ? 39  TYR B CB  1 
ATOM 530  C CG  . TYR C 1 39  ? 4.906   -23.804 19.693  1.00 99.10  ? 39  TYR B CG  1 
ATOM 531  C CD1 . TYR C 1 39  ? 4.866   -22.666 18.900  1.00 99.10  ? 39  TYR B CD1 1 
ATOM 532  C CD2 . TYR C 1 39  ? 6.026   -24.012 20.486  1.00 99.10  ? 39  TYR B CD2 1 
ATOM 533  C CE1 . TYR C 1 39  ? 5.906   -21.760 18.901  1.00 99.10  ? 39  TYR B CE1 1 
ATOM 534  C CE2 . TYR C 1 39  ? 7.071   -23.110 20.493  1.00 99.10  ? 39  TYR B CE2 1 
ATOM 535  C CZ  . TYR C 1 39  ? 7.007   -21.985 19.699  1.00 99.10  ? 39  TYR B CZ  1 
ATOM 536  O OH  . TYR C 1 39  ? 8.044   -21.083 19.701  1.00 99.10  ? 39  TYR B OH  1 
ATOM 537  N N   . VAL C 1 40  ? 0.853   -25.809 21.730  1.00 98.90  ? 40  VAL B N   1 
ATOM 538  C CA  . VAL C 1 40  ? -0.428  -26.502 21.614  1.00 98.90  ? 40  VAL B CA  1 
ATOM 539  C C   . VAL C 1 40  ? -1.424  -25.655 20.835  1.00 98.90  ? 40  VAL B C   1 
ATOM 540  O O   . VAL C 1 40  ? -2.369  -26.180 20.232  1.00 98.90  ? 40  VAL B O   1 
ATOM 541  C CB  . VAL C 1 40  ? -0.955  -26.878 23.016  1.00 98.90  ? 40  VAL B CB  1 
ATOM 542  C CG1 . VAL C 1 40  ? -2.357  -27.470 22.943  1.00 98.90  ? 40  VAL B CG1 1 
ATOM 543  C CG2 . VAL C 1 40  ? -0.017  -27.868 23.676  1.00 98.90  ? 40  VAL B CG2 1 
ATOM 544  N N   . GLY C 1 41  ? -1.210  -24.341 20.791  1.00 94.12  ? 41  GLY B N   1 
ATOM 545  C CA  . GLY C 1 41  ? -2.082  -23.463 20.048  1.00 94.12  ? 41  GLY B CA  1 
ATOM 546  C C   . GLY C 1 41  ? -1.421  -23.013 18.762  1.00 94.12  ? 41  GLY B C   1 
ATOM 547  O O   . GLY C 1 41  ? -0.339  -23.477 18.394  1.00 94.12  ? 41  GLY B O   1 
ATOM 548  N N   . SER C 1 42  ? -2.096  -22.091 18.085  1.00 87.02  ? 42  SER B N   1 
ATOM 549  C CA  . SER C 1 42  ? -1.656  -21.643 16.773  1.00 87.02  ? 42  SER B CA  1 
ATOM 550  C C   . SER C 1 42  ? -0.419  -20.760 16.868  1.00 87.02  ? 42  SER B C   1 
ATOM 551  O O   . SER C 1 42  ? -0.214  -20.055 17.859  1.00 87.02  ? 42  SER B O   1 
ATOM 552  C CB  . SER C 1 42  ? -2.792  -20.883 16.086  1.00 87.02  ? 42  SER B CB  1 
ATOM 553  O OG  . SER C 1 42  ? -3.908  -21.724 15.864  1.00 87.02  ? 42  SER B OG  1 
ATOM 554  N N   . LYS C 1 43  ? 0.414   -20.825 15.835  1.00 77.64  ? 43  LYS B N   1 
ATOM 555  C CA  . LYS C 1 43  ? 1.399   -19.797 15.528  1.00 77.64  ? 43  LYS B CA  1 
ATOM 556  C C   . LYS C 1 43  ? 1.367   -19.602 14.020  1.00 77.64  ? 43  LYS B C   1 
ATOM 557  O O   . LYS C 1 43  ? 2.130   -20.242 13.289  1.00 77.64  ? 43  LYS B O   1 
ATOM 558  C CB  . LYS C 1 43  ? 2.795   -20.196 16.006  1.00 77.64  ? 43  LYS B CB  1 
ATOM 559  C CG  . LYS C 1 43  ? 3.895   -19.227 15.597  1.00 77.64  ? 43  LYS B CG  1 
ATOM 560  C CD  . LYS C 1 43  ? 5.264   -19.729 16.022  1.00 77.64  ? 43  LYS B CD  1 
ATOM 561  C CE  . LYS C 1 43  ? 6.373   -18.921 15.366  1.00 77.64  ? 43  LYS B CE  1 
ATOM 562  N NZ  . LYS C 1 43  ? 7.717   -19.294 15.885  1.00 77.64  ? 43  LYS B NZ  1 
ATOM 563  N N   . THR C 1 44  ? 0.479   -18.725 13.555  1.00 68.93  ? 44  THR B N   1 
ATOM 564  C CA  . THR C 1 44  ? 0.138   -18.683 12.143  1.00 68.93  ? 44  THR B CA  1 
ATOM 565  C C   . THR C 1 44  ? 0.291   -17.272 11.604  1.00 68.93  ? 44  THR B C   1 
ATOM 566  O O   . THR C 1 44  ? 0.575   -16.330 12.348  1.00 68.93  ? 44  THR B O   1 
ATOM 567  C CB  . THR C 1 44  ? -1.296  -19.164 11.890  1.00 68.93  ? 44  THR B CB  1 
ATOM 568  O OG1 . THR C 1 44  ? -2.214  -18.108 12.195  1.00 68.93  ? 44  THR B OG1 1 
ATOM 569  C CG2 . THR C 1 44  ? -1.624  -20.372 12.743  1.00 68.93  ? 44  THR B CG2 1 
ATOM 570  N N   . LYS C 1 45  ? 0.105   -17.148 10.292  1.00 60.42  ? 45  LYS B N   1 
ATOM 571  C CA  . LYS C 1 45  ? 0.064   -15.868 9.598   1.00 60.42  ? 45  LYS B CA  1 
ATOM 572  C C   . LYS C 1 45  ? -1.023  -15.959 8.541   1.00 60.42  ? 45  LYS B C   1 
ATOM 573  O O   . LYS C 1 45  ? -0.850  -16.651 7.532   1.00 60.42  ? 45  LYS B O   1 
ATOM 574  C CB  . LYS C 1 45  ? 1.414   -15.529 8.956   1.00 60.42  ? 45  LYS B CB  1 
ATOM 575  C CG  . LYS C 1 45  ? 2.627   -15.849 9.814   1.00 60.42  ? 45  LYS B CG  1 
ATOM 576  C CD  . LYS C 1 45  ? 3.920   -15.447 9.131   1.00 60.42  ? 45  LYS B CD  1 
ATOM 577  C CE  . LYS C 1 45  ? 4.082   -13.941 9.101   1.00 60.42  ? 45  LYS B CE  1 
ATOM 578  N NZ  . LYS C 1 45  ? 5.493   -13.553 8.836   1.00 60.42  ? 45  LYS B NZ  1 
ATOM 579  N N   . GLU C 1 46  ? -2.139  -15.275 8.770   1.00 62.02  ? 46  GLU B N   1 
ATOM 580  C CA  . GLU C 1 46  ? -3.288  -15.329 7.880   1.00 62.02  ? 46  GLU B CA  1 
ATOM 581  C C   . GLU C 1 46  ? -3.511  -13.964 7.247   1.00 62.02  ? 46  GLU B C   1 
ATOM 582  O O   . GLU C 1 46  ? -3.681  -12.964 7.949   1.00 62.02  ? 46  GLU B O   1 
ATOM 583  C CB  . GLU C 1 46  ? -4.543  -15.774 8.632   1.00 62.02  ? 46  GLU B CB  1 
ATOM 584  C CG  . GLU C 1 46  ? -4.333  -17.014 9.485   1.00 62.02  ? 46  GLU B CG  1 
ATOM 585  C CD  . GLU C 1 46  ? -5.240  -17.054 10.700  1.00 62.02  ? 46  GLU B CD  1 
ATOM 586  O OE1 . GLU C 1 46  ? -5.934  -16.050 10.961  1.00 62.02  ? 46  GLU B OE1 1 
ATOM 587  O OE2 . GLU C 1 46  ? -5.258  -18.089 11.398  1.00 62.02  ? 46  GLU B OE2 1 
ATOM 588  N N   . GLY C 1 47  ? -3.516  -13.931 5.917   1.00 56.54  ? 47  GLY B N   1 
ATOM 589  C CA  . GLY C 1 47  ? -3.640  -12.681 5.193   1.00 56.54  ? 47  GLY B CA  1 
ATOM 590  C C   . GLY C 1 47  ? -2.497  -11.734 5.483   1.00 56.54  ? 47  GLY B C   1 
ATOM 591  O O   . GLY C 1 47  ? -2.711  -10.637 6.002   1.00 56.54  ? 47  GLY B O   1 
ATOM 592  N N   . VAL C 1 48  ? -1.276  -12.144 5.154   1.00 54.65  ? 48  VAL B N   1 
ATOM 593  C CA  . VAL C 1 48  ? -0.071  -11.407 5.512   1.00 54.65  ? 48  VAL B CA  1 
ATOM 594  C C   . VAL C 1 48  ? 0.721   -11.102 4.249   1.00 54.65  ? 48  VAL B C   1 
ATOM 595  O O   . VAL C 1 48  ? 0.826   -11.943 3.352   1.00 54.65  ? 48  VAL B O   1 
ATOM 596  C CB  . VAL C 1 48  ? 0.787   -12.201 6.519   1.00 54.65  ? 48  VAL B CB  1 
ATOM 597  C CG1 . VAL C 1 48  ? 2.100   -11.498 6.784   1.00 54.65  ? 48  VAL B CG1 1 
ATOM 598  C CG2 . VAL C 1 48  ? 0.023   -12.400 7.808   1.00 54.65  ? 48  VAL B CG2 1 
ATOM 599  N N   . VAL C 1 49  ? 1.269   -9.891  4.181   1.00 52.87  ? 49  VAL B N   1 
ATOM 600  C CA  . VAL C 1 49  ? 2.169   -9.472  3.114   1.00 52.87  ? 49  VAL B CA  1 
ATOM 601  C C   . VAL C 1 49  ? 3.432   -8.928  3.762   1.00 52.87  ? 49  VAL B C   1 
ATOM 602  O O   . VAL C 1 49  ? 3.406   -7.848  4.363   1.00 52.87  ? 49  VAL B O   1 
ATOM 603  C CB  . VAL C 1 49  ? 1.524   -8.403  2.216   1.00 52.87  ? 49  VAL B CB  1 
ATOM 604  C CG1 . VAL C 1 49  ? 2.528   -7.889  1.202   1.00 52.87  ? 49  VAL B CG1 1 
ATOM 605  C CG2 . VAL C 1 49  ? 0.303   -8.951  1.523   1.00 52.87  ? 49  VAL B CG2 1 
ATOM 606  N N   . HIS C 1 50  ? 4.536   -9.662  3.646   1.00 57.72  ? 50  HIS B N   1 
ATOM 607  C CA  . HIS C 1 50  ? 5.763   -9.200  4.277   1.00 57.72  ? 50  HIS B CA  1 
ATOM 608  C C   . HIS C 1 50  ? 6.959   -9.439  3.368   1.00 57.72  ? 50  HIS B C   1 
ATOM 609  O O   . HIS C 1 50  ? 6.894   -10.192 2.399   1.00 57.72  ? 50  HIS B O   1 
ATOM 610  C CB  . HIS C 1 50  ? 5.974   -9.848  5.649   1.00 57.72  ? 50  HIS B CB  1 
ATOM 611  C CG  . HIS C 1 50  ? 6.122   -11.336 5.621   1.00 57.72  ? 50  HIS B CG  1 
ATOM 612  N ND1 . HIS C 1 50  ? 7.339   -11.963 5.777   1.00 57.72  ? 50  HIS B ND1 1 
ATOM 613  C CD2 . HIS C 1 50  ? 5.202   -12.322 5.508   1.00 57.72  ? 50  HIS B CD2 1 
ATOM 614  C CE1 . HIS C 1 50  ? 7.165   -13.272 5.740   1.00 57.72  ? 50  HIS B CE1 1 
ATOM 615  N NE2 . HIS C 1 50  ? 5.878   -13.517 5.577   1.00 57.72  ? 50  HIS B NE2 1 
ATOM 616  N N   . ASP C 1 51  ? 8.051   -8.750  3.692   1.00 63.27  ? 51  ASP B N   1 
ATOM 617  C CA  . ASP C 1 51  ? 9.319   -8.863  2.974   1.00 63.27  ? 51  ASP B CA  1 
ATOM 618  C C   . ASP C 1 51  ? 9.151   -8.552  1.488   1.00 63.27  ? 51  ASP B C   1 
ATOM 619  O O   . ASP C 1 51  ? 9.698   -9.231  0.618   1.00 63.27  ? 51  ASP B O   1 
ATOM 620  C CB  . ASP C 1 51  ? 9.942   -10.240 3.186   1.00 63.27  ? 51  ASP B CB  1 
ATOM 621  C CG  . ASP C 1 51  ? 10.243  -10.523 4.643   1.00 63.27  ? 51  ASP B CG  1 
ATOM 622  O OD1 . ASP C 1 51  ? 11.353  -10.178 5.098   1.00 63.27  ? 51  ASP B OD1 1 
ATOM 623  O OD2 . ASP C 1 51  ? 9.371   -11.083 5.335   1.00 63.27  ? 51  ASP B OD2 1 
ATOM 624  N N   . VAL C 1 52  ? 8.389   -7.506  1.200   1.00 65.41  ? 52  VAL B N   1 
ATOM 625  C CA  . VAL C 1 52  ? 8.256   -6.978  -0.152  1.00 65.41  ? 52  VAL B CA  1 
ATOM 626  C C   . VAL C 1 52  ? 9.320   -5.906  -0.336  1.00 65.41  ? 52  VAL B C   1 
ATOM 627  O O   . VAL C 1 52  ? 9.330   -4.901  0.383   1.00 65.41  ? 52  VAL B O   1 
ATOM 628  C CB  . VAL C 1 52  ? 6.851   -6.411  -0.404  1.00 65.41  ? 52  VAL B CB  1 
ATOM 629  C CG1 . VAL C 1 52  ? 6.827   -5.615  -1.696  1.00 65.41  ? 52  VAL B CG1 1 
ATOM 630  C CG2 . VAL C 1 52  ? 5.832   -7.530  -0.447  1.00 65.41  ? 52  VAL B CG2 1 
ATOM 631  N N   . THR C 1 53  ? 10.219  -6.117  -1.294  1.00 69.53  ? 53  THR B N   1 
ATOM 632  C CA  . THR C 1 53  ? 11.312  -5.191  -1.564  1.00 69.53  ? 53  THR B CA  1 
ATOM 633  C C   . THR C 1 53  ? 11.218  -4.743  -3.012  1.00 69.53  ? 53  THR B C   1 
ATOM 634  O O   . THR C 1 53  ? 10.983  -5.565  -3.903  1.00 69.53  ? 53  THR B O   1 
ATOM 635  C CB  . THR C 1 53  ? 12.670  -5.841  -1.288  1.00 69.53  ? 53  THR B CB  1 
ATOM 636  O OG1 . THR C 1 53  ? 12.639  -6.486  -0.009  1.00 69.53  ? 53  THR B OG1 1 
ATOM 637  C CG2 . THR C 1 53  ? 13.772  -4.796  -1.290  1.00 69.53  ? 53  THR B CG2 1 
ATOM 638  N N   . THR C 1 54  ? 11.397  -3.447  -3.246  1.00 68.22  ? 54  THR B N   1 
ATOM 639  C CA  . THR C 1 54  ? 11.296  -2.872  -4.578  1.00 68.22  ? 54  THR B CA  1 
ATOM 640  C C   . THR C 1 54  ? 12.362  -1.802  -4.749  1.00 68.22  ? 54  THR B C   1 
ATOM 641  O O   . THR C 1 54  ? 12.565  -0.970  -3.862  1.00 68.22  ? 54  THR B O   1 
ATOM 642  C CB  . THR C 1 54  ? 9.910   -2.266  -4.819  1.00 68.22  ? 54  THR B CB  1 
ATOM 643  O OG1 . THR C 1 54  ? 8.905   -3.239  -4.508  1.00 68.22  ? 54  THR B OG1 1 
ATOM 644  C CG2 . THR C 1 54  ? 9.757   -1.833  -6.266  1.00 68.22  ? 54  THR B CG2 1 
ATOM 645  N N   . VAL C 1 55  ? 13.043  -1.832  -5.892  1.00 66.87  ? 55  VAL B N   1 
ATOM 646  C CA  . VAL C 1 55  ? 14.071  -0.854  -6.231  1.00 66.87  ? 55  VAL B CA  1 
ATOM 647  C C   . VAL C 1 55  ? 13.828  -0.428  -7.671  1.00 66.87  ? 55  VAL B C   1 
ATOM 648  O O   . VAL C 1 55  ? 14.215  -1.139  -8.606  1.00 66.87  ? 55  VAL B O   1 
ATOM 649  C CB  . VAL C 1 55  ? 15.490  -1.415  -6.060  1.00 66.87  ? 55  VAL B CB  1 
ATOM 650  C CG1 . VAL C 1 55  ? 16.516  -0.372  -6.452  1.00 66.87  ? 55  VAL B CG1 1 
ATOM 651  C CG2 . VAL C 1 55  ? 15.716  -1.877  -4.630  1.00 66.87  ? 55  VAL B CG2 1 
ATOM 652  N N   . ALA C 1 56  ? 13.193  0.726   -7.856  1.00 67.35  ? 56  ALA B N   1 
ATOM 653  C CA  . ALA C 1 56  ? 12.861  1.241   -9.176  1.00 67.35  ? 56  ALA B CA  1 
ATOM 654  C C   . ALA C 1 56  ? 13.652  2.514   -9.426  1.00 67.35  ? 56  ALA B C   1 
ATOM 655  O O   . ALA C 1 56  ? 13.350  3.559   -8.843  1.00 67.35  ? 56  ALA B O   1 
ATOM 656  C CB  . ALA C 1 56  ? 11.361  1.515   -9.301  1.00 67.35  ? 56  ALA B CB  1 
ATOM 657  N N   . ALA C 1 57  ? 14.660  2.426   -10.292 1.00 71.17  ? 57  ALA B N   1 
ATOM 658  C CA  . ALA C 1 57  ? 15.581  3.535   -10.496 1.00 71.17  ? 57  ALA B CA  1 
ATOM 659  C C   . ALA C 1 57  ? 14.889  4.771   -11.060 1.00 71.17  ? 57  ALA B C   1 
ATOM 660  O O   . ALA C 1 57  ? 14.814  5.799   -10.381 1.00 71.17  ? 57  ALA B O   1 
ATOM 661  C CB  . ALA C 1 57  ? 16.735  3.117   -11.408 1.00 71.17  ? 57  ALA B CB  1 
ATOM 662  N N   . LYS C 1 58  ? 14.365  4.696   -12.279 1.00 69.32  ? 58  LYS B N   1 
ATOM 663  C CA  . LYS C 1 58  ? 13.788  5.872   -12.912 1.00 69.32  ? 58  LYS B CA  1 
ATOM 664  C C   . LYS C 1 58  ? 12.536  5.500   -13.683 1.00 69.32  ? 58  LYS B C   1 
ATOM 665  O O   . LYS C 1 58  ? 12.491  4.452   -14.332 1.00 69.32  ? 58  LYS B O   1 
ATOM 666  C CB  . LYS C 1 58  ? 14.789  6.548   -13.855 1.00 69.32  ? 58  LYS B CB  1 
ATOM 667  C CG  . LYS C 1 58  ? 14.227  7.766   -14.574 1.00 69.32  ? 58  LYS B CG  1 
ATOM 668  C CD  . LYS C 1 58  ? 15.122  8.217   -15.709 1.00 69.32  ? 58  LYS B CD  1 
ATOM 669  C CE  . LYS C 1 58  ? 14.793  9.633   -16.135 1.00 69.32  ? 58  LYS B CE  1 
ATOM 670  N NZ  . LYS C 1 58  ? 14.965  9.827   -17.598 1.00 69.32  ? 58  LYS B NZ  1 
ATOM 671  N N   . THR C 1 59  ? 11.520  6.355   -13.600 1.00 72.84  ? 59  THR B N   1 
ATOM 672  C CA  . THR C 1 59  ? 10.363  6.294   -14.483 1.00 72.84  ? 59  THR B CA  1 
ATOM 673  C C   . THR C 1 59  ? 10.071  7.702   -14.981 1.00 72.84  ? 59  THR B C   1 
ATOM 674  O O   . THR C 1 59  ? 9.276   8.423   -14.371 1.00 72.84  ? 59  THR B O   1 
ATOM 675  C CB  . THR C 1 59  ? 9.125   5.717   -13.777 1.00 72.84  ? 59  THR B CB  1 
ATOM 676  O OG1 . THR C 1 59  ? 8.509   6.732   -12.976 1.00 72.84  ? 59  THR B OG1 1 
ATOM 677  C CG2 . THR C 1 59  ? 9.493   4.533   -12.894 1.00 72.84  ? 59  THR B CG2 1 
ATOM 678  N N   . LYS C 1 60  ? 10.699  8.087   -16.092 1.00 73.89  ? 60  LYS B N   1 
ATOM 679  C CA  . LYS C 1 60  ? 10.515  9.409   -16.680 1.00 73.89  ? 60  LYS B CA  1 
ATOM 680  C C   . LYS C 1 60  ? 9.162   9.423   -17.370 1.00 73.89  ? 60  LYS B C   1 
ATOM 681  O O   . LYS C 1 60  ? 9.084   9.340   -18.600 1.00 73.89  ? 60  LYS B O   1 
ATOM 682  C CB  . LYS C 1 60  ? 11.631  9.749   -17.667 1.00 73.89  ? 60  LYS B CB  1 
ATOM 683  C CG  . LYS C 1 60  ? 11.533  11.152  -18.243 1.00 73.89  ? 60  LYS B CG  1 
ATOM 684  C CD  . LYS C 1 60  ? 12.576  11.390  -19.317 1.00 73.89  ? 60  LYS B CD  1 
ATOM 685  C CE  . LYS C 1 60  ? 12.211  12.595  -20.172 1.00 73.89  ? 60  LYS B CE  1 
ATOM 686  N NZ  . LYS C 1 60  ? 13.308  12.969  -21.108 1.00 73.89  ? 60  LYS B NZ  1 
ATOM 687  N N   . GLU C 1 61  ? 8.104   9.538   -16.576 1.00 67.66  ? 61  GLU B N   1 
ATOM 688  C CA  . GLU C 1 61  ? 6.743   9.326   -17.045 1.00 67.66  ? 61  GLU B CA  1 
ATOM 689  C C   . GLU C 1 61  ? 6.154   10.643  -17.514 1.00 67.66  ? 61  GLU B C   1 
ATOM 690  O O   . GLU C 1 61  ? 6.209   11.642  -16.792 1.00 67.66  ? 61  GLU B O   1 
ATOM 691  C CB  . GLU C 1 61  ? 5.876   8.733   -15.934 1.00 67.66  ? 61  GLU B CB  1 
ATOM 692  C CG  . GLU C 1 61  ? 6.373   7.413   -15.397 1.00 67.66  ? 61  GLU B CG  1 
ATOM 693  C CD  . GLU C 1 61  ? 5.472   6.860   -14.313 1.00 67.66  ? 61  GLU B CD  1 
ATOM 694  O OE1 . GLU C 1 61  ? 5.699   7.187   -13.133 1.00 67.66  ? 61  GLU B OE1 1 
ATOM 695  O OE2 . GLU C 1 61  ? 4.536   6.105   -14.646 1.00 67.66  ? 61  GLU B OE2 1 
ATOM 696  N N   . GLN C 1 62  ? 5.605   10.645  -18.721 1.00 64.64  ? 62  GLN B N   1 
ATOM 697  C CA  . GLN C 1 62  ? 4.672   11.673  -19.154 1.00 64.64  ? 62  GLN B CA  1 
ATOM 698  C C   . GLN C 1 62  ? 3.285   11.048  -19.138 1.00 64.64  ? 62  GLN B C   1 
ATOM 699  O O   . GLN C 1 62  ? 2.796   10.586  -20.173 1.00 64.64  ? 62  GLN B O   1 
ATOM 700  C CB  . GLN C 1 62  ? 5.029   12.194  -20.546 1.00 64.64  ? 62  GLN B CB  1 
ATOM 701  C CG  . GLN C 1 62  ? 4.173   13.351  -21.020 1.00 64.64  ? 62  GLN B CG  1 
ATOM 702  C CD  . GLN C 1 62  ? 4.884   14.209  -22.047 1.00 64.64  ? 62  GLN B CD  1 
ATOM 703  O OE1 . GLN C 1 62  ? 6.101   14.137  -22.198 1.00 64.64  ? 62  GLN B OE1 1 
ATOM 704  N NE2 . GLN C 1 62  ? 4.120   15.029  -22.760 1.00 64.64  ? 62  GLN B NE2 1 
ATOM 705  N N   . VAL C 1 63  ? 2.658   11.030  -17.965 1.00 60.55  ? 63  VAL B N   1 
ATOM 706  C CA  . VAL C 1 63  ? 1.376   10.365  -17.771 1.00 60.55  ? 63  VAL B CA  1 
ATOM 707  C C   . VAL C 1 63  ? 0.271   11.360  -18.077 1.00 60.55  ? 63  VAL B C   1 
ATOM 708  O O   . VAL C 1 63  ? 0.122   12.362  -17.369 1.00 60.55  ? 63  VAL B O   1 
ATOM 709  C CB  . VAL C 1 63  ? 1.224   9.808   -16.348 1.00 60.55  ? 63  VAL B CB  1 
ATOM 710  C CG1 . VAL C 1 63  ? -0.152  9.198   -16.169 1.00 60.55  ? 63  VAL B CG1 1 
ATOM 711  C CG2 . VAL C 1 63  ? 2.299   8.778   -16.069 1.00 60.55  ? 63  VAL B CG2 1 
ATOM 712  N N   . THR C 1 64  ? -0.496  11.090  -19.127 1.00 62.83  ? 64  THR B N   1 
ATOM 713  C CA  . THR C 1 64  ? -1.657  11.893  -19.482 1.00 62.83  ? 64  THR B CA  1 
ATOM 714  C C   . THR C 1 64  ? -2.896  11.040  -19.269 1.00 62.83  ? 64  THR B C   1 
ATOM 715  O O   . THR C 1 64  ? -3.022  9.963   -19.858 1.00 62.83  ? 64  THR B O   1 
ATOM 716  C CB  . THR C 1 64  ? -1.579  12.383  -20.929 1.00 62.83  ? 64  THR B CB  1 
ATOM 717  O OG1 . THR C 1 64  ? -0.438  13.233  -21.085 1.00 62.83  ? 64  THR B OG1 1 
ATOM 718  C CG2 . THR C 1 64  ? -2.834  13.160  -21.291 1.00 62.83  ? 64  THR B CG2 1 
ATOM 719  N N   . ASN C 1 65  ? -3.803  11.518  -18.422 1.00 64.46  ? 65  ASN B N   1 
ATOM 720  C CA  . ASN C 1 65  ? -4.995  10.770  -18.053 1.00 64.46  ? 65  ASN B CA  1 
ATOM 721  C C   . ASN C 1 65  ? -6.205  11.668  -18.241 1.00 64.46  ? 65  ASN B C   1 
ATOM 722  O O   . ASN C 1 65  ? -6.235  12.787  -17.719 1.00 64.46  ? 65  ASN B O   1 
ATOM 723  C CB  . ASN C 1 65  ? -4.905  10.278  -16.606 1.00 64.46  ? 65  ASN B CB  1 
ATOM 724  C CG  . ASN C 1 65  ? -5.990  9.284   -16.257 1.00 64.46  ? 65  ASN B CG  1 
ATOM 725  O OD1 . ASN C 1 65  ? -7.058  9.268   -16.864 1.00 64.46  ? 65  ASN B OD1 1 
ATOM 726  N ND2 . ASN C 1 65  ? -5.719  8.444   -15.267 1.00 64.46  ? 65  ASN B ND2 1 
ATOM 727  N N   . VAL C 1 66  ? -7.191  11.184  -18.988 1.00 62.61  ? 66  VAL B N   1 
ATOM 728  C CA  . VAL C 1 66  ? -8.450  11.889  -19.186 1.00 62.61  ? 66  VAL B CA  1 
ATOM 729  C C   . VAL C 1 66  ? -9.587  10.958  -18.795 1.00 62.61  ? 66  VAL B C   1 
ATOM 730  O O   . VAL C 1 66  ? -9.967  10.070  -19.569 1.00 62.61  ? 66  VAL B O   1 
ATOM 731  C CB  . VAL C 1 66  ? -8.604  12.364  -20.639 1.00 62.61  ? 66  VAL B CB  1 
ATOM 732  C CG1 . VAL C 1 66  ? -9.912  13.113  -20.812 1.00 62.61  ? 66  VAL B CG1 1 
ATOM 733  C CG2 . VAL C 1 66  ? -7.430  13.239  -21.037 1.00 62.61  ? 66  VAL B CG2 1 
ATOM 734  N N   . GLY C 1 67  ? -10.134 11.162  -17.601 1.00 64.93  ? 67  GLY B N   1 
ATOM 735  C CA  . GLY C 1 67  ? -11.242 10.363  -17.116 1.00 64.93  ? 67  GLY B CA  1 
ATOM 736  C C   . GLY C 1 67  ? -10.940 8.887   -16.971 1.00 64.93  ? 67  GLY B C   1 
ATOM 737  O O   . GLY C 1 67  ? -11.778 8.046   -17.299 1.00 64.93  ? 67  GLY B O   1 
ATOM 738  N N   . GLY C 1 68  ? -9.758  8.558   -16.464 1.00 62.75  ? 68  GLY B N   1 
ATOM 739  C CA  . GLY C 1 68  ? -9.383  7.168   -16.295 1.00 62.75  ? 68  GLY B CA  1 
ATOM 740  C C   . GLY C 1 68  ? -8.474  7.000   -15.102 1.00 62.75  ? 68  GLY B C   1 
ATOM 741  O O   . GLY C 1 68  ? -8.101  7.970   -14.436 1.00 62.75  ? 68  GLY B O   1 
ATOM 742  N N   . ALA C 1 69  ? -8.118  5.746   -14.840 1.00 60.26  ? 69  ALA B N   1 
ATOM 743  C CA  . ALA C 1 69  ? -7.302  5.383   -13.693 1.00 60.26  ? 69  ALA B CA  1 
ATOM 744  C C   . ALA C 1 69  ? -5.910  4.959   -14.139 1.00 60.26  ? 69  ALA B C   1 
ATOM 745  O O   . ALA C 1 69  ? -5.757  4.211   -15.107 1.00 60.26  ? 69  ALA B O   1 
ATOM 746  C CB  . ALA C 1 69  ? -7.954  4.252   -12.898 1.00 60.26  ? 69  ALA B CB  1 
ATOM 747  N N   . VAL C 1 70  ? -4.897  5.443   -13.422 1.00 59.17  ? 70  VAL B N   1 
ATOM 748  C CA  . VAL C 1 70  ? -3.508  5.057   -13.634 1.00 59.17  ? 70  VAL B CA  1 
ATOM 749  C C   . VAL C 1 70  ? -2.893  4.782   -12.270 1.00 59.17  ? 70  VAL B C   1 
ATOM 750  O O   . VAL C 1 70  ? -3.122  5.539   -11.322 1.00 59.17  ? 70  VAL B O   1 
ATOM 751  C CB  . VAL C 1 70  ? -2.713  6.150   -14.374 1.00 59.17  ? 70  VAL B CB  1 
ATOM 752  C CG1 . VAL C 1 70  ? -1.230  5.824   -14.380 1.00 59.17  ? 70  VAL B CG1 1 
ATOM 753  C CG2 . VAL C 1 70  ? -3.224  6.312   -15.792 1.00 59.17  ? 70  VAL B CG2 1 
ATOM 754  N N   . VAL C 1 71  ? -2.120  3.704   -12.167 1.00 64.31  ? 71  VAL B N   1 
ATOM 755  C CA  . VAL C 1 71  ? -1.499  3.299   -10.910 1.00 64.31  ? 71  VAL B CA  1 
ATOM 756  C C   . VAL C 1 71  ? -0.041  2.971   -11.188 1.00 64.31  ? 71  VAL B C   1 
ATOM 757  O O   . VAL C 1 71  ? 0.257   2.025   -11.927 1.00 64.31  ? 71  VAL B O   1 
ATOM 758  C CB  . VAL C 1 71  ? -2.208  2.101   -10.270 1.00 64.31  ? 71  VAL B CB  1 
ATOM 759  C CG1 . VAL C 1 71  ? -1.373  1.552   -9.130  1.00 64.31  ? 71  VAL B CG1 1 
ATOM 760  C CG2 . VAL C 1 71  ? -3.582  2.503   -9.779  1.00 64.31  ? 71  VAL B CG2 1 
ATOM 761  N N   . THR C 1 72  ? 0.869   3.747   -10.596 1.00 69.49  ? 72  THR B N   1 
ATOM 762  C CA  . THR C 1 72  ? 2.308   3.534   -10.735 1.00 69.49  ? 72  THR B CA  1 
ATOM 763  C C   . THR C 1 72  ? 2.948   3.578   -9.344  1.00 69.49  ? 72  THR B C   1 
ATOM 764  O O   . THR C 1 72  ? 3.434   4.619   -8.903  1.00 69.49  ? 72  THR B O   1 
ATOM 765  C CB  . THR C 1 72  ? 2.932   4.574   -11.665 1.00 69.49  ? 72  THR B CB  1 
ATOM 766  O OG1 . THR C 1 72  ? 2.134   4.704   -12.847 1.00 69.49  ? 72  THR B OG1 1 
ATOM 767  C CG2 . THR C 1 72  ? 4.345   4.164   -12.049 1.00 69.49  ? 72  THR B CG2 1 
ATOM 768  N N   . GLY C 1 73  ? 2.964   2.440   -8.661  1.00 75.27  ? 73  GLY B N   1 
ATOM 769  C CA  . GLY C 1 73  ? 3.560   2.404   -7.338  1.00 75.27  ? 73  GLY B CA  1 
ATOM 770  C C   . GLY C 1 73  ? 3.327   1.073   -6.663  1.00 75.27  ? 73  GLY B C   1 
ATOM 771  O O   . GLY C 1 73  ? 2.562   0.230   -7.139  1.00 75.27  ? 73  GLY B O   1 
ATOM 772  N N   . VAL C 1 74  ? 4.007   0.901   -5.532  1.00 76.83  ? 74  VAL B N   1 
ATOM 773  C CA  . VAL C 1 74  ? 3.906   -0.322  -4.745  1.00 76.83  ? 74  VAL B CA  1 
ATOM 774  C C   . VAL C 1 74  ? 2.590   -0.305  -3.978  1.00 76.83  ? 74  VAL B C   1 
ATOM 775  O O   . VAL C 1 74  ? 2.287   0.660   -3.268  1.00 76.83  ? 74  VAL B O   1 
ATOM 776  C CB  . VAL C 1 74  ? 5.099   -0.465  -3.789  1.00 76.83  ? 74  VAL B CB  1 
ATOM 777  C CG1 . VAL C 1 74  ? 4.960   -1.725  -2.951  1.00 76.83  ? 74  VAL B CG1 1 
ATOM 778  C CG2 . VAL C 1 74  ? 6.403   -0.480  -4.570  1.00 76.83  ? 74  VAL B CG2 1 
ATOM 779  N N   . THR C 1 75  ? 1.804   -1.367  -4.123  1.00 73.09  ? 75  THR B N   1 
ATOM 780  C CA  . THR C 1 75  ? 0.514   -1.497  -3.457  1.00 73.09  ? 75  THR B CA  1 
ATOM 781  C C   . THR C 1 75  ? 0.453   -2.866  -2.792  1.00 73.09  ? 75  THR B C   1 
ATOM 782  O O   . THR C 1 75  ? 0.412   -3.893  -3.476  1.00 73.09  ? 75  THR B O   1 
ATOM 783  C CB  . THR C 1 75  ? -0.637  -1.319  -4.447  1.00 73.09  ? 75  THR B CB  1 
ATOM 784  O OG1 . THR C 1 75  ? -0.608  0.010   -4.980  1.00 73.09  ? 75  THR B OG1 1 
ATOM 785  C CG2 . THR C 1 75  ? -1.972  -1.554  -3.759  1.00 73.09  ? 75  THR B CG2 1 
ATOM 786  N N   . ALA C 1 76  ? 0.449   -2.879  -1.461  1.00 60.58  ? 76  ALA B N   1 
ATOM 787  C CA  . ALA C 1 76  ? 0.340   -4.102  -0.680  1.00 60.58  ? 76  ALA B CA  1 
ATOM 788  C C   . ALA C 1 76  ? -0.958  -4.058  0.109   1.00 60.58  ? 76  ALA B C   1 
ATOM 789  O O   . ALA C 1 76  ? -1.163  -3.151  0.920   1.00 60.58  ? 76  ALA B O   1 
ATOM 790  C CB  . ALA C 1 76  ? 1.538   -4.267  0.257   1.00 60.58  ? 76  ALA B CB  1 
ATOM 791  N N   . VAL C 1 77  ? -1.830  -5.032  -0.130  1.00 55.70  ? 77  VAL B N   1 
ATOM 792  C CA  . VAL C 1 77  ? -3.125  -5.117  0.534   1.00 55.70  ? 77  VAL B CA  1 
ATOM 793  C C   . VAL C 1 77  ? -3.236  -6.491  1.175   1.00 55.70  ? 77  VAL B C   1 
ATOM 794  O O   . VAL C 1 77  ? -3.220  -7.510  0.475   1.00 55.70  ? 77  VAL B O   1 
ATOM 795  C CB  . VAL C 1 77  ? -4.286  -4.878  -0.443  1.00 55.70  ? 77  VAL B CB  1 
ATOM 796  C CG1 . VAL C 1 77  ? -5.598  -5.289  0.194   1.00 55.70  ? 77  VAL B CG1 1 
ATOM 797  C CG2 . VAL C 1 77  ? -4.330  -3.424  -0.869  1.00 55.70  ? 77  VAL B CG2 1 
ATOM 798  N N   . ALA C 1 78  ? -3.344  -6.521  2.498   1.00 56.30  ? 78  ALA B N   1 
ATOM 799  C CA  . ALA C 1 78  ? -3.518  -7.757  3.245   1.00 56.30  ? 78  ALA B CA  1 
ATOM 800  C C   . ALA C 1 78  ? -4.831  -7.693  4.006   1.00 56.30  ? 78  ALA B C   1 
ATOM 801  O O   . ALA C 1 78  ? -5.036  -6.790  4.823   1.00 56.30  ? 78  ALA B O   1 
ATOM 802  C CB  . ALA C 1 78  ? -2.358  -7.993  4.208   1.00 56.30  ? 78  ALA B CB  1 
ATOM 803  N N   . GLN C 1 79  ? -5.714  -8.649  3.738   1.00 57.25  ? 79  GLN B N   1 
ATOM 804  C CA  . GLN C 1 79  ? -7.023  -8.685  4.367   1.00 57.25  ? 79  GLN B CA  1 
ATOM 805  C C   . GLN C 1 79  ? -7.286  -10.092 4.877   1.00 57.25  ? 79  GLN B C   1 
ATOM 806  O O   . GLN C 1 79  ? -6.703  -11.063 4.387   1.00 57.25  ? 79  GLN B O   1 
ATOM 807  C CB  . GLN C 1 79  ? -8.124  -8.258  3.393   1.00 57.25  ? 79  GLN B CB  1 
ATOM 808  C CG  . GLN C 1 79  ? -7.939  -6.864  2.832   1.00 57.25  ? 79  GLN B CG  1 
ATOM 809  C CD  . GLN C 1 79  ? -8.819  -6.600  1.634   1.00 57.25  ? 79  GLN B CD  1 
ATOM 810  O OE1 . GLN C 1 79  ? -9.503  -7.496  1.149   1.00 57.25  ? 79  GLN B OE1 1 
ATOM 811  N NE2 . GLN C 1 79  ? -8.807  -5.366  1.152   1.00 57.25  ? 79  GLN B NE2 1 
ATOM 812  N N   . LYS C 1 80  ? -8.161  -10.195 5.872   1.00 58.83  ? 80  LYS B N   1 
ATOM 813  C CA  . LYS C 1 80  ? -8.556  -11.506 6.366   1.00 58.83  ? 80  LYS B CA  1 
ATOM 814  C C   . LYS C 1 80  ? -9.941  -11.905 5.871   1.00 58.83  ? 80  LYS B C   1 
ATOM 815  O O   . LYS C 1 80  ? -10.170 -13.072 5.539   1.00 58.83  ? 80  LYS B O   1 
ATOM 816  C CB  . LYS C 1 80  ? -8.509  -11.536 7.895   1.00 58.83  ? 80  LYS B CB  1 
ATOM 817  C CG  . LYS C 1 80  ? -8.998  -12.845 8.486   1.00 58.83  ? 80  LYS B CG  1 
ATOM 818  C CD  . LYS C 1 80  ? -8.601  -12.998 9.940   1.00 58.83  ? 80  LYS B CD  1 
ATOM 819  C CE  . LYS C 1 80  ? -9.169  -14.283 10.518  1.00 58.83  ? 80  LYS B CE  1 
ATOM 820  N NZ  . LYS C 1 80  ? -8.789  -14.474 11.943  1.00 58.83  ? 80  LYS B NZ  1 
ATOM 821  N N   . THR C 1 81  ? -10.872 -10.955 5.805   1.00 65.84  ? 81  THR B N   1 
ATOM 822  C CA  . THR C 1 81  ? -12.234 -11.260 5.393   1.00 65.84  ? 81  THR B CA  1 
ATOM 823  C C   . THR C 1 81  ? -12.871 -10.047 4.736   1.00 65.84  ? 81  THR B C   1 
ATOM 824  O O   . THR C 1 81  ? -12.738 -8.922  5.224   1.00 65.84  ? 81  THR B O   1 
ATOM 825  C CB  . THR C 1 81  ? -13.098 -11.700 6.583   1.00 65.84  ? 81  THR B CB  1 
ATOM 826  O OG1 . THR C 1 81  ? -12.399 -12.686 7.353   1.00 65.84  ? 81  THR B OG1 1 
ATOM 827  C CG2 . THR C 1 81  ? -14.415 -12.284 6.097   1.00 65.84  ? 81  THR B CG2 1 
ATOM 828  N N   . VAL C 1 82  ? -13.557 -10.288 3.622   1.00 67.79  ? 82  VAL B N   1 
ATOM 829  C CA  . VAL C 1 82  ? -14.422 -9.310  2.978   1.00 67.79  ? 82  VAL B CA  1 
ATOM 830  C C   . VAL C 1 82  ? -15.727 -10.011 2.638   1.00 67.79  ? 82  VAL B C   1 
ATOM 831  O O   . VAL C 1 82  ? -15.733 -11.154 2.171   1.00 67.79  ? 82  VAL B O   1 
ATOM 832  C CB  . VAL C 1 82  ? -13.783 -8.698  1.712   1.00 67.79  ? 82  VAL B CB  1 
ATOM 833  C CG1 . VAL C 1 82  ? -14.714 -7.680  1.082   1.00 67.79  ? 82  VAL B CG1 1 
ATOM 834  C CG2 . VAL C 1 82  ? -12.456 -8.054  2.049   1.00 67.79  ? 82  VAL B CG2 1 
ATOM 835  N N   . GLU C 1 83  ? -16.842 -9.325  2.876   1.00 74.72  ? 83  GLU B N   1 
ATOM 836  C CA  . GLU C 1 83  ? -18.148 -9.938  2.701   1.00 74.72  ? 83  GLU B CA  1 
ATOM 837  C C   . GLU C 1 83  ? -19.098 -8.941  2.058   1.00 74.72  ? 83  GLU B C   1 
ATOM 838  O O   . GLU C 1 83  ? -18.784 -7.754  1.931   1.00 74.72  ? 83  GLU B O   1 
ATOM 839  C CB  . GLU C 1 83  ? -18.722 -10.430 4.037   1.00 74.72  ? 83  GLU B CB  1 
ATOM 840  C CG  . GLU C 1 83  ? -17.885 -11.502 4.715   1.00 74.72  ? 83  GLU B CG  1 
ATOM 841  C CD  . GLU C 1 83  ? -18.670 -12.300 5.732   1.00 74.72  ? 83  GLU B CD  1 
ATOM 842  O OE1 . GLU C 1 83  ? -18.308 -12.261 6.927   1.00 74.72  ? 83  GLU B OE1 1 
ATOM 843  O OE2 . GLU C 1 83  ? -19.648 -12.968 5.340   1.00 74.72  ? 83  GLU B OE2 1 
ATOM 844  N N   . GLY C 1 84  ? -20.257 -9.438  1.649   1.00 74.20  ? 84  GLY B N   1 
ATOM 845  C CA  . GLY C 1 84  ? -21.289 -8.619  1.048   1.00 74.20  ? 84  GLY B CA  1 
ATOM 846  C C   . GLY C 1 84  ? -21.417 -8.874  -0.441  1.00 74.20  ? 84  GLY B C   1 
ATOM 847  O O   . GLY C 1 84  ? -20.520 -9.399  -1.097  1.00 74.20  ? 84  GLY B O   1 
ATOM 848  N N   . ALA C 1 85  ? -22.571 -8.475  -0.966  1.00 76.04  ? 85  ALA B N   1 
ATOM 849  C CA  . ALA C 1 85  ? -22.895 -8.632  -2.376  1.00 76.04  ? 85  ALA B CA  1 
ATOM 850  C C   . ALA C 1 85  ? -22.522 -7.366  -3.134  1.00 76.04  ? 85  ALA B C   1 
ATOM 851  O O   . ALA C 1 85  ? -22.722 -6.253  -2.638  1.00 76.04  ? 85  ALA B O   1 
ATOM 852  C CB  . ALA C 1 85  ? -24.381 -8.937  -2.568  1.00 76.04  ? 85  ALA B CB  1 
ATOM 853  N N   . GLY C 1 86  ? -21.983 -7.540  -4.337  1.00 73.75  ? 86  GLY B N   1 
ATOM 854  C CA  . GLY C 1 86  ? -21.521 -6.408  -5.112  1.00 73.75  ? 86  GLY B CA  1 
ATOM 855  C C   . GLY C 1 86  ? -20.309 -5.715  -4.544  1.00 73.75  ? 86  GLY B C   1 
ATOM 856  O O   . GLY C 1 86  ? -19.969 -4.614  -4.988  1.00 73.75  ? 86  GLY B O   1 
ATOM 857  N N   . SER C 1 87  ? -19.638 -6.328  -3.572  1.00 72.86  ? 87  SER B N   1 
ATOM 858  C CA  . SER C 1 87  ? -18.510 -5.715  -2.886  1.00 72.86  ? 87  SER B CA  1 
ATOM 859  C C   . SER C 1 87  ? -17.250 -5.871  -3.726  1.00 72.86  ? 87  SER B C   1 
ATOM 860  O O   . SER C 1 87  ? -17.044 -6.910  -4.361  1.00 72.86  ? 87  SER B O   1 
ATOM 861  C CB  . SER C 1 87  ? -18.316 -6.346  -1.509  1.00 72.86  ? 87  SER B CB  1 
ATOM 862  O OG  . SER C 1 87  ? -17.639 -7.584  -1.608  1.00 72.86  ? 87  SER B OG  1 
ATOM 863  N N   . ILE C 1 88  ? -16.414 -4.840  -3.730  1.00 66.91  ? 88  ILE B N   1 
ATOM 864  C CA  . ILE C 1 88  ? -15.115 -4.890  -4.390  1.00 66.91  ? 88  ILE B CA  1 
ATOM 865  C C   . ILE C 1 88  ? -14.037 -4.833  -3.318  1.00 66.91  ? 88  ILE B C   1 
ATOM 866  O O   . ILE C 1 88  ? -14.056 -3.950  -2.455  1.00 66.91  ? 88  ILE B O   1 
ATOM 867  C CB  . ILE C 1 88  ? -14.958 -3.739  -5.393  1.00 66.91  ? 88  ILE B CB  1 
ATOM 868  C CG1 . ILE C 1 88  ? -16.217 -3.598  -6.244  1.00 66.91  ? 88  ILE B CG1 1 
ATOM 869  C CG2 . ILE C 1 88  ? -13.747 -3.969  -6.276  1.00 66.91  ? 88  ILE B CG2 1 
ATOM 870  C CD1 . ILE C 1 88  ? -16.090 -2.579  -7.345  1.00 66.91  ? 88  ILE B CD1 1 
ATOM 871  N N   . ALA C 1 89  ? -13.101 -5.774  -3.368  1.00 67.46  ? 89  ALA B N   1 
ATOM 872  C CA  . ALA C 1 89  ? -12.011 -5.845  -2.407  1.00 67.46  ? 89  ALA B CA  1 
ATOM 873  C C   . ALA C 1 89  ? -10.677 -5.744  -3.131  1.00 67.46  ? 89  ALA B C   1 
ATOM 874  O O   . ALA C 1 89  ? -10.438 -6.456  -4.111  1.00 67.46  ? 89  ALA B O   1 
ATOM 875  C CB  . ALA C 1 89  ? -12.070 -7.143  -1.598  1.00 67.46  ? 89  ALA B CB  1 
ATOM 876  N N   . ALA C 1 90  ? -9.816  -4.854  -2.640  1.00 65.46  ? 90  ALA B N   1 
ATOM 877  C CA  . ALA C 1 90  ? -8.467  -4.675  -3.178  1.00 65.46  ? 90  ALA B CA  1 
ATOM 878  C C   . ALA C 1 90  ? -8.489  -4.365  -4.672  1.00 65.46  ? 90  ALA B C   1 
ATOM 879  O O   . ALA C 1 90  ? -7.836  -5.034  -5.473  1.00 65.46  ? 90  ALA B O   1 
ATOM 880  C CB  . ALA C 1 90  ? -7.593  -5.897  -2.893  1.00 65.46  ? 90  ALA B CB  1 
ATOM 881  N N   . ALA C 1 91  ? -9.248  -3.344  -5.052  1.00 67.29  ? 91  ALA B N   1 
ATOM 882  C CA  . ALA C 1 91  ? -9.251  -2.878  -6.430  1.00 67.29  ? 91  ALA B CA  1 
ATOM 883  C C   . ALA C 1 91  ? -8.105  -1.903  -6.656  1.00 67.29  ? 91  ALA B C   1 
ATOM 884  O O   . ALA C 1 91  ? -7.835  -1.035  -5.823  1.00 67.29  ? 91  ALA B O   1 
ATOM 885  C CB  . ALA C 1 91  ? -10.582 -2.210  -6.771  1.00 67.29  ? 91  ALA B CB  1 
ATOM 886  N N   . THR C 1 92  ? -7.430  -2.052  -7.791  1.00 66.04  ? 92  THR B N   1 
ATOM 887  C CA  . THR C 1 92  ? -6.321  -1.189  -8.162  1.00 66.04  ? 92  THR B CA  1 
ATOM 888  C C   . THR C 1 92  ? -6.435  -0.832  -9.635  1.00 66.04  ? 92  THR B C   1 
ATOM 889  O O   . THR C 1 92  ? -6.592  -1.709  -10.488 1.00 66.04  ? 92  THR B O   1 
ATOM 890  C CB  . THR C 1 92  ? -4.970  -1.858  -7.892  1.00 66.04  ? 92  THR B CB  1 
ATOM 891  O OG1 . THR C 1 92  ? -4.942  -2.353  -6.548  1.00 66.04  ? 92  THR B OG1 1 
ATOM 892  C CG2 . THR C 1 92  ? -3.844  -0.864  -8.077  1.00 66.04  ? 92  THR B CG2 1 
ATOM 893  N N   . GLY C 1 93  ? -6.341  0.460   -9.927  1.00 61.89  ? 93  GLY B N   1 
ATOM 894  C CA  . GLY C 1 93  ? -6.580  0.918   -11.288 1.00 61.89  ? 93  GLY B CA  1 
ATOM 895  C C   . GLY C 1 93  ? -7.924  0.484   -11.824 1.00 61.89  ? 93  GLY B C   1 
ATOM 896  O O   . GLY C 1 93  ? -7.993  -0.293  -12.783 1.00 61.89  ? 93  GLY B O   1 
ATOM 897  N N   . PHE C 1 94  ? -9.001  0.962   -11.212 1.00 64.79  ? 94  PHE B N   1 
ATOM 898  C CA  . PHE C 1 94  ? -10.351 0.500   -11.500 1.00 64.79  ? 94  PHE B CA  1 
ATOM 899  C C   . PHE C 1 94  ? -11.151 1.621   -12.147 1.00 64.79  ? 94  PHE B C   1 
ATOM 900  O O   . PHE C 1 94  ? -10.986 2.790   -11.789 1.00 64.79  ? 94  PHE B O   1 
ATOM 901  C CB  . PHE C 1 94  ? -11.035 0.028   -10.215 1.00 64.79  ? 94  PHE B CB  1 
ATOM 902  C CG  . PHE C 1 94  ? -12.155 -0.946  -10.439 1.00 64.79  ? 94  PHE B CG  1 
ATOM 903  C CD1 . PHE C 1 94  ? -13.382 -0.519  -10.913 1.00 64.79  ? 94  PHE B CD1 1 
ATOM 904  C CD2 . PHE C 1 94  ? -11.985 -2.288  -10.157 1.00 64.79  ? 94  PHE B CD2 1 
ATOM 905  C CE1 . PHE C 1 94  ? -14.412 -1.414  -11.112 1.00 64.79  ? 94  PHE B CE1 1 
ATOM 906  C CE2 . PHE C 1 94  ? -13.012 -3.187  -10.353 1.00 64.79  ? 94  PHE B CE2 1 
ATOM 907  C CZ  . PHE C 1 94  ? -14.227 -2.749  -10.832 1.00 64.79  ? 94  PHE B CZ  1 
ATOM 908  N N   . VAL C 1 95  ? -12.004 1.263   -13.100 1.00 67.80  ? 95  VAL B N   1 
ATOM 909  C CA  . VAL C 1 95  ? -12.930 2.193   -13.736 1.00 67.80  ? 95  VAL B CA  1 
ATOM 910  C C   . VAL C 1 95  ? -14.289 1.517   -13.803 1.00 67.80  ? 95  VAL B C   1 
ATOM 911  O O   . VAL C 1 95  ? -14.456 0.513   -14.506 1.00 67.80  ? 95  VAL B O   1 
ATOM 912  C CB  . VAL C 1 95  ? -12.455 2.605   -15.138 1.00 67.80  ? 95  VAL B CB  1 
ATOM 913  C CG1 . VAL C 1 95  ? -13.522 3.437   -15.826 1.00 67.80  ? 95  VAL B CG1 1 
ATOM 914  C CG2 . VAL C 1 95  ? -11.156 3.376   -15.053 1.00 67.80  ? 95  VAL B CG2 1 
ATOM 915  N N   . LYS C 1 96  ? -15.259 2.063   -13.075 1.00 73.32  ? 96  LYS B N   1 
ATOM 916  C CA  . LYS C 1 96  ? -16.596 1.488   -12.989 1.00 73.32  ? 96  LYS B CA  1 
ATOM 917  C C   . LYS C 1 96  ? -17.605 2.507   -13.497 1.00 73.32  ? 96  LYS B C   1 
ATOM 918  O O   . LYS C 1 96  ? -17.790 3.561   -12.881 1.00 73.32  ? 96  LYS B O   1 
ATOM 919  C CB  . LYS C 1 96  ? -16.916 1.071   -11.553 1.00 73.32  ? 96  LYS B CB  1 
ATOM 920  C CG  . LYS C 1 96  ? -18.391 0.887   -11.274 1.00 73.32  ? 96  LYS B CG  1 
ATOM 921  C CD  . LYS C 1 96  ? -18.634 0.376   -9.867  1.00 73.32  ? 96  LYS B CD  1 
ATOM 922  C CE  . LYS C 1 96  ? -18.501 -1.133  -9.798  1.00 73.32  ? 96  LYS B CE  1 
ATOM 923  N NZ  . LYS C 1 96  ? -19.049 -1.678  -8.526  1.00 73.32  ? 96  LYS B NZ  1 
ATOM 924  N N   . LYS C 1 97  ? -18.244 2.199   -14.624 1.00 82.09  ? 97  LYS B N   1 
ATOM 925  C CA  . LYS C 1 97  ? -19.251 3.067   -15.225 1.00 82.09  ? 97  LYS B CA  1 
ATOM 926  C C   . LYS C 1 97  ? -20.454 2.222   -15.613 1.00 82.09  ? 97  LYS B C   1 
ATOM 927  O O   . LYS C 1 97  ? -20.437 1.562   -16.654 1.00 82.09  ? 97  LYS B O   1 
ATOM 928  C CB  . LYS C 1 97  ? -18.696 3.797   -16.452 1.00 82.09  ? 97  LYS B CB  1 
ATOM 929  C CG  . LYS C 1 97  ? -17.282 4.317   -16.285 1.00 82.09  ? 97  LYS B CG  1 
ATOM 930  C CD  . LYS C 1 97  ? -17.054 5.566   -17.114 1.00 82.09  ? 97  LYS B CD  1 
ATOM 931  C CE  . LYS C 1 97  ? -15.767 6.267   -16.711 1.00 82.09  ? 97  LYS B CE  1 
ATOM 932  N NZ  . LYS C 1 97  ? -15.662 7.622   -17.318 1.00 82.09  ? 97  LYS B NZ  1 
ATOM 933  N N   . ASP C 1 98  ? -21.500 2.263   -14.795 1.00 92.67  ? 98  ASP B N   1 
ATOM 934  C CA  . ASP C 1 98  ? -22.667 1.417   -14.987 1.00 92.67  ? 98  ASP B CA  1 
ATOM 935  C C   . ASP C 1 98  ? -23.823 2.230   -15.547 1.00 92.67  ? 98  ASP B C   1 
ATOM 936  O O   . ASP C 1 98  ? -24.123 3.322   -15.055 1.00 92.67  ? 98  ASP B O   1 
ATOM 937  C CB  . ASP C 1 98  ? -23.095 0.750   -13.676 1.00 92.67  ? 98  ASP B CB  1 
ATOM 938  C CG  . ASP C 1 98  ? -22.128 -0.325  -13.226 1.00 92.67  ? 98  ASP B CG  1 
ATOM 939  O OD1 . ASP C 1 98  ? -21.032 0.022   -12.746 1.00 92.67  ? 98  ASP B OD1 1 
ATOM 940  O OD2 . ASP C 1 98  ? -22.465 -1.520  -13.352 1.00 92.67  ? 98  ASP B OD2 1 
ATOM 941  N N   . GLN C 1 99  ? -24.468 1.687   -16.580 1.00 102.60 ? 99  GLN B N   1 
ATOM 942  C CA  . GLN C 1 99  ? -25.670 2.284   -17.143 1.00 102.60 ? 99  GLN B CA  1 
ATOM 943  C C   . GLN C 1 99  ? -26.929 1.852   -16.407 1.00 102.60 ? 99  GLN B C   1 
ATOM 944  O O   . GLN C 1 99  ? -28.038 2.182   -16.843 1.00 102.60 ? 99  GLN B O   1 
ATOM 945  C CB  . GLN C 1 99  ? -25.786 1.925   -18.629 1.00 102.60 ? 99  GLN B CB  1 
ATOM 946  C CG  . GLN C 1 99  ? -26.463 2.981   -19.493 1.00 102.60 ? 99  GLN B CG  1 
ATOM 947  C CD  . GLN C 1 99  ? -27.902 2.624   -19.819 1.00 102.60 ? 99  GLN B CD  1 
ATOM 948  O OE1 . GLN C 1 99  ? -28.237 1.452   -19.990 1.00 102.60 ? 99  GLN B OE1 1 
ATOM 949  N NE2 . GLN C 1 99  ? -28.759 3.636   -19.911 1.00 102.60 ? 99  GLN B NE2 1 
ATOM 950  N N   . LEU C 1 100 ? -26.778 1.118   -15.308 1.00 105.10 ? 100 LEU B N   1 
ATOM 951  C CA  . LEU C 1 100 ? -27.903 0.716   -14.471 1.00 105.10 ? 100 LEU B CA  1 
ATOM 952  C C   . LEU C 1 100 ? -28.775 1.901   -14.065 1.00 105.10 ? 100 LEU B C   1 
ATOM 953  O O   . LEU C 1 100 ? -29.904 2.045   -14.536 1.00 105.10 ? 100 LEU B O   1 
ATOM 954  C CB  . LEU C 1 100 ? -27.392 -0.008  -13.221 1.00 105.10 ? 100 LEU B CB  1 
ATOM 955  C CG  . LEU C 1 100 ? -27.277 -1.529  -13.248 1.00 105.10 ? 100 LEU B CG  1 
ATOM 956  C CD1 . LEU C 1 100 ? -26.599 -2.027  -11.986 1.00 105.10 ? 100 LEU B CD1 1 
ATOM 957  C CD2 . LEU C 1 100 ? -28.666 -2.124  -13.353 1.00 105.10 ? 100 LEU B CD2 1 
ATOM 958  N N   . UNK D 2 1   ? 22.372  10.889  -16.625 1.00 30.00  ? 11  UNK G N   1 
ATOM 959  C CA  . UNK D 2 1   ? 21.699  11.844  -15.754 1.00 30.00  ? 11  UNK G CA  1 
ATOM 960  C C   . UNK D 2 1   ? 21.299  11.196  -14.433 1.00 30.00  ? 11  UNK G C   1 
ATOM 961  O O   . UNK D 2 1   ? 22.148  10.703  -13.690 1.00 30.00  ? 11  UNK G O   1 
ATOM 962  C CB  . UNK D 2 1   ? 20.480  12.430  -16.450 1.00 30.00  ? 11  UNK G CB  1 
ATOM 963  N N   . UNK D 2 2   ? 20.001  11.200  -14.148 1.00 30.00  ? 12  UNK G N   1 
ATOM 964  C CA  . UNK D 2 2   ? 19.481  10.617  -12.917 1.00 30.00  ? 12  UNK G CA  1 
ATOM 965  C C   . UNK D 2 2   ? 19.949  9.177   -12.745 1.00 30.00  ? 12  UNK G C   1 
ATOM 966  O O   . UNK D 2 2   ? 19.878  8.376   -13.676 1.00 30.00  ? 12  UNK G O   1 
ATOM 967  C CB  . UNK D 2 2   ? 17.963  10.686  -12.899 1.00 30.00  ? 12  UNK G CB  1 
ATOM 968  N N   . UNK D 2 3   ? 20.427  8.852   -11.548 1.00 30.00  ? 13  UNK G N   1 
ATOM 969  C CA  . UNK D 2 3   ? 20.909  7.509   -11.254 1.00 30.00  ? 13  UNK G CA  1 
ATOM 970  C C   . UNK D 2 3   ? 19.796  6.635   -10.691 1.00 30.00  ? 13  UNK G C   1 
ATOM 971  O O   . UNK D 2 3   ? 18.615  6.917   -10.882 1.00 30.00  ? 13  UNK G O   1 
ATOM 972  C CB  . UNK D 2 3   ? 22.083  7.562   -10.291 1.00 30.00  ? 13  UNK G CB  1 
ATOM 973  N N   . UNK D 2 4   ? 20.179  5.572   -9.991  1.00 42.03  ? 14  UNK G N   1 
ATOM 974  C CA  . UNK D 2 4   ? 19.206  4.655   -9.412  1.00 42.03  ? 14  UNK G CA  1 
ATOM 975  C C   . UNK D 2 4   ? 19.504  4.353   -7.949  1.00 42.03  ? 14  UNK G C   1 
ATOM 976  O O   . UNK D 2 4   ? 20.431  4.913   -7.365  1.00 42.03  ? 14  UNK G O   1 
ATOM 977  C CB  . UNK D 2 4   ? 19.148  3.367   -10.218 1.00 30.00  ? 14  UNK G CB  1 
ATOM 978  N N   . UNK D 2 5   ? 18.716  3.454   -7.368  1.00 39.21  ? 15  UNK G N   1 
ATOM 979  C CA  . UNK D 2 5   ? 18.881  3.066   -5.972  1.00 39.21  ? 15  UNK G CA  1 
ATOM 980  C C   . UNK D 2 5   ? 19.944  1.989   -5.810  1.00 39.21  ? 15  UNK G C   1 
ATOM 981  O O   . UNK D 2 5   ? 20.537  1.536   -6.786  1.00 39.21  ? 15  UNK G O   1 
ATOM 982  C CB  . UNK D 2 5   ? 17.555  2.591   -5.400  1.00 30.00  ? 15  UNK G CB  1 
ATOM 983  N N   . UNK D 2 6   ? 20.181  1.574   -4.569  1.00 43.53  ? 16  UNK G N   1 
ATOM 984  C CA  . UNK D 2 6   ? 21.179  0.550   -4.287  1.00 43.53  ? 16  UNK G CA  1 
ATOM 985  C C   . UNK D 2 6   ? 20.936  -0.136  -2.948  1.00 43.53  ? 16  UNK G C   1 
ATOM 986  O O   . UNK D 2 6   ? 21.718  0.023   -2.012  1.00 43.53  ? 16  UNK G O   1 
ATOM 987  C CB  . UNK D 2 6   ? 22.577  1.150   -4.328  1.00 30.00  ? 16  UNK G CB  1 
ATOM 988  N N   . UNK D 2 7   ? 19.842  -0.884  -2.857  1.00 39.44  ? 17  UNK G N   1 
ATOM 989  C CA  . UNK D 2 7   ? 19.498  -1.589  -1.628  1.00 39.44  ? 17  UNK G CA  1 
ATOM 990  C C   . UNK D 2 7   ? 20.447  -2.754  -1.378  1.00 39.44  ? 17  UNK G C   1 
ATOM 991  O O   . UNK D 2 7   ? 21.044  -3.289  -2.309  1.00 39.44  ? 17  UNK G O   1 
ATOM 992  C CB  . UNK D 2 7   ? 18.061  -2.078  -1.683  1.00 30.00  ? 17  UNK G CB  1 
ATOM 993  N N   . UNK D 2 8   ? 20.580  -3.147  -0.116  1.00 36.77  ? 18  UNK G N   1 
ATOM 994  C CA  . UNK D 2 8   ? 21.461  -4.248  0.246   1.00 36.77  ? 18  UNK G CA  1 
ATOM 995  C C   . UNK D 2 8   ? 21.077  -4.852  1.592   1.00 36.77  ? 18  UNK G C   1 
ATOM 996  O O   . UNK D 2 8   ? 21.908  -4.958  2.493   1.00 36.77  ? 18  UNK G O   1 
ATOM 997  C CB  . UNK D 2 8   ? 22.909  -3.783  0.269   1.00 30.00  ? 18  UNK G CB  1 
ATOM 998  N N   . UNK D 2 9   ? 19.818  -5.257  1.721   1.00 38.91  ? 19  UNK G N   1 
ATOM 999  C CA  . UNK D 2 9   ? 19.324  -5.849  2.960   1.00 38.91  ? 19  UNK G CA  1 
ATOM 1000 C C   . UNK D 2 9   ? 20.007  -7.176  3.274   1.00 38.91  ? 19  UNK G C   1 
ATOM 1001 O O   . UNK D 2 9   ? 19.494  -8.241  2.937   1.00 38.91  ? 19  UNK G O   1 
ATOM 1002 C CB  . UNK D 2 9   ? 17.816  -6.035  2.892   1.00 30.00  ? 19  UNK G CB  1 
ATOM 1003 N N   . UNK D 2 10  ? 21.163  -7.107  3.926   1.00 46.51  ? 20  UNK G N   1 
ATOM 1004 C CA  . UNK D 2 10  ? 21.915  -8.303  4.279   1.00 46.51  ? 20  UNK G CA  1 
ATOM 1005 C C   . UNK D 2 10  ? 21.552  -8.790  5.676   1.00 46.51  ? 20  UNK G C   1 
ATOM 1006 O O   . UNK D 2 10  ? 22.325  -8.625  6.619   1.00 46.51  ? 20  UNK G O   1 
ATOM 1007 C CB  . UNK D 2 10  ? 23.408  -8.033  4.185   1.00 30.00  ? 20  UNK G CB  1 
ATOM 1008 N N   . UNK D 2 11  ? 20.377  -9.398  5.804   1.00 30.00  ? 21  UNK G N   1 
ATOM 1009 C CA  . UNK D 2 11  ? 19.909  -9.907  7.091   1.00 30.00  ? 21  UNK G CA  1 
ATOM 1010 C C   . UNK D 2 11  ? 20.637  -11.184 7.508   1.00 30.00  ? 21  UNK G C   1 
ATOM 1011 O O   . UNK D 2 11  ? 20.095  -12.281 7.391   1.00 30.00  ? 21  UNK G O   1 
ATOM 1012 C CB  . UNK D 2 11  ? 18.408  -10.144 7.050   1.00 30.00  ? 21  UNK G CB  1 
ATOM 1013 N N   . UNK D 2 12  ? 21.859  -11.031 8.006   1.00 30.00  ? 22  UNK G N   1 
ATOM 1014 C CA  . UNK D 2 12  ? 22.663  -12.167 8.435   1.00 30.00  ? 22  UNK G CA  1 
ATOM 1015 C C   . UNK D 2 12  ? 22.191  -12.700 9.784   1.00 30.00  ? 22  UNK G C   1 
ATOM 1016 O O   . UNK D 2 12  ? 22.854  -12.508 10.802  1.00 30.00  ? 22  UNK G O   1 
ATOM 1017 C CB  . UNK D 2 12  ? 24.132  -11.781 8.502   1.00 30.00  ? 22  UNK G CB  1 
ATOM 1018 N N   . UNK D 2 13  ? 21.043  -13.368 9.781   1.00 30.00  ? 23  UNK G N   1 
ATOM 1019 C CA  . UNK D 2 13  ? 20.481  -13.929 11.004  1.00 30.00  ? 23  UNK G CA  1 
ATOM 1020 C C   . UNK D 2 13  ? 21.492  -14.828 11.705  1.00 30.00  ? 23  UNK G C   1 
ATOM 1021 O O   . UNK D 2 13  ? 21.119  -15.781 12.391  1.00 30.00  ? 23  UNK G O   1 
ATOM 1022 C CB  . UNK D 2 13  ? 19.205  -14.697 10.697  1.00 30.00  ? 23  UNK G CB  1 
ATOM 1023 N N   . VAL E 1 37  ? 3.180   -26.241 29.249  1.00 105.07 ? 37  VAL C N   1 
ATOM 1024 C CA  . VAL E 1 37  ? 1.974   -25.628 28.706  1.00 105.07 ? 37  VAL C CA  1 
ATOM 1025 C C   . VAL E 1 37  ? 2.265   -24.233 28.165  1.00 105.07 ? 37  VAL C C   1 
ATOM 1026 O O   . VAL E 1 37  ? 1.509   -23.295 28.404  1.00 105.07 ? 37  VAL C O   1 
ATOM 1027 C CB  . VAL E 1 37  ? 0.886   -25.569 29.766  1.00 105.07 ? 37  VAL C CB  1 
ATOM 1028 N N   . LEU E 1 38  ? 3.379   -24.097 27.451  1.00 104.22 ? 38  LEU C N   1 
ATOM 1029 C CA  . LEU E 1 38  ? 3.714   -22.827 26.824  1.00 104.22 ? 38  LEU C CA  1 
ATOM 1030 C C   . LEU E 1 38  ? 2.906   -22.631 25.547  1.00 104.22 ? 38  LEU C C   1 
ATOM 1031 O O   . LEU E 1 38  ? 2.587   -23.603 24.856  1.00 104.22 ? 38  LEU C O   1 
ATOM 1032 C CB  . LEU E 1 38  ? 5.214   -22.751 26.528  1.00 104.22 ? 38  LEU C CB  1 
ATOM 1033 C CG  . LEU E 1 38  ? 6.161   -22.536 27.712  1.00 104.22 ? 38  LEU C CG  1 
ATOM 1034 C CD1 . LEU E 1 38  ? 6.438   -23.835 28.459  1.00 104.22 ? 38  LEU C CD1 1 
ATOM 1035 C CD2 . LEU E 1 38  ? 7.461   -21.898 27.245  1.00 104.22 ? 38  LEU C CD2 1 
ATOM 1036 N N   . TYR E 1 39  ? 2.576   -21.380 25.235  1.00 99.10  ? 39  TYR C N   1 
ATOM 1037 C CA  . TYR E 1 39  ? 1.930   -21.004 23.977  1.00 99.10  ? 39  TYR C CA  1 
ATOM 1038 C C   . TYR E 1 39  ? 0.657   -21.809 23.726  1.00 99.10  ? 39  TYR C C   1 
ATOM 1039 O O   . TYR E 1 39  ? 0.314   -22.146 22.591  1.00 99.10  ? 39  TYR C O   1 
ATOM 1040 C CB  . TYR E 1 39  ? 2.898   -21.147 22.806  1.00 99.10  ? 39  TYR C CB  1 
ATOM 1041 C CG  . TYR E 1 39  ? 4.050   -20.171 22.830  1.00 99.10  ? 39  TYR C CG  1 
ATOM 1042 C CD1 . TYR E 1 39  ? 4.035   -19.032 22.037  1.00 99.10  ? 39  TYR C CD1 1 
ATOM 1043 C CD2 . TYR E 1 39  ? 5.157   -20.391 23.637  1.00 99.10  ? 39  TYR C CD2 1 
ATOM 1044 C CE1 . TYR E 1 39  ? 5.086   -18.138 22.052  1.00 99.10  ? 39  TYR C CE1 1 
ATOM 1045 C CE2 . TYR E 1 39  ? 6.212   -19.503 23.659  1.00 99.10  ? 39  TYR C CE2 1 
ATOM 1046 C CZ  . TYR E 1 39  ? 6.172   -18.377 22.864  1.00 99.10  ? 39  TYR C CZ  1 
ATOM 1047 O OH  . TYR E 1 39  ? 7.221   -17.488 22.881  1.00 99.10  ? 39  TYR C OH  1 
ATOM 1048 N N   . VAL E 1 40  ? -0.054  -22.125 24.813  1.00 98.90  ? 40  VAL C N   1 
ATOM 1049 C CA  . VAL E 1 40  ? -1.342  -22.803 24.679  1.00 98.90  ? 40  VAL C CA  1 
ATOM 1050 C C   . VAL E 1 40  ? -2.317  -21.944 23.887  1.00 98.90  ? 40  VAL C C   1 
ATOM 1051 O O   . VAL E 1 40  ? -3.260  -22.457 23.272  1.00 98.90  ? 40  VAL C O   1 
ATOM 1052 C CB  . VAL E 1 40  ? -1.893  -23.173 26.073  1.00 98.90  ? 40  VAL C CB  1 
ATOM 1053 C CG1 . VAL E 1 40  ? -3.300  -23.747 25.982  1.00 98.90  ? 40  VAL C CG1 1 
ATOM 1054 C CG2 . VAL E 1 40  ? -0.975  -24.174 26.746  1.00 98.90  ? 40  VAL C CG2 1 
ATOM 1055 N N   . GLY E 1 41  ? -2.086  -20.633 23.846  1.00 94.12  ? 41  GLY C N   1 
ATOM 1056 C CA  . GLY E 1 41  ? -2.938  -19.744 23.092  1.00 94.12  ? 41  GLY C CA  1 
ATOM 1057 C C   . GLY E 1 41  ? -2.253  -19.301 21.815  1.00 94.12  ? 41  GLY C C   1 
ATOM 1058 O O   . GLY E 1 41  ? -1.173  -19.779 21.462  1.00 94.12  ? 41  GLY C O   1 
ATOM 1059 N N   . SER E 1 42  ? -2.909  -18.371 21.129  1.00 87.02  ? 42  SER C N   1 
ATOM 1060 C CA  . SER E 1 42  ? -2.446  -17.929 19.823  1.00 87.02  ? 42  SER C CA  1 
ATOM 1061 C C   . SER E 1 42  ? -1.199  -17.060 19.936  1.00 87.02  ? 42  SER C C   1 
ATOM 1062 O O   . SER E 1 42  ? -0.999  -16.359 20.930  1.00 87.02  ? 42  SER C O   1 
ATOM 1063 C CB  . SER E 1 42  ? -3.562  -17.155 19.121  1.00 87.02  ? 42  SER C CB  1 
ATOM 1064 O OG  . SER E 1 42  ? -4.686  -17.982 18.884  1.00 87.02  ? 42  SER C OG  1 
ATOM 1065 N N   . LYS E 1 43  ? -0.354  -17.136 18.914  1.00 77.64  ? 43  LYS C N   1 
ATOM 1066 C CA  . LYS E 1 43  ? 0.648   -16.120 18.620  1.00 77.64  ? 43  LYS C CA  1 
ATOM 1067 C C   . LYS E 1 43  ? 0.639   -15.924 17.111  1.00 77.64  ? 43  LYS C C   1 
ATOM 1068 O O   . LYS E 1 43  ? 1.404   -16.574 16.391  1.00 77.64  ? 43  LYS C O   1 
ATOM 1069 C CB  . LYS E 1 43  ? 2.033   -16.536 19.116  1.00 77.64  ? 43  LYS C CB  1 
ATOM 1070 C CG  . LYS E 1 43  ? 3.150   -15.581 18.723  1.00 77.64  ? 43  LYS C CG  1 
ATOM 1071 C CD  . LYS E 1 43  ? 4.508   -16.100 19.165  1.00 77.64  ? 43  LYS C CD  1 
ATOM 1072 C CE  . LYS E 1 43  ? 5.634   -15.306 18.524  1.00 77.64  ? 43  LYS C CE  1 
ATOM 1073 N NZ  . LYS E 1 43  ? 6.968   -15.695 19.061  1.00 77.64  ? 43  LYS C NZ  1 
ATOM 1074 N N   . THR E 1 44  ? -0.232  -15.037 16.635  1.00 68.93  ? 44  THR C N   1 
ATOM 1075 C CA  . THR E 1 44  ? -0.554  -14.990 15.219  1.00 68.93  ? 44  THR C CA  1 
ATOM 1076 C C   . THR E 1 44  ? -0.376  -13.581 14.682  1.00 68.93  ? 44  THR C C   1 
ATOM 1077 O O   . THR E 1 44  ? -0.090  -12.644 15.429  1.00 68.93  ? 44  THR C O   1 
ATOM 1078 C CB  . THR E 1 44  ? -1.989  -15.453 14.946  1.00 68.93  ? 44  THR C CB  1 
ATOM 1079 O OG1 . THR E 1 44  ? -2.899  -14.387 15.239  1.00 68.93  ? 44  THR C OG1 1 
ATOM 1080 C CG2 . THR E 1 44  ? -2.344  -16.657 15.795  1.00 68.93  ? 44  THR C CG2 1 
ATOM 1081 N N   . LYS E 1 45  ? -0.543  -13.455 13.368  1.00 60.42  ? 45  LYS C N   1 
ATOM 1082 C CA  . LYS E 1 45  ? -0.559  -12.174 12.674  1.00 60.42  ? 45  LYS C CA  1 
ATOM 1083 C C   . LYS E 1 45  ? -1.633  -12.252 11.602  1.00 60.42  ? 45  LYS C C   1 
ATOM 1084 O O   . LYS E 1 45  ? -1.455  -12.945 10.596  1.00 60.42  ? 45  LYS C O   1 
ATOM 1085 C CB  . LYS E 1 45  ? 0.803   -11.852 12.050  1.00 60.42  ? 45  LYS C CB  1 
ATOM 1086 C CG  . LYS E 1 45  ? 2.001   -12.187 12.924  1.00 60.42  ? 45  LYS C CG  1 
ATOM 1087 C CD  . LYS E 1 45  ? 3.307   -11.800 12.258  1.00 60.42  ? 45  LYS C CD  1 
ATOM 1088 C CE  . LYS E 1 45  ? 3.489   -10.297 12.231  1.00 60.42  ? 45  LYS C CE  1 
ATOM 1089 N NZ  . LYS E 1 45  ? 4.907   -9.926  11.984  1.00 60.42  ? 45  LYS C NZ  1 
ATOM 1090 N N   . GLU E 1 46  ? -2.743  -11.554 11.817  1.00 62.02  ? 46  GLU C N   1 
ATOM 1091 C CA  . GLU E 1 46  ? -3.880  -11.593 10.911  1.00 62.02  ? 46  GLU C CA  1 
ATOM 1092 C C   . GLU E 1 46  ? -4.079  -10.226 10.275  1.00 62.02  ? 46  GLU C C   1 
ATOM 1093 O O   . GLU E 1 46  ? -4.246  -9.225  10.976  1.00 62.02  ? 46  GLU C O   1 
ATOM 1094 C CB  . GLU E 1 46  ? -5.151  -12.023 11.646  1.00 62.02  ? 46  GLU C CB  1 
ATOM 1095 C CG  . GLU E 1 46  ? -4.968  -13.266 12.502  1.00 62.02  ? 46  GLU C CG  1 
ATOM 1096 C CD  . GLU E 1 46  ? -5.892  -13.296 13.705  1.00 62.02  ? 46  GLU C CD  1 
ATOM 1097 O OE1 . GLU E 1 46  ? -6.577  -12.283 13.956  1.00 62.02  ? 46  GLU C OE1 1 
ATOM 1098 O OE2 . GLU E 1 46  ? -5.931  -14.331 14.402  1.00 62.02  ? 46  GLU C OE2 1 
ATOM 1099 N N   . GLY E 1 47  ? -4.065  -10.192 8.946   1.00 56.54  ? 47  GLY C N   1 
ATOM 1100 C CA  . GLY E 1 47  ? -4.165  -8.941  8.221   1.00 56.54  ? 47  GLY C CA  1 
ATOM 1101 C C   . GLY E 1 47  ? -3.013  -8.009  8.526   1.00 56.54  ? 47  GLY C C   1 
ATOM 1102 O O   . GLY E 1 47  ? -3.222  -6.909  9.043   1.00 56.54  ? 47  GLY C O   1 
ATOM 1103 N N   . VAL E 1 48  ? -1.793  -8.433  8.214   1.00 54.65  ? 48  VAL C N   1 
ATOM 1104 C CA  . VAL E 1 48  ? -0.585  -7.712  8.588   1.00 54.65  ? 48  VAL C CA  1 
ATOM 1105 C C   . VAL E 1 48  ? 0.227   -7.416  7.335   1.00 54.65  ? 48  VAL C C   1 
ATOM 1106 O O   . VAL E 1 48  ? 0.334   -8.259  6.439   1.00 54.65  ? 48  VAL C O   1 
ATOM 1107 C CB  . VAL E 1 48  ? 0.250   -8.516  9.605   1.00 54.65  ? 48  VAL C CB  1 
ATOM 1108 C CG1 . VAL E 1 48  ? 1.568   -7.829  9.888   1.00 54.65  ? 48  VAL C CG1 1 
ATOM 1109 C CG2 . VAL E 1 48  ? -0.534  -8.706  10.884  1.00 54.65  ? 48  VAL C CG2 1 
ATOM 1110 N N   . VAL E 1 49  ? 0.791   -6.212  7.275   1.00 52.87  ? 49  VAL C N   1 
ATOM 1111 C CA  . VAL E 1 49  ? 1.710   -5.804  6.221   1.00 52.87  ? 49  VAL C CA  1 
ATOM 1112 C C   . VAL E 1 49  ? 2.971   -5.276  6.886   1.00 52.87  ? 49  VAL C C   1 
ATOM 1113 O O   . VAL E 1 49  ? 2.950   -4.196  7.486   1.00 52.87  ? 49  VAL C O   1 
ATOM 1114 C CB  . VAL E 1 49  ? 1.091   -4.727  5.314   1.00 52.87  ? 49  VAL C CB  1 
ATOM 1115 C CG1 . VAL E 1 49  ? 2.114   -4.225  4.314   1.00 52.87  ? 49  VAL C CG1 1 
ATOM 1116 C CG2 . VAL E 1 49  ? -0.128  -5.261  4.605   1.00 52.87  ? 49  VAL C CG2 1 
ATOM 1117 N N   . HIS E 1 50  ? 4.068   -6.022  6.784   1.00 57.72  ? 50  HIS C N   1 
ATOM 1118 C CA  . HIS E 1 50  ? 5.292   -5.577  7.430   1.00 57.72  ? 50  HIS C CA  1 
ATOM 1119 C C   . HIS E 1 50  ? 6.496   -5.830  6.539   1.00 57.72  ? 50  HIS C C   1 
ATOM 1120 O O   . HIS E 1 50  ? 6.435   -6.581  5.568   1.00 57.72  ? 50  HIS C O   1 
ATOM 1121 C CB  . HIS E 1 50  ? 5.476   -6.227  8.805   1.00 57.72  ? 50  HIS C CB  1 
ATOM 1122 C CG  . HIS E 1 50  ? 5.606   -7.716  8.779   1.00 57.72  ? 50  HIS C CG  1 
ATOM 1123 N ND1 . HIS E 1 50  ? 6.813   -8.359  8.951   1.00 57.72  ? 50  HIS C ND1 1 
ATOM 1124 C CD2 . HIS E 1 50  ? 4.677   -8.691  8.654   1.00 57.72  ? 50  HIS C CD2 1 
ATOM 1125 C CE1 . HIS E 1 50  ? 6.624   -9.665  8.911   1.00 57.72  ? 50  HIS C CE1 1 
ATOM 1126 N NE2 . HIS E 1 50  ? 5.336   -9.894  8.732   1.00 57.72  ? 50  HIS C NE2 1 
ATOM 1127 N N   . ASP E 1 51  ? 7.592   -5.154  6.877   1.00 63.27  ? 51  ASP C N   1 
ATOM 1128 C CA  . ASP E 1 51  ? 8.869   -5.282  6.176   1.00 63.27  ? 51  ASP C CA  1 
ATOM 1129 C C   . ASP E 1 51  ? 8.725   -4.970  4.688   1.00 63.27  ? 51  ASP C C   1 
ATOM 1130 O O   . ASP E 1 51  ? 9.275   -5.655  3.825   1.00 63.27  ? 51  ASP C O   1 
ATOM 1131 C CB  . ASP E 1 51  ? 9.472   -6.667  6.395   1.00 63.27  ? 51  ASP C CB  1 
ATOM 1132 C CG  . ASP E 1 51  ? 9.750   -6.954  7.856   1.00 63.27  ? 51  ASP C CG  1 
ATOM 1133 O OD1 . ASP E 1 51  ? 10.858  -6.622  8.327   1.00 63.27  ? 51  ASP C OD1 1 
ATOM 1134 O OD2 . ASP E 1 51  ? 8.861   -7.504  8.538   1.00 63.27  ? 51  ASP C OD2 1 
ATOM 1135 N N   . VAL E 1 52  ? 7.978   -3.915  4.389   1.00 65.41  ? 52  VAL C N   1 
ATOM 1136 C CA  . VAL E 1 52  ? 7.871   -3.384  3.036   1.00 65.41  ? 52  VAL C CA  1 
ATOM 1137 C C   . VAL E 1 52  ? 8.951   -2.326  2.867   1.00 65.41  ? 52  VAL C C   1 
ATOM 1138 O O   . VAL E 1 52  ? 8.963   -1.320  3.586   1.00 65.41  ? 52  VAL C O   1 
ATOM 1139 C CB  . VAL E 1 52  ? 6.477   -2.800  2.767   1.00 65.41  ? 52  VAL C CB  1 
ATOM 1140 C CG1 . VAL E 1 52  ? 6.479   -2.004  1.474   1.00 65.41  ? 52  VAL C CG1 1 
ATOM 1141 C CG2 . VAL E 1 52  ? 5.444   -3.907  2.709   1.00 65.41  ? 52  VAL C CG2 1 
ATOM 1142 N N   . THR E 1 53  ? 9.859   -2.548  1.921   1.00 69.53  ? 53  THR C N   1 
ATOM 1143 C CA  . THR E 1 53  ? 10.966  -1.635  1.665   1.00 69.53  ? 53  THR C CA  1 
ATOM 1144 C C   . THR E 1 53  ? 10.898  -1.185  0.216   1.00 69.53  ? 53  THR C C   1 
ATOM 1145 O O   . THR E 1 53  ? 10.664  -2.004  -0.677  1.00 69.53  ? 53  THR C O   1 
ATOM 1146 C CB  . THR E 1 53  ? 12.313  -2.302  1.960   1.00 69.53  ? 53  THR C CB  1 
ATOM 1147 O OG1 . THR E 1 53  ? 12.257  -2.946  3.238   1.00 69.53  ? 53  THR C OG1 1 
ATOM 1148 C CG2 . THR E 1 53  ? 13.428  -1.270  1.973   1.00 69.53  ? 53  THR C CG2 1 
ATOM 1149 N N   . THR E 1 54  ? 11.095  0.109   -0.015  1.00 68.22  ? 54  THR C N   1 
ATOM 1150 C CA  . THR E 1 54  ? 11.020  0.685   -1.348  1.00 68.22  ? 54  THR C CA  1 
ATOM 1151 C C   . THR E 1 54  ? 12.101  1.741   -1.505  1.00 68.22  ? 54  THR C C   1 
ATOM 1152 O O   . THR E 1 54  ? 12.302  2.571   -0.614  1.00 68.22  ? 54  THR C O   1 
ATOM 1153 C CB  . THR E 1 54  ? 9.644   1.307   -1.606  1.00 68.22  ? 54  THR C CB  1 
ATOM 1154 O OG1 . THR E 1 54  ? 8.623   0.348   -1.310  1.00 68.22  ? 54  THR C OG1 1 
ATOM 1155 C CG2 . THR E 1 54  ? 9.516   1.742   -3.055  1.00 68.22  ? 54  THR C CG2 1 
ATOM 1156 N N   . VAL E 1 55  ? 12.796  1.704   -2.637  1.00 66.87  ? 55  VAL C N   1 
ATOM 1157 C CA  . VAL E 1 55  ? 13.841  2.669   -2.962  1.00 66.87  ? 55  VAL C CA  1 
ATOM 1158 C C   . VAL E 1 55  ? 13.622  3.098   -4.406  1.00 66.87  ? 55  VAL C C   1 
ATOM 1159 O O   . VAL E 1 55  ? 14.014  2.383   -5.336  1.00 66.87  ? 55  VAL C O   1 
ATOM 1160 C CB  . VAL E 1 55  ? 15.250  2.091   -2.773  1.00 66.87  ? 55  VAL C CB  1 
ATOM 1161 C CG1 . VAL E 1 55  ? 16.294  3.121   -3.151  1.00 66.87  ? 55  VAL C CG1 1 
ATOM 1162 C CG2 . VAL E 1 55  ? 15.452  1.625   -1.340  1.00 66.87  ? 55  VAL C CG2 1 
ATOM 1163 N N   . ALA E 1 56  ? 13.004  4.259   -4.598  1.00 67.35  ? 56  ALA C N   1 
ATOM 1164 C CA  . ALA E 1 56  ? 12.696  4.779   -5.923  1.00 67.35  ? 56  ALA C CA  1 
ATOM 1165 C C   . ALA E 1 56  ? 13.506  6.042   -6.162  1.00 67.35  ? 56  ALA C C   1 
ATOM 1166 O O   . ALA E 1 56  ? 13.210  7.090   -5.583  1.00 67.35  ? 56  ALA C O   1 
ATOM 1167 C CB  . ALA E 1 56  ? 11.202  5.071   -6.068  1.00 67.35  ? 56  ALA C CB  1 
ATOM 1168 N N   . ALA E 1 57  ? 14.524  5.941   -7.014  1.00 71.17  ? 57  ALA C N   1 
ATOM 1169 C CA  . ALA E 1 57  ? 15.462  7.040   -7.206  1.00 71.17  ? 57  ALA C CA  1 
ATOM 1170 C C   . ALA E 1 57  ? 14.793  8.284   -7.778  1.00 71.17  ? 57  ALA C C   1 
ATOM 1171 O O   . ALA E 1 57  ? 14.720  9.313   -7.100  1.00 71.17  ? 57  ALA C O   1 
ATOM 1172 C CB  . ALA E 1 57  ? 16.621  6.607   -8.103  1.00 71.17  ? 57  ALA C CB  1 
ATOM 1173 N N   . LYS E 1 58  ? 14.284  8.215   -9.004  1.00 69.32  ? 58  LYS C N   1 
ATOM 1174 C CA  . LYS E 1 58  ? 13.730  9.399   -9.646  1.00 69.32  ? 58  LYS C CA  1 
ATOM 1175 C C   . LYS E 1 58  ? 12.484  9.042   -10.433 1.00 69.32  ? 58  LYS C C   1 
ATOM 1176 O O   . LYS E 1 58  ? 12.435  7.995   -11.083 1.00 69.32  ? 58  LYS C O   1 
ATOM 1177 C CB  . LYS E 1 58  ? 14.751  10.062  -10.574 1.00 69.32  ? 58  LYS C CB  1 
ATOM 1178 C CG  . LYS E 1 58  ? 14.213  11.287  -11.300 1.00 69.32  ? 58  LYS C CG  1 
ATOM 1179 C CD  . LYS E 1 58  ? 15.130  11.727  -12.424 1.00 69.32  ? 58  LYS C CD  1 
ATOM 1180 C CE  . LYS E 1 58  ? 14.823  13.148  -12.853 1.00 69.32  ? 58  LYS C CE  1 
ATOM 1181 N NZ  . LYS E 1 58  ? 15.018  13.339  -14.314 1.00 69.32  ? 58  LYS C NZ  1 
ATOM 1182 N N   . THR E 1 59  ? 11.477  9.909   -10.363 1.00 72.84  ? 59  THR C N   1 
ATOM 1183 C CA  . THR E 1 59  ? 10.332  9.863   -11.261 1.00 72.84  ? 59  THR C CA  1 
ATOM 1184 C C   . THR E 1 59  ? 10.063  11.274  -11.763 1.00 72.84  ? 59  THR C C   1 
ATOM 1185 O O   . THR E 1 59  ? 9.269   12.005  -11.163 1.00 72.84  ? 59  THR C O   1 
ATOM 1186 C CB  . THR E 1 59  ? 9.077   9.301   -10.573 1.00 72.84  ? 59  THR C CB  1 
ATOM 1187 O OG1 . THR E 1 59  ? 8.463   10.323  -9.779  1.00 72.84  ? 59  THR C OG1 1 
ATOM 1188 C CG2 . THR E 1 59  ? 9.418   8.113   -9.684  1.00 72.84  ? 59  THR C CG2 1 
ATOM 1189 N N   . LYS E 1 60  ? 10.711  11.652  -12.865 1.00 73.89  ? 60  LYS C N   1 
ATOM 1190 C CA  . LYS E 1 60  ? 10.551  12.976  -13.455 1.00 73.89  ? 60  LYS C CA  1 
ATOM 1191 C C   . LYS E 1 60  ? 9.208   13.007  -14.163 1.00 73.89  ? 60  LYS C C   1 
ATOM 1192 O O   . LYS E 1 60  ? 9.145   12.925  -15.394 1.00 73.89  ? 60  LYS C O   1 
ATOM 1193 C CB  . LYS E 1 60  ? 11.685  13.302  -14.427 1.00 73.89  ? 60  LYS C CB  1 
ATOM 1194 C CG  . LYS E 1 60  ? 11.611  14.706  -15.004 1.00 73.89  ? 60  LYS C CG  1 
ATOM 1195 C CD  . LYS E 1 60  ? 12.671  14.932  -16.064 1.00 73.89  ? 60  LYS C CD  1 
ATOM 1196 C CE  . LYS E 1 60  ? 12.333  16.141  -16.924 1.00 73.89  ? 60  LYS C CE  1 
ATOM 1197 N NZ  . LYS E 1 60  ? 13.445  16.501  -17.845 1.00 73.89  ? 60  LYS C NZ  1 
ATOM 1198 N N   . GLU E 1 61  ? 8.140   13.134  -13.384 1.00 67.66  ? 61  GLU C N   1 
ATOM 1199 C CA  . GLU E 1 61  ? 6.782   12.940  -13.871 1.00 67.66  ? 61  GLU C CA  1 
ATOM 1200 C C   . GLU E 1 61  ? 6.217   14.263  -14.348 1.00 67.66  ? 61  GLU C C   1 
ATOM 1201 O O   . GLU E 1 61  ? 6.274   15.262  -13.624 1.00 67.66  ? 61  GLU C O   1 
ATOM 1202 C CB  . GLU E 1 61  ? 5.894   12.356  -12.771 1.00 67.66  ? 61  GLU C CB  1 
ATOM 1203 C CG  . GLU E 1 61  ? 6.368   11.031  -12.229 1.00 67.66  ? 61  GLU C CG  1 
ATOM 1204 C CD  . GLU E 1 61  ? 5.446   10.489  -11.157 1.00 67.66  ? 61  GLU C CD  1 
ATOM 1205 O OE1 . GLU E 1 61  ? 5.661   10.813  -9.973  1.00 67.66  ? 61  GLU C OE1 1 
ATOM 1206 O OE2 . GLU E 1 61  ? 4.505   9.746   -11.502 1.00 67.66  ? 61  GLU C OE2 1 
ATOM 1207 N N   . GLN E 1 62  ? 5.684   14.272  -15.561 1.00 64.64  ? 62  GLN C N   1 
ATOM 1208 C CA  . GLN E 1 62  ? 4.769   15.311  -16.007 1.00 64.64  ? 62  GLN C CA  1 
ATOM 1209 C C   . GLN E 1 62  ? 3.375   14.704  -16.009 1.00 64.64  ? 62  GLN C C   1 
ATOM 1210 O O   . GLN E 1 62  ? 2.895   14.248  -17.051 1.00 64.64  ? 62  GLN C O   1 
ATOM 1211 C CB  . GLN E 1 62  ? 5.151   15.828  -17.393 1.00 64.64  ? 62  GLN C CB  1 
ATOM 1212 C CG  . GLN E 1 62  ? 4.316   16.996  -17.879 1.00 64.64  ? 62  GLN C CG  1 
ATOM 1213 C CD  . GLN E 1 62  ? 5.050   17.845  -18.895 1.00 64.64  ? 62  GLN C CD  1 
ATOM 1214 O OE1 . GLN E 1 62  ? 6.270   17.758  -19.031 1.00 64.64  ? 62  GLN C OE1 1 
ATOM 1215 N NE2 . GLN E 1 62  ? 4.307   18.674  -19.619 1.00 64.64  ? 62  GLN C NE2 1 
ATOM 1216 N N   . VAL E 1 63  ? 2.732   14.693  -14.844 1.00 60.55  ? 63  VAL C N   1 
ATOM 1217 C CA  . VAL E 1 63  ? 1.440   14.043  -14.668 1.00 60.55  ? 63  VAL C CA  1 
ATOM 1218 C C   . VAL E 1 63  ? 0.351   15.053  -14.988 1.00 60.55  ? 63  VAL C C   1 
ATOM 1219 O O   . VAL E 1 63  ? 0.205   16.056  -14.282 1.00 60.55  ? 63  VAL C O   1 
ATOM 1220 C CB  . VAL E 1 63  ? 1.262   13.488  -13.247 1.00 60.55  ? 63  VAL C CB  1 
ATOM 1221 C CG1 . VAL E 1 63  ? -0.125  12.895  -13.087 1.00 60.55  ? 63  VAL C CG1 1 
ATOM 1222 C CG2 . VAL E 1 63  ? 2.320   12.446  -12.954 1.00 60.55  ? 63  VAL C CG2 1 
ATOM 1223 N N   . THR E 1 64  ? -0.404  14.792  -16.049 1.00 62.83  ? 64  THR C N   1 
ATOM 1224 C CA  . THR E 1 64  ? -1.551  15.609  -16.419 1.00 62.83  ? 64  THR C CA  1 
ATOM 1225 C C   . THR E 1 64  ? -2.804  14.772  -16.222 1.00 62.83  ? 64  THR C C   1 
ATOM 1226 O O   . THR E 1 64  ? -2.934  13.697  -16.814 1.00 62.83  ? 64  THR C O   1 
ATOM 1227 C CB  . THR E 1 64  ? -1.449  16.098  -17.864 1.00 62.83  ? 64  THR C CB  1 
ATOM 1228 O OG1 . THR E 1 64  ? -0.295  16.935  -18.005 1.00 62.83  ? 64  THR C OG1 1 
ATOM 1229 C CG2 . THR E 1 64  ? -2.689  16.891  -18.243 1.00 62.83  ? 64  THR C CG2 1 
ATOM 1230 N N   . ASN E 1 65  ? -3.716  15.260  -15.388 1.00 64.46  ? 65  ASN C N   1 
ATOM 1231 C CA  . ASN E 1 65  ? -4.922  14.528  -15.034 1.00 64.46  ? 65  ASN C CA  1 
ATOM 1232 C C   . ASN E 1 65  ? -6.118  15.440  -15.238 1.00 64.46  ? 65  ASN C C   1 
ATOM 1233 O O   . ASN E 1 65  ? -6.141  16.559  -14.717 1.00 64.46  ? 65  ASN C O   1 
ATOM 1234 C CB  . ASN E 1 65  ? -4.857  14.034  -13.586 1.00 64.46  ? 65  ASN C CB  1 
ATOM 1235 C CG  . ASN E 1 65  ? -5.958  13.053  -13.252 1.00 64.46  ? 65  ASN C CG  1 
ATOM 1236 O OD1 . ASN E 1 65  ? -7.019  13.051  -13.874 1.00 64.46  ? 65  ASN C OD1 1 
ATOM 1237 N ND2 . ASN E 1 65  ? -5.711  12.210  -12.260 1.00 64.46  ? 65  ASN C ND2 1 
ATOM 1238 N N   . VAL E 1 66  ? -7.099  14.969  -15.999 1.00 62.61  ? 66  VAL C N   1 
ATOM 1239 C CA  . VAL E 1 66  ? -8.347  15.689  -16.213 1.00 62.61  ? 66  VAL C CA  1 
ATOM 1240 C C   . VAL E 1 66  ? -9.501  14.772  -15.838 1.00 62.61  ? 66  VAL C C   1 
ATOM 1241 O O   . VAL E 1 66  ? -9.881  13.889  -16.617 1.00 62.61  ? 66  VAL C O   1 
ATOM 1242 C CB  . VAL E 1 66  ? -8.476  16.166  -17.668 1.00 62.61  ? 66  VAL C CB  1 
ATOM 1243 C CG1 . VAL E 1 66  ? -9.772  16.931  -17.858 1.00 62.61  ? 66  VAL C CG1 1 
ATOM 1244 C CG2 . VAL E 1 66  ? -7.286  17.027  -18.050 1.00 62.61  ? 66  VAL C CG2 1 
ATOM 1245 N N   . GLY E 1 67  ? -10.061 14.982  -14.651 1.00 64.93  ? 67  GLY C N   1 
ATOM 1246 C CA  . GLY E 1 67  ? -11.185 14.197  -14.181 1.00 64.93  ? 67  GLY C CA  1 
ATOM 1247 C C   . GLY E 1 67  ? -10.903 12.718  -14.033 1.00 64.93  ? 67  GLY C C   1 
ATOM 1248 O O   . GLY E 1 67  ? -11.747 11.886  -14.372 1.00 64.93  ? 67  GLY C O   1 
ATOM 1249 N N   . GLY E 1 68  ? -9.732  12.374  -13.511 1.00 62.75  ? 68  GLY C N   1 
ATOM 1250 C CA  . GLY E 1 68  ? -9.377  10.979  -13.337 1.00 62.75  ? 68  GLY C CA  1 
ATOM 1251 C C   . GLY E 1 68  ? -8.486  10.800  -12.131 1.00 62.75  ? 68  GLY C C   1 
ATOM 1252 O O   . GLY E 1 68  ? -8.109  11.765  -11.461 1.00 62.75  ? 68  GLY C O   1 
ATOM 1253 N N   . ALA E 1 69  ? -8.149  9.542   -11.866 1.00 60.26  ? 69  ALA C N   1 
ATOM 1254 C CA  . ALA E 1 69  ? -7.352  9.169   -10.708 1.00 60.26  ? 69  ALA C CA  1 
ATOM 1255 C C   . ALA E 1 69  ? -5.959  8.728   -11.135 1.00 60.26  ? 69  ALA C C   1 
ATOM 1256 O O   . ALA E 1 69  ? -5.804  7.977   -12.101 1.00 60.26  ? 69  ALA C O   1 
ATOM 1257 C CB  . ALA E 1 69  ? -8.029  8.046   -9.921  1.00 60.26  ? 69  ALA C CB  1 
ATOM 1258 N N   . VAL E 1 70  ? -4.951  9.198   -10.405 1.00 59.17  ? 70  VAL C N   1 
ATOM 1259 C CA  . VAL E 1 70  ? -3.563  8.796   -10.598 1.00 59.17  ? 70  VAL C CA  1 
ATOM 1260 C C   . VAL E 1 70  ? -2.970  8.513   -9.226  1.00 59.17  ? 70  VAL C C   1 
ATOM 1261 O O   . VAL E 1 70  ? -3.203  9.272   -8.281  1.00 59.17  ? 70  VAL C O   1 
ATOM 1262 C CB  . VAL E 1 70  ? -2.745  9.880   -11.327 1.00 59.17  ? 70  VAL C CB  1 
ATOM 1263 C CG1 . VAL E 1 70  ? -1.267  9.535   -11.314 1.00 59.17  ? 70  VAL C CG1 1 
ATOM 1264 C CG2 . VAL E 1 70  ? -3.236  10.047  -12.751 1.00 59.17  ? 70  VAL C CG2 1 
ATOM 1265 N N   . VAL E 1 71  ? -2.213  7.426   -9.113  1.00 64.31  ? 71  VAL C N   1 
ATOM 1266 C CA  . VAL E 1 71  ? -1.614  7.013   -7.848  1.00 64.31  ? 71  VAL C CA  1 
ATOM 1267 C C   . VAL E 1 71  ? -0.155  6.668   -8.107  1.00 64.31  ? 71  VAL C C   1 
ATOM 1268 O O   . VAL E 1 71  ? 0.141   5.718   -8.842  1.00 64.31  ? 71  VAL C O   1 
ATOM 1269 C CB  . VAL E 1 71  ? -2.346  5.823   -7.218  1.00 64.31  ? 71  VAL C CB  1 
ATOM 1270 C CG1 . VAL E 1 71  ? -1.532  5.264   -6.067  1.00 64.31  ? 71  VAL C CG1 1 
ATOM 1271 C CG2 . VAL E 1 71  ? -3.720  6.243   -6.744  1.00 64.31  ? 71  VAL C CG2 1 
ATOM 1272 N N   . THR E 1 72  ? 0.756   7.432   -7.503  1.00 69.49  ? 72  THR C N   1 
ATOM 1273 C CA  . THR E 1 72  ? 2.193   7.202   -7.622  1.00 69.49  ? 72  THR C CA  1 
ATOM 1274 C C   . THR E 1 72  ? 2.815   7.238   -6.223  1.00 69.49  ? 72  THR C C   1 
ATOM 1275 O O   . THR E 1 72  ? 3.309   8.272   -5.775  1.00 69.49  ? 72  THR C O   1 
ATOM 1276 C CB  . THR E 1 72  ? 2.843   8.233   -8.543  1.00 69.49  ? 72  THR C CB  1 
ATOM 1277 O OG1 . THR E 1 72  ? 2.063   8.374   -9.736  1.00 69.49  ? 72  THR C OG1 1 
ATOM 1278 C CG2 . THR E 1 72  ? 4.256   7.806   -8.908  1.00 69.49  ? 72  THR C CG2 1 
ATOM 1279 N N   . GLY E 1 73  ? 2.809   6.099   -5.540  1.00 75.27  ? 73  GLY C N   1 
ATOM 1280 C CA  . GLY E 1 73  ? 3.386   6.056   -4.209  1.00 75.27  ? 73  GLY C CA  1 
ATOM 1281 C C   . GLY E 1 73  ? 3.128   4.728   -3.537  1.00 75.27  ? 73  GLY C C   1 
ATOM 1282 O O   . GLY E 1 73  ? 2.359   3.894   -4.025  1.00 75.27  ? 73  GLY C O   1 
ATOM 1283 N N   . VAL E 1 74  ? 3.791   4.547   -2.398  1.00 76.83  ? 74  VAL C N   1 
ATOM 1284 C CA  . VAL E 1 74  ? 3.664   3.325   -1.612  1.00 76.83  ? 74  VAL C CA  1 
ATOM 1285 C C   . VAL E 1 74  ? 2.338   3.359   -0.864  1.00 76.83  ? 74  VAL C C   1 
ATOM 1286 O O   . VAL E 1 74  ? 2.038   4.327   -0.157  1.00 76.83  ? 74  VAL C O   1 
ATOM 1287 C CB  . VAL E 1 74  ? 4.843   3.167   -0.641  1.00 76.83  ? 74  VAL C CB  1 
ATOM 1288 C CG1 . VAL E 1 74  ? 4.678   1.909   0.195   1.00 76.83  ? 74  VAL C CG1 1 
ATOM 1289 C CG2 . VAL E 1 74  ? 6.156   3.136   -1.404  1.00 76.83  ? 74  VAL C CG2 1 
ATOM 1290 N N   . THR E 1 75  ? 1.542   2.306   -1.020  1.00 73.09  ? 75  THR C N   1 
ATOM 1291 C CA  . THR E 1 75  ? 0.241   2.191   -0.370  1.00 73.09  ? 75  THR C CA  1 
ATOM 1292 C C   . THR E 1 75  ? 0.154   0.824   0.294   1.00 73.09  ? 75  THR C C   1 
ATOM 1293 O O   . THR E 1 75  ? 0.110   -0.203  -0.391  1.00 73.09  ? 75  THR C O   1 
ATOM 1294 C CB  . THR E 1 75  ? -0.894  2.384   -1.375  1.00 73.09  ? 75  THR C CB  1 
ATOM 1295 O OG1 . THR E 1 75  ? -0.842  3.713   -1.908  1.00 73.09  ? 75  THR C OG1 1 
ATOM 1296 C CG2 . THR E 1 75  ? -2.242  2.166   -0.706  1.00 73.09  ? 75  THR C CG2 1 
ATOM 1297 N N   . ALA E 1 76  ? 0.133   0.811   1.624   1.00 60.58  ? 76  ALA C N   1 
ATOM 1298 C CA  . ALA E 1 76  ? -0.001  -0.412  2.404   1.00 60.58  ? 76  ALA C CA  1 
ATOM 1299 C C   . ALA E 1 76  ? -1.309  -0.352  3.175   1.00 60.58  ? 76  ALA C C   1 
ATOM 1300 O O   . ALA E 1 76  ? -1.514  0.558   3.983   1.00 60.58  ? 76  ALA C O   1 
ATOM 1301 C CB  . ALA E 1 76  ? 1.182   -0.591  3.357   1.00 60.58  ? 76  ALA C CB  1 
ATOM 1302 N N   . VAL E 1 77  ? -2.190  -1.315  2.924   1.00 55.70  ? 77  VAL C N   1 
ATOM 1303 C CA  . VAL E 1 77  ? -3.495  -1.384  3.571   1.00 55.70  ? 77  VAL C CA  1 
ATOM 1304 C C   . VAL E 1 77  ? -3.631  -2.756  4.210   1.00 55.70  ? 77  VAL C C   1 
ATOM 1305 O O   . VAL E 1 77  ? -3.618  -3.776  3.510   1.00 55.70  ? 77  VAL C O   1 
ATOM 1306 C CB  . VAL E 1 77  ? -4.640  -1.131  2.579   1.00 55.70  ? 77  VAL C CB  1 
ATOM 1307 C CG1 . VAL E 1 77  ? -5.965  -1.526  3.198   1.00 55.70  ? 77  VAL C CG1 1 
ATOM 1308 C CG2 . VAL E 1 77  ? -4.660  0.324   2.152   1.00 55.70  ? 77  VAL C CG2 1 
ATOM 1309 N N   . ALA E 1 78  ? -3.758  -2.785  5.532   1.00 56.30  ? 78  ALA C N   1 
ATOM 1310 C CA  . ALA E 1 78  ? -3.956  -4.019  6.276   1.00 56.30  ? 78  ALA C CA  1 
ATOM 1311 C C   . ALA E 1 78  ? -5.278  -3.940  7.019   1.00 56.30  ? 78  ALA C C   1 
ATOM 1312 O O   . ALA E 1 78  ? -5.483  -3.035  7.833   1.00 56.30  ? 78  ALA C O   1 
ATOM 1313 C CB  . ALA E 1 78  ? -2.812  -4.269  7.254   1.00 56.30  ? 78  ALA C CB  1 
ATOM 1314 N N   . GLN E 1 79  ? -6.169  -4.884  6.740   1.00 57.25  ? 79  GLN C N   1 
ATOM 1315 C CA  . GLN E 1 79  ? -7.487  -4.904  7.351   1.00 57.25  ? 79  GLN C CA  1 
ATOM 1316 C C   . GLN E 1 79  ? -7.774  -6.308  7.856   1.00 57.25  ? 79  GLN C C   1 
ATOM 1317 O O   . GLN E 1 79  ? -7.196  -7.285  7.375   1.00 57.25  ? 79  GLN C O   1 
ATOM 1318 C CB  . GLN E 1 79  ? -8.570  -4.464  6.362   1.00 57.25  ? 79  GLN C CB  1 
ATOM 1319 C CG  . GLN E 1 79  ? -8.360  -3.072  5.804   1.00 57.25  ? 79  GLN C CG  1 
ATOM 1320 C CD  . GLN E 1 79  ? -9.221  -2.797  4.595   1.00 57.25  ? 79  GLN C CD  1 
ATOM 1321 O OE1 . GLN E 1 79  ? -9.910  -3.685  4.099   1.00 57.25  ? 79  GLN C OE1 1 
ATOM 1322 N NE2 . GLN E 1 79  ? -9.188  -1.563  4.113   1.00 57.25  ? 79  GLN C NE2 1 
ATOM 1323 N N   . LYS E 1 80  ? -8.663  -6.400  8.839   1.00 58.83  ? 80  LYS C N   1 
ATOM 1324 C CA  . LYS E 1 80  ? -9.080  -7.707  9.328   1.00 58.83  ? 80  LYS C CA  1 
ATOM 1325 C C   . LYS E 1 80  ? -10.464 -8.089  8.815   1.00 58.83  ? 80  LYS C C   1 
ATOM 1326 O O   . LYS E 1 80  ? -10.703 -9.252  8.479   1.00 58.83  ? 80  LYS C O   1 
ATOM 1327 C CB  . LYS E 1 80  ? -9.055  -7.738  10.858  1.00 58.83  ? 80  LYS C CB  1 
ATOM 1328 C CG  . LYS E 1 80  ? -9.568  -9.040  11.442  1.00 58.83  ? 80  LYS C CG  1 
ATOM 1329 C CD  . LYS E 1 80  ? -9.192  -9.198  12.900  1.00 58.83  ? 80  LYS C CD  1 
ATOM 1330 C CE  . LYS E 1 80  ? -9.783  -10.476 13.471  1.00 58.83  ? 80  LYS C CE  1 
ATOM 1331 N NZ  . LYS E 1 80  ? -9.425  -10.672 14.900  1.00 58.83  ? 80  LYS C NZ  1 
ATOM 1332 N N   . THR E 1 81  ? -11.383 -7.128  8.736   1.00 65.84  ? 81  THR C N   1 
ATOM 1333 C CA  . THR E 1 81  ? -12.742 -7.415  8.307   1.00 65.84  ? 81  THR C CA  1 
ATOM 1334 C C   . THR E 1 81  ? -13.356 -6.194  7.641   1.00 65.84  ? 81  THR C C   1 
ATOM 1335 O O   . THR E 1 81  ? -13.216 -5.071  8.131   1.00 65.84  ? 81  THR C O   1 
ATOM 1336 C CB  . THR E 1 81  ? -13.627 -7.844  9.485   1.00 65.84  ? 81  THR C CB  1 
ATOM 1337 O OG1 . THR E 1 81  ? -12.951 -8.840  10.264  1.00 65.84  ? 81  THR C OG1 1 
ATOM 1338 C CG2 . THR E 1 81  ? -14.945 -8.413  8.981   1.00 65.84  ? 81  THR C CG2 1 
ATOM 1339 N N   . VAL E 1 82  ? -14.029 -6.426  6.518   1.00 67.79  ? 82  VAL C N   1 
ATOM 1340 C CA  . VAL E 1 82  ? -14.874 -5.438  5.863   1.00 67.79  ? 82  VAL C CA  1 
ATOM 1341 C C   . VAL E 1 82  ? -16.183 -6.123  5.505   1.00 67.79  ? 82  VAL C C   1 
ATOM 1342 O O   . VAL E 1 82  ? -16.197 -7.266  5.038   1.00 67.79  ? 82  VAL C O   1 
ATOM 1343 C CB  . VAL E 1 82  ? -14.210 -4.834  4.606   1.00 67.79  ? 82  VAL C CB  1 
ATOM 1344 C CG1 . VAL E 1 82  ? -15.120 -3.804  3.964   1.00 67.79  ? 82  VAL C CG1 1 
ATOM 1345 C CG2 . VAL E 1 82  ? -12.881 -4.206  4.961   1.00 67.79  ? 82  VAL C CG2 1 
ATOM 1346 N N   . GLU E 1 83  ? -17.292 -5.423  5.729   1.00 74.72  ? 83  GLU C N   1 
ATOM 1347 C CA  . GLU E 1 83  ? -18.603 -6.021  5.536   1.00 74.72  ? 83  GLU C CA  1 
ATOM 1348 C C   . GLU E 1 83  ? -19.532 -5.012  4.881   1.00 74.72  ? 83  GLU C C   1 
ATOM 1349 O O   . GLU E 1 83  ? -19.202 -3.829  4.758   1.00 74.72  ? 83  GLU C O   1 
ATOM 1350 C CB  . GLU E 1 83  ? -19.201 -6.506  6.863   1.00 74.72  ? 83  GLU C CB  1 
ATOM 1351 C CG  . GLU E 1 83  ? -18.386 -7.587  7.553   1.00 74.72  ? 83  GLU C CG  1 
ATOM 1352 C CD  . GLU E 1 83  ? -19.194 -8.376  8.560   1.00 74.72  ? 83  GLU C CD  1 
ATOM 1353 O OE1 . GLU E 1 83  ? -18.848 -8.342  9.759   1.00 74.72  ? 83  GLU C OE1 1 
ATOM 1354 O OE2 . GLU E 1 83  ? -20.175 -9.032  8.153   1.00 74.72  ? 83  GLU C OE2 1 
ATOM 1355 N N   . GLY E 1 84  ? -20.692 -5.495  4.455   1.00 74.20  ? 84  GLY C N   1 
ATOM 1356 C CA  . GLY E 1 84  ? -21.706 -4.663  3.841   1.00 74.20  ? 84  GLY C CA  1 
ATOM 1357 C C   . GLY E 1 84  ? -21.817 -4.916  2.351   1.00 74.20  ? 84  GLY C C   1 
ATOM 1358 O O   . GLY E 1 84  ? -20.918 -5.452  1.707   1.00 74.20  ? 84  GLY C O   1 
ATOM 1359 N N   . ALA E 1 85  ? -22.959 -4.503  1.811   1.00 76.04  ? 85  ALA C N   1 
ATOM 1360 C CA  . ALA E 1 85  ? -23.265 -4.655  0.397   1.00 76.04  ? 85  ALA C CA  1 
ATOM 1361 C C   . ALA E 1 85  ? -22.867 -3.394  -0.356  1.00 76.04  ? 85  ALA C C   1 
ATOM 1362 O O   . ALA E 1 85  ? -23.060 -2.279  0.137   1.00 76.04  ? 85  ALA C O   1 
ATOM 1363 C CB  . ALA E 1 85  ? -24.752 -4.943  0.185   1.00 76.04  ? 85  ALA C CB  1 
ATOM 1364 N N   . GLY E 1 86  ? -22.315 -3.575  -1.552  1.00 73.75  ? 86  GLY C N   1 
ATOM 1365 C CA  . GLY E 1 86  ? -21.828 -2.448  -2.321  1.00 73.75  ? 86  GLY C CA  1 
ATOM 1366 C C   . GLY E 1 86  ? -20.615 -1.770  -1.735  1.00 73.75  ? 86  GLY C C   1 
ATOM 1367 O O   . GLY E 1 86  ? -20.256 -0.674  -2.175  1.00 73.75  ? 86  GLY C O   1 
ATOM 1368 N N   . SER E 1 87  ? -19.966 -2.392  -0.755  1.00 72.86  ? 87  SER C N   1 
ATOM 1369 C CA  . SER E 1 87  ? -18.839 -1.792  -0.054  1.00 72.86  ? 87  SER C CA  1 
ATOM 1370 C C   . SER E 1 87  ? -17.569 -1.964  -0.877  1.00 72.86  ? 87  SER C C   1 
ATOM 1371 O O   . SER E 1 87  ? -17.369 -3.004  -1.510  1.00 72.86  ? 87  SER C O   1 
ATOM 1372 C CB  . SER E 1 87  ? -18.672 -2.427  1.326   1.00 72.86  ? 87  SER C CB  1 
ATOM 1373 O OG  . SER E 1 87  ? -18.008 -3.673  1.234   1.00 72.86  ? 87  SER C OG  1 
ATOM 1374 N N   . ILE E 1 88  ? -16.721 -0.943  -0.870  1.00 66.91  ? 88  ILE C N   1 
ATOM 1375 C CA  . ILE E 1 88  ? -15.415 -1.010  -1.513  1.00 66.91  ? 88  ILE C CA  1 
ATOM 1376 C C   . ILE E 1 88  ? -14.350 -0.966  -0.426  1.00 66.91  ? 88  ILE C C   1 
ATOM 1377 O O   . ILE E 1 88  ? -14.369 -0.083  0.437   1.00 66.91  ? 88  ILE C O   1 
ATOM 1378 C CB  . ILE E 1 88  ? -15.229 0.140   -2.513  1.00 66.91  ? 88  ILE C CB  1 
ATOM 1379 C CG1 . ILE E 1 88  ? -16.476 0.297   -3.381  1.00 66.91  ? 88  ILE C CG1 1 
ATOM 1380 C CG2 . ILE E 1 88  ? -14.010 -0.105  -3.380  1.00 66.91  ? 88  ILE C CG2 1 
ATOM 1381 C CD1 . ILE E 1 88  ? -16.321 1.314   -4.479  1.00 66.91  ? 88  ILE C CD1 1 
ATOM 1382 N N   . ALA E 1 89  ? -13.425 -1.917  -0.464  1.00 67.46  ? 89  ALA C N   1 
ATOM 1383 C CA  . ALA E 1 89  ? -12.349 -2.002  0.511   1.00 67.46  ? 89  ALA C CA  1 
ATOM 1384 C C   . ALA E 1 89  ? -11.005 -1.918  -0.195  1.00 67.46  ? 89  ALA C C   1 
ATOM 1385 O O   . ALA E 1 89  ? -10.761 -2.632  -1.172  1.00 67.46  ? 89  ALA C O   1 
ATOM 1386 C CB  . ALA E 1 89  ? -12.435 -3.299  1.319   1.00 67.46  ? 89  ALA C CB  1 
ATOM 1387 N N   . ALA E 1 90  ? -10.139 -1.038  0.308   1.00 65.46  ? 90  ALA C N   1 
ATOM 1388 C CA  . ALA E 1 90  ? -8.781  -0.876  -0.211  1.00 65.46  ? 90  ALA C CA  1 
ATOM 1389 C C   . ALA E 1 90  ? -8.780  -0.566  -1.706  1.00 65.46  ? 90  ALA C C   1 
ATOM 1390 O O   . ALA E 1 90  ? -8.124  -1.242  -2.499  1.00 65.46  ? 90  ALA C O   1 
ATOM 1391 C CB  . ALA E 1 90  ? -7.927  -2.109  0.084   1.00 65.46  ? 90  ALA C CB  1 
ATOM 1392 N N   . ALA E 1 91  ? -9.521  0.465   -2.095  1.00 67.29  ? 91  ALA C N   1 
ATOM 1393 C CA  . ALA E 1 91  ? -9.500  0.931   -3.473  1.00 67.29  ? 91  ALA C CA  1 
ATOM 1394 C C   . ALA E 1 91  ? -8.338  1.892   -3.684  1.00 67.29  ? 91  ALA C C   1 
ATOM 1395 O O   . ALA E 1 91  ? -8.070  2.756   -2.847  1.00 67.29  ? 91  ALA C O   1 
ATOM 1396 C CB  . ALA E 1 91  ? -10.817 1.616   -3.832  1.00 67.29  ? 91  ALA C CB  1 
ATOM 1397 N N   . THR E 1 92  ? -7.650  1.734   -4.810  1.00 66.04  ? 92  THR C N   1 
ATOM 1398 C CA  . THR E 1 92  ? -6.526  2.584   -5.165  1.00 66.04  ? 92  THR C CA  1 
ATOM 1399 C C   . THR E 1 92  ? -6.617  2.943   -6.640  1.00 66.04  ? 92  THR C C   1 
ATOM 1400 O O   . THR E 1 92  ? -6.773  2.068   -7.496  1.00 66.04  ? 92  THR C O   1 
ATOM 1401 C CB  . THR E 1 92  ? -5.188  1.900   -4.878  1.00 66.04  ? 92  THR C CB  1 
ATOM 1402 O OG1 . THR E 1 92  ? -5.184  1.402   -3.534  1.00 66.04  ? 92  THR C OG1 1 
ATOM 1403 C CG2 . THR E 1 92  ? -4.046  2.879   -5.047  1.00 66.04  ? 92  THR C CG2 1 
ATOM 1404 N N   . GLY E 1 93  ? -6.502  4.234   -6.930  1.00 61.89  ? 93  GLY C N   1 
ATOM 1405 C CA  . GLY E 1 93  ? -6.717  4.694   -8.295  1.00 61.89  ? 93  GLY C CA  1 
ATOM 1406 C C   . GLY E 1 93  ? -8.060  4.277   -8.848  1.00 61.89  ? 93  GLY C C   1 
ATOM 1407 O O   . GLY E 1 93  ? -8.125  3.501   -9.808  1.00 61.89  ? 93  GLY C O   1 
ATOM 1408 N N   . PHE E 1 94  ? -9.139  4.768   -8.251  1.00 64.79  ? 94  PHE C N   1 
ATOM 1409 C CA  . PHE E 1 94  ? -10.491 4.323   -8.557  1.00 64.79  ? 94  PHE C CA  1 
ATOM 1410 C C   . PHE E 1 94  ? -11.267 5.454   -9.214  1.00 64.79  ? 94  PHE C C   1 
ATOM 1411 O O   . PHE E 1 94  ? -11.093 6.621   -8.854  1.00 64.79  ? 94  PHE C O   1 
ATOM 1412 C CB  . PHE E 1 94  ? -11.197 3.859   -7.282  1.00 64.79  ? 94  PHE C CB  1 
ATOM 1413 C CG  . PHE E 1 94  ? -12.326 2.899   -7.520  1.00 64.79  ? 94  PHE C CG  1 
ATOM 1414 C CD1 . PHE E 1 94  ? -13.541 3.341   -8.011  1.00 64.79  ? 94  PHE C CD1 1 
ATOM 1415 C CD2 . PHE E 1 94  ? -12.175 1.555   -7.236  1.00 64.79  ? 94  PHE C CD2 1 
ATOM 1416 C CE1 . PHE E 1 94  ? -14.579 2.459   -8.223  1.00 64.79  ? 94  PHE C CE1 1 
ATOM 1417 C CE2 . PHE E 1 94  ? -13.211 0.669   -7.446  1.00 64.79  ? 94  PHE C CE2 1 
ATOM 1418 C CZ  . PHE E 1 94  ? -14.414 1.122   -7.941  1.00 64.79  ? 94  PHE C CZ  1 
ATOM 1419 N N   . VAL E 1 95  ? -12.112 5.107   -10.179 1.00 67.80  ? 95  VAL C N   1 
ATOM 1420 C CA  . VAL E 1 95  ? -13.018 6.047   -10.827 1.00 67.80  ? 95  VAL C CA  1 
ATOM 1421 C C   . VAL E 1 95  ? -14.384 5.388   -10.911 1.00 67.80  ? 95  VAL C C   1 
ATOM 1422 O O   . VAL E 1 95  ? -14.554 4.387   -11.617 1.00 67.80  ? 95  VAL C O   1 
ATOM 1423 C CB  . VAL E 1 95  ? -12.520 6.454   -12.221 1.00 67.80  ? 95  VAL C CB  1 
ATOM 1424 C CG1 . VAL E 1 95  ? -13.566 7.299   -12.924 1.00 67.80  ? 95  VAL C CG1 1 
ATOM 1425 C CG2 . VAL E 1 95  ? -11.212 7.209   -12.120 1.00 67.80  ? 95  VAL C CG2 1 
ATOM 1426 N N   . LYS E 1 96  ? -15.357 5.946   -10.197 1.00 73.32  ? 96  LYS C N   1 
ATOM 1427 C CA  . LYS E 1 96  ? -16.702 5.388   -10.129 1.00 73.32  ? 96  LYS C CA  1 
ATOM 1428 C C   . LYS E 1 96  ? -17.692 6.420   -10.650 1.00 73.32  ? 96  LYS C C   1 
ATOM 1429 O O   . LYS E 1 96  ? -17.873 7.476   -10.035 1.00 73.32  ? 96  LYS C O   1 
ATOM 1430 C CB  . LYS E 1 96  ? -17.046 4.974   -8.697  1.00 73.32  ? 96  LYS C CB  1 
ATOM 1431 C CG  . LYS E 1 96  ? -18.527 4.808   -8.437  1.00 73.32  ? 96  LYS C CG  1 
ATOM 1432 C CD  . LYS E 1 96  ? -18.796 4.300   -7.034  1.00 73.32  ? 96  LYS C CD  1 
ATOM 1433 C CE  . LYS E 1 96  ? -18.682 2.789   -6.964  1.00 73.32  ? 96  LYS C CE  1 
ATOM 1434 N NZ  . LYS E 1 96  ? -19.253 2.251   -5.700  1.00 73.32  ? 96  LYS C NZ  1 
ATOM 1435 N N   . LYS E 1 97  ? -18.320 6.119   -11.785 1.00 82.09  ? 97  LYS C N   1 
ATOM 1436 C CA  . LYS E 1 97  ? -19.307 6.999   -12.400 1.00 82.09  ? 97  LYS C CA  1 
ATOM 1437 C C   . LYS E 1 97  ? -20.515 6.170   -12.804 1.00 82.09  ? 97  LYS C C   1 
ATOM 1438 O O   . LYS E 1 97  ? -20.493 5.509   -13.845 1.00 82.09  ? 97  LYS C O   1 
ATOM 1439 C CB  . LYS E 1 97  ? -18.728 7.722   -13.618 1.00 82.09  ? 97  LYS C CB  1 
ATOM 1440 C CG  . LYS E 1 97  ? -17.309 8.225   -13.432 1.00 82.09  ? 97  LYS C CG  1 
ATOM 1441 C CD  . LYS E 1 97  ? -17.055 9.472   -14.257 1.00 82.09  ? 97  LYS C CD  1 
ATOM 1442 C CE  . LYS E 1 97  ? -15.766 10.156  -13.838 1.00 82.09  ? 97  LYS C CE  1 
ATOM 1443 N NZ  . LYS E 1 97  ? -15.636 11.510  -14.443 1.00 82.09  ? 97  LYS C NZ  1 
ATOM 1444 N N   . ASP E 1 98  ? -21.571 6.223   -12.000 1.00 92.67  ? 98  ASP C N   1 
ATOM 1445 C CA  . ASP E 1 98  ? -22.746 5.391   -12.207 1.00 92.67  ? 98  ASP C CA  1 
ATOM 1446 C C   . ASP E 1 98  ? -23.885 6.219   -12.782 1.00 92.67  ? 98  ASP C C   1 
ATOM 1447 O O   . ASP E 1 98  ? -24.179 7.314   -12.295 1.00 92.67  ? 98  ASP C O   1 
ATOM 1448 C CB  . ASP E 1 98  ? -23.200 4.730   -10.902 1.00 92.67  ? 98  ASP C CB  1 
ATOM 1449 C CG  . ASP E 1 98  ? -22.253 3.643   -10.440 1.00 92.67  ? 98  ASP C CG  1 
ATOM 1450 O OD1 . ASP E 1 98  ? -21.159 3.976   -9.945  1.00 92.67  ? 98  ASP C OD1 1 
ATOM 1451 O OD2 . ASP E 1 98  ? -22.603 2.452   -10.570 1.00 92.67  ? 98  ASP C OD2 1 
ATOM 1452 N N   . GLN E 1 99  ? -24.522 5.683   -13.824 1.00 102.60 ? 99  GLN C N   1 
ATOM 1453 C CA  . GLN E 1 99  ? -25.709 6.295   -14.404 1.00 102.60 ? 99  GLN C CA  1 
ATOM 1454 C C   . GLN E 1 99  ? -26.983 5.879   -13.684 1.00 102.60 ? 99  GLN C C   1 
ATOM 1455 O O   . GLN E 1 99  ? -28.082 6.222   -14.135 1.00 102.60 ? 99  GLN C O   1 
ATOM 1456 C CB  . GLN E 1 99  ? -25.810 5.938   -15.891 1.00 102.60 ? 99  GLN C CB  1 
ATOM 1457 C CG  . GLN E 1 99  ? -26.462 7.002   -16.763 1.00 102.60 ? 99  GLN C CG  1 
ATOM 1458 C CD  . GLN E 1 99  ? -27.901 6.664   -17.109 1.00 102.60 ? 99  GLN C CD  1 
ATOM 1459 O OE1 . GLN E 1 99  ? -28.248 5.495   -17.285 1.00 102.60 ? 99  GLN C OE1 1 
ATOM 1460 N NE2 . GLN E 1 99  ? -28.744 7.685   -17.212 1.00 102.60 ? 99  GLN C NE2 1 
ATOM 1461 N N   . LEU E 1 100 ? -26.856 5.143   -12.584 1.00 105.10 ? 100 LEU C N   1 
ATOM 1462 C CA  . LEU E 1 100 ? -27.997 4.754   -11.761 1.00 105.10 ? 100 LEU C CA  1 
ATOM 1463 C C   . LEU E 1 100 ? -28.859 5.951   -11.367 1.00 105.10 ? 100 LEU C C   1 
ATOM 1464 O O   . LEU E 1 100 ? -29.980 6.108   -11.852 1.00 105.10 ? 100 LEU C O   1 
ATOM 1465 C CB  . LEU E 1 100 ? -27.511 4.024   -10.504 1.00 105.10 ? 100 LEU C CB  1 
ATOM 1466 C CG  . LEU E 1 100 ? -27.415 2.502   -10.531 1.00 105.10 ? 100 LEU C CG  1 
ATOM 1467 C CD1 . LEU E 1 100 ? -26.760 1.996   -9.260  1.00 105.10 ? 100 LEU C CD1 1 
ATOM 1468 C CD2 . LEU E 1 100 ? -28.809 1.924   -10.655 1.00 105.10 ? 100 LEU C CD2 1 
ATOM 1469 N N   . UNK F 2 1   ? 22.423  14.310  -13.242 1.00 30.00  ? 11  UNK H N   1 
ATOM 1470 C CA  . UNK F 2 1   ? 21.751  15.273  -12.379 1.00 30.00  ? 11  UNK H CA  1 
ATOM 1471 C C   . UNK F 2 1   ? 21.325  14.630  -11.064 1.00 30.00  ? 11  UNK H C   1 
ATOM 1472 O O   . UNK F 2 1   ? 22.158  14.127  -10.311 1.00 30.00  ? 11  UNK H O   1 
ATOM 1473 C CB  . UNK F 2 1   ? 20.548  15.874  -13.091 1.00 30.00  ? 11  UNK H CB  1 
ATOM 1474 N N   . UNK F 2 2   ? 20.023  14.651  -10.797 1.00 30.00  ? 12  UNK H N   1 
ATOM 1475 C CA  . UNK F 2 2   ? 19.480  14.073  -9.572  1.00 30.00  ? 12  UNK H CA  1 
ATOM 1476 C C   . UNK F 2 2   ? 19.929  12.628  -9.395  1.00 30.00  ? 12  UNK H C   1 
ATOM 1477 O O   . UNK F 2 2   ? 19.860  11.828  -10.327 1.00 30.00  ? 12  UNK H O   1 
ATOM 1478 C CB  . UNK F 2 2   ? 17.962  14.161  -9.576  1.00 30.00  ? 12  UNK H CB  1 
ATOM 1479 N N   . UNK F 2 3   ? 20.386  12.297  -8.191  1.00 30.00  ? 13  UNK H N   1 
ATOM 1480 C CA  . UNK F 2 3   ? 20.848  10.947  -7.891  1.00 30.00  ? 13  UNK H CA  1 
ATOM 1481 C C   . UNK F 2 3   ? 19.717  10.087  -7.343  1.00 30.00  ? 13  UNK H C   1 
ATOM 1482 O O   . UNK F 2 3   ? 18.542  10.384  -7.550  1.00 30.00  ? 13  UNK H O   1 
ATOM 1483 C CB  . UNK F 2 3   ? 22.010  10.986  -6.913  1.00 30.00  ? 13  UNK H CB  1 
ATOM 1484 N N   . UNK F 2 4   ? 20.078  9.020   -6.639  1.00 42.03  ? 14  UNK H N   1 
ATOM 1485 C CA  . UNK F 2 4   ? 19.085  8.115   -6.073  1.00 42.03  ? 14  UNK H CA  1 
ATOM 1486 C C   . UNK F 2 4   ? 19.360  7.808   -4.606  1.00 42.03  ? 14  UNK H C   1 
ATOM 1487 O O   . UNK F 2 4   ? 20.285  8.357   -4.011  1.00 42.03  ? 14  UNK H O   1 
ATOM 1488 C CB  . UNK F 2 4   ? 19.022  6.828   -6.880  1.00 30.00  ? 14  UNK H CB  1 
ATOM 1489 N N   . UNK F 2 5   ? 18.554  6.919   -4.037  1.00 39.21  ? 15  UNK H N   1 
ATOM 1490 C CA  . UNK F 2 5   ? 18.694  6.529   -2.639  1.00 39.21  ? 15  UNK H CA  1 
ATOM 1491 C C   . UNK F 2 5   ? 19.743  5.439   -2.462  1.00 39.21  ? 15  UNK H C   1 
ATOM 1492 O O   . UNK F 2 5   ? 20.342  4.980   -3.431  1.00 39.21  ? 15  UNK H O   1 
ATOM 1493 C CB  . UNK F 2 5   ? 17.356  6.070   -2.084  1.00 30.00  ? 15  UNK H CB  1 
ATOM 1494 N N   . UNK F 2 6   ? 19.957  5.021   -1.219  1.00 43.53  ? 16  UNK H N   1 
ATOM 1495 C CA  . UNK F 2 6   ? 20.939  3.985   -0.924  1.00 43.53  ? 16  UNK H CA  1 
ATOM 1496 C C   . UNK F 2 6   ? 20.670  3.303   0.411   1.00 43.53  ? 16  UNK H C   1 
ATOM 1497 O O   . UNK F 2 6   ? 21.442  3.451   1.357   1.00 43.53  ? 16  UNK H O   1 
ATOM 1498 C CB  . UNK F 2 6   ? 22.344  4.568   -0.945  1.00 30.00  ? 16  UNK H CB  1 
ATOM 1499 N N   . UNK F 2 7   ? 19.566  2.567   0.488   1.00 39.44  ? 17  UNK H N   1 
ATOM 1500 C CA  . UNK F 2 7   ? 19.197  1.867   1.712   1.00 39.44  ? 17  UNK H CA  1 
ATOM 1501 C C   . UNK F 2 7   ? 20.127  0.690   1.975   1.00 39.44  ? 17  UNK H C   1 
ATOM 1502 O O   . UNK F 2 7   ? 20.731  0.149   1.051   1.00 39.44  ? 17  UNK H O   1 
ATOM 1503 C CB  . UNK F 2 7   ? 17.754  1.396   1.637   1.00 30.00  ? 17  UNK H CB  1 
ATOM 1504 N N   . UNK F 2 8   ? 20.239  0.296   3.238   1.00 36.77  ? 18  UNK H N   1 
ATOM 1505 C CA  . UNK F 2 8   ? 21.102  -0.816  3.612   1.00 36.77  ? 18  UNK H CA  1 
ATOM 1506 C C   . UNK F 2 8   ? 20.693  -1.416  4.952   1.00 36.77  ? 18  UNK H C   1 
ATOM 1507 O O   . UNK F 2 8   ? 21.510  -1.532  5.863   1.00 36.77  ? 18  UNK H O   1 
ATOM 1508 C CB  . UNK F 2 8   ? 22.555  -0.369  3.654   1.00 30.00  ? 18  UNK H CB  1 
ATOM 1509 N N   . UNK F 2 9   ? 19.427  -1.805  5.064   1.00 38.91  ? 19  UNK H N   1 
ATOM 1510 C CA  . UNK F 2 9   ? 18.909  -2.391  6.296   1.00 38.91  ? 19  UNK H CA  1 
ATOM 1511 C C   . UNK F 2 9   ? 19.572  -3.727  6.618   1.00 38.91  ? 19  UNK H C   1 
ATOM 1512 O O   . UNK F 2 9   ? 19.051  -4.785  6.275   1.00 38.91  ? 19  UNK H O   1 
ATOM 1513 C CB  . UNK F 2 9   ? 17.400  -2.558  6.207   1.00 30.00  ? 19  UNK H CB  1 
ATOM 1514 N N   . UNK F 2 10  ? 20.719  -3.672  7.286   1.00 46.51  ? 20  UNK H N   1 
ATOM 1515 C CA  . UNK F 2 10  ? 21.452  -4.877  7.649   1.00 46.51  ? 20  UNK H CA  1 
ATOM 1516 C C   . UNK F 2 10  ? 21.064  -5.360  9.041   1.00 46.51  ? 20  UNK H C   1 
ATOM 1517 O O   . UNK F 2 10  ? 21.828  -5.205  9.995   1.00 46.51  ? 20  UNK H O   1 
ATOM 1518 C CB  . UNK F 2 10  ? 22.950  -4.625  7.574   1.00 30.00  ? 20  UNK H CB  1 
ATOM 1519 N N   . UNK F 2 11  ? 19.881  -5.954  9.153   1.00 30.00  ? 21  UNK H N   1 
ATOM 1520 C CA  . UNK F 2 11  ? 19.390  -6.457  10.433  1.00 30.00  ? 21  UNK H CA  1 
ATOM 1521 C C   . UNK F 2 11  ? 20.096  -7.743  10.860  1.00 30.00  ? 21  UNK H C   1 
ATOM 1522 O O   . UNK F 2 11  ? 19.542  -8.833  10.735  1.00 30.00  ? 21  UNK H O   1 
ATOM 1523 C CB  . UNK F 2 11  ? 17.886  -6.675  10.372  1.00 30.00  ? 21  UNK H CB  1 
ATOM 1524 N N   . UNK F 2 12  ? 21.313  -7.605  11.373  1.00 30.00  ? 22  UNK H N   1 
ATOM 1525 C CA  . UNK F 2 12  ? 22.097  -8.751  11.814  1.00 30.00  ? 22  UNK H CA  1 
ATOM 1526 C C   . UNK F 2 12  ? 21.601  -9.277  13.155  1.00 30.00  ? 22  UNK H C   1 
ATOM 1527 O O   . UNK F 2 12  ? 22.252  -9.094  14.182  1.00 30.00  ? 22  UNK H O   1 
ATOM 1528 C CB  . UNK F 2 12  ? 23.570  -8.383  11.900  1.00 30.00  ? 22  UNK H CB  1 
ATOM 1529 N N   . UNK F 2 13  ? 20.445  -9.932  13.137  1.00 30.00  ? 23  UNK H N   1 
ATOM 1530 C CA  . UNK F 2 13  ? 19.860  -10.486 14.352  1.00 30.00  ? 23  UNK H CA  1 
ATOM 1531 C C   . UNK F 2 13  ? 20.850  -11.398 15.068  1.00 30.00  ? 23  UNK H C   1 
ATOM 1532 O O   . UNK F 2 13  ? 20.456  -12.346 15.748  1.00 30.00  ? 23  UNK H O   1 
ATOM 1533 C CB  . UNK F 2 13  ? 18.579  -11.238 14.029  1.00 30.00  ? 23  UNK H CB  1 
# 
